data_5FF1
#
_entry.id   5FF1
#
_cell.length_a   80.310
_cell.length_b   93.020
_cell.length_c   81.530
_cell.angle_alpha   90.00
_cell.angle_beta   89.97
_cell.angle_gamma   90.00
#
_symmetry.space_group_name_H-M   'P 1 21 1'
#
loop_
_entity.id
_entity.type
_entity.pdbx_description
1 polymer Lactoperoxidase
2 branched 2-acetamido-2-deoxy-beta-D-glucopyranose-(1-4)-2-acetamido-2-deoxy-beta-D-glucopyranose
3 non-polymer 1-METHYL-1,3-DIHYDRO-2H-IMIDAZOLE-2-THIONE
4 non-polymer 2-acetamido-2-deoxy-beta-D-glucopyranose
5 non-polymer 'PROTOPORPHYRIN IX CONTAINING FE'
6 non-polymer 'CALCIUM ION'
7 non-polymer 'NITRATE ION'
8 non-polymer GLYCEROL
9 water water
#
_entity_poly.entity_id   1
_entity_poly.type   'polypeptide(L)'
_entity_poly.pdbx_seq_one_letter_code
;SWEVGCGAPVPLVTCDEQSPYRTITGDCNNRRSPALGAANRALARWLPAEYEDGLAVPFGWTQRKTRNGFRVPLAREVSN
KIVGYLDEEGVLDQNRSLLFMQWGQIVDHDLDFAPETELGSSEHSKVQCEEYCVQGDECFPIMFPKNDPKLKTQGKCMPF
FRAGFVCPTPPYQSLARDQINAVTSFLDASLVYGSEPSLASRLRNLSSPLGLMAVNQEAWDHGLAYPPFNNVKPSPCEFI
NTTAHVPCFQAGDSRASEQILLATVHTLLLREHNRLARELKRLNPHWDGEMLYQEARKILGAFIQIITFRDYLPIVLGSE
MQKWIPPYQGYNNSVDPRISNVFTFAFRFGHMEVPSTVSRLDENYQPWGPEAELPLHTLFFNTWRIIKDGGIDPLVRGLL
AKNSKLMNQNKMVTSELRNKLFQPTHKVHGFDLAAINLQRCRDHGMPGYNSWRGFCGLSQPKTLKGLQAVLKNKVLAKKL
LDLYKTPDNIDIWIGGNAEPMVERGRVGPLLACLLGRQFQQIRDGDRFWWENPGVFTEKQRDSLQKVSFSRLICDNTHIT
KVPLHAFQANNYPHDFVDCSAVDKLDLSPWASREN
;
_entity_poly.pdbx_strand_id   A,B
#
loop_
_chem_comp.id
_chem_comp.type
_chem_comp.name
_chem_comp.formula
CA non-polymer 'CALCIUM ION' 'Ca 2'
GOL non-polymer GLYCEROL 'C3 H8 O3'
HEM non-polymer 'PROTOPORPHYRIN IX CONTAINING FE' 'C34 H32 Fe N4 O4'
MMZ non-polymer 1-METHYL-1,3-DIHYDRO-2H-IMIDAZOLE-2-THIONE 'C4 H6 N2 S'
NAG D-saccharide, beta linking 2-acetamido-2-deoxy-beta-D-glucopyranose 'C8 H15 N O6'
NO3 non-polymer 'NITRATE ION' 'N O3 -1'
#
# COMPACT_ATOMS: atom_id res chain seq x y z
N SER A 1 -25.97 11.39 14.95
CA SER A 1 -25.11 10.19 15.11
C SER A 1 -25.64 9.26 16.20
N TRP A 2 -25.99 8.04 15.80
CA TRP A 2 -26.02 6.90 16.73
C TRP A 2 -24.74 6.10 16.42
N GLU A 3 -24.59 4.88 16.97
CA GLU A 3 -23.26 4.24 17.08
C GLU A 3 -23.15 2.75 16.63
N VAL A 4 -23.68 2.44 15.45
CA VAL A 4 -23.41 1.14 14.78
C VAL A 4 -22.16 1.25 13.90
N GLY A 5 -21.12 0.46 14.22
CA GLY A 5 -19.94 0.36 13.34
C GLY A 5 -20.32 0.11 11.88
N CYS A 6 -19.74 0.91 10.98
CA CYS A 6 -19.97 0.81 9.52
C CYS A 6 -18.96 -0.08 8.79
N GLY A 7 -19.21 -0.33 7.50
CA GLY A 7 -18.18 -0.90 6.63
C GLY A 7 -17.03 0.08 6.51
N ALA A 8 -15.78 -0.39 6.64
CA ALA A 8 -14.60 0.50 6.70
C ALA A 8 -13.29 -0.10 6.12
N PRO A 9 -12.88 0.34 4.90
CA PRO A 9 -11.56 0.02 4.29
C PRO A 9 -10.38 0.96 4.71
N VAL A 10 -9.39 1.16 3.91
CA VAL A 10 -8.20 2.01 4.20
C VAL A 10 -7.66 2.76 2.92
N PRO A 11 -8.03 4.06 2.73
CA PRO A 11 -7.66 4.90 1.52
C PRO A 11 -6.20 5.47 1.15
N LEU A 12 -5.98 6.81 1.11
CA LEU A 12 -5.03 7.50 0.11
C LEU A 12 -3.48 7.16 0.02
N VAL A 13 -2.81 7.66 -1.04
CA VAL A 13 -1.43 7.27 -1.45
C VAL A 13 -0.54 8.48 -1.83
N THR A 14 0.80 8.30 -1.76
CA THR A 14 1.83 9.27 -2.19
C THR A 14 2.38 8.91 -3.61
N CYS A 15 2.52 9.89 -4.52
CA CYS A 15 2.51 9.60 -5.99
C CYS A 15 3.82 9.58 -6.77
N ASP A 16 4.26 8.38 -7.16
CA ASP A 16 5.32 8.18 -8.15
C ASP A 16 5.15 9.09 -9.34
N GLU A 17 6.26 9.60 -9.87
CA GLU A 17 6.17 10.58 -10.93
C GLU A 17 5.99 9.98 -12.30
N GLN A 18 7.06 9.46 -12.90
CA GLN A 18 6.99 8.91 -14.24
C GLN A 18 6.73 7.42 -14.17
N SER A 19 6.20 6.89 -13.07
CA SER A 19 5.84 5.47 -13.10
C SER A 19 4.99 5.26 -14.34
N PRO A 20 5.45 4.36 -15.18
CA PRO A 20 4.72 4.06 -16.39
C PRO A 20 3.59 3.01 -16.12
N TYR A 21 3.39 2.63 -14.87
CA TYR A 21 2.43 1.60 -14.49
C TYR A 21 1.38 2.08 -13.52
N ARG A 22 0.18 1.55 -13.61
CA ARG A 22 -0.86 1.81 -12.61
C ARG A 22 -0.49 1.32 -11.21
N THR A 23 -0.95 2.02 -10.18
CA THR A 23 -0.98 1.46 -8.86
C THR A 23 -2.08 0.35 -8.87
N ILE A 24 -2.02 -0.50 -7.86
CA ILE A 24 -3.04 -1.57 -7.66
C ILE A 24 -4.39 -0.98 -7.28
N THR A 25 -4.37 -0.03 -6.36
CA THR A 25 -5.60 0.58 -5.75
C THR A 25 -6.23 1.64 -6.63
N GLY A 26 -5.55 2.02 -7.69
CA GLY A 26 -6.02 3.07 -8.57
C GLY A 26 -5.63 4.49 -8.18
N ASP A 27 -5.04 4.67 -7.01
CA ASP A 27 -4.56 5.99 -6.58
C ASP A 27 -3.51 6.55 -7.53
N CYS A 28 -3.36 7.87 -7.50
CA CYS A 28 -2.38 8.58 -8.30
C CYS A 28 -2.64 8.57 -9.80
N ASN A 29 -3.75 7.98 -10.25
CA ASN A 29 -4.08 8.05 -11.67
C ASN A 29 -4.36 9.46 -12.10
N ASN A 30 -5.21 10.14 -11.33
CA ASN A 30 -5.39 11.57 -11.44
C ASN A 30 -4.43 12.32 -10.51
N ARG A 31 -3.55 13.10 -11.12
CA ARG A 31 -2.45 13.76 -10.37
C ARG A 31 -3.00 14.88 -9.49
N ARG A 32 -3.87 15.72 -10.07
CA ARG A 32 -4.50 16.79 -9.32
C ARG A 32 -5.30 16.23 -8.12
N SER A 33 -6.09 15.18 -8.32
CA SER A 33 -6.83 14.57 -7.21
C SER A 33 -6.62 13.03 -7.14
N PRO A 34 -5.64 12.59 -6.34
CA PRO A 34 -5.09 11.27 -6.54
C PRO A 34 -5.98 10.06 -6.18
N ALA A 35 -6.96 10.28 -5.30
CA ALA A 35 -7.94 9.27 -4.92
C ALA A 35 -9.09 9.05 -5.91
N LEU A 36 -9.28 9.94 -6.87
CA LEU A 36 -10.31 9.76 -7.86
C LEU A 36 -10.18 8.45 -8.60
N GLY A 37 -11.20 7.60 -8.42
CA GLY A 37 -11.23 6.36 -9.17
C GLY A 37 -10.56 5.27 -8.39
N ALA A 38 -9.92 5.61 -7.26
CA ALA A 38 -9.29 4.58 -6.45
C ALA A 38 -10.33 3.68 -5.85
N ALA A 39 -9.89 2.48 -5.46
CA ALA A 39 -10.73 1.50 -4.75
C ALA A 39 -10.96 1.92 -3.32
N ASN A 40 -12.01 1.34 -2.73
CA ASN A 40 -12.46 1.54 -1.34
C ASN A 40 -12.77 2.96 -0.93
N ARG A 41 -13.42 3.66 -1.84
CA ARG A 41 -14.02 4.97 -1.65
C ARG A 41 -15.51 4.94 -2.03
N ALA A 42 -16.19 6.02 -1.70
CA ALA A 42 -17.56 6.15 -2.02
C ALA A 42 -17.85 6.12 -3.50
N LEU A 43 -18.92 5.43 -3.89
CA LEU A 43 -19.40 5.51 -5.24
C LEU A 43 -19.77 6.94 -5.43
N ALA A 44 -19.55 7.44 -6.62
CA ALA A 44 -19.98 8.77 -6.93
C ALA A 44 -21.50 8.85 -7.00
N ARG A 45 -22.01 10.01 -6.65
CA ARG A 45 -23.40 10.35 -6.82
C ARG A 45 -23.59 11.42 -7.88
N TRP A 46 -24.16 11.02 -9.01
CA TRP A 46 -24.59 11.99 -10.02
C TRP A 46 -25.81 12.85 -9.62
N LEU A 47 -26.68 12.25 -8.80
CA LEU A 47 -27.84 12.88 -8.23
C LEU A 47 -27.78 12.69 -6.75
N PRO A 48 -28.42 13.60 -5.97
CA PRO A 48 -28.54 13.40 -4.52
C PRO A 48 -29.30 12.11 -4.19
N ALA A 49 -28.87 11.49 -3.09
CA ALA A 49 -29.41 10.23 -2.59
C ALA A 49 -30.81 10.49 -2.18
N GLU A 50 -31.64 9.45 -2.23
CA GLU A 50 -33.03 9.57 -1.85
C GLU A 50 -33.29 8.42 -0.91
N TYR A 51 -33.46 8.80 0.37
CA TYR A 51 -33.74 7.97 1.46
C TYR A 51 -35.01 8.50 2.14
N GLU A 52 -35.70 7.58 2.80
CA GLU A 52 -36.88 7.84 3.58
C GLU A 52 -36.74 8.95 4.58
N ASP A 53 -35.61 9.04 5.25
CA ASP A 53 -35.29 10.14 6.15
C ASP A 53 -34.24 11.08 5.62
N GLY A 54 -34.00 11.09 4.31
CA GLY A 54 -32.91 11.91 3.75
C GLY A 54 -31.48 11.48 4.01
N LEU A 55 -31.25 10.55 4.92
CA LEU A 55 -29.86 10.20 5.23
C LEU A 55 -29.45 8.76 4.94
N ALA A 56 -30.25 7.79 5.41
CA ALA A 56 -29.81 6.43 5.29
C ALA A 56 -30.94 5.42 5.21
N VAL A 57 -32.14 5.80 5.64
CA VAL A 57 -33.24 4.84 5.77
C VAL A 57 -33.82 4.57 4.34
N PRO A 58 -33.88 3.30 3.95
CA PRO A 58 -34.37 3.07 2.60
C PRO A 58 -35.83 3.27 2.44
N PHE A 59 -36.24 3.82 1.30
CA PHE A 59 -37.64 3.70 0.91
C PHE A 59 -38.07 2.21 0.96
N GLY A 60 -39.19 1.97 1.61
CA GLY A 60 -39.73 0.61 1.85
C GLY A 60 -39.57 0.16 3.31
N TRP A 61 -38.80 0.92 4.08
CA TRP A 61 -38.47 0.53 5.42
C TRP A 61 -39.62 0.62 6.38
N THR A 62 -40.30 1.76 6.38
CA THR A 62 -41.27 2.05 7.46
C THR A 62 -42.67 2.01 6.92
N GLN A 63 -43.52 1.26 7.57
CA GLN A 63 -44.84 1.00 7.06
C GLN A 63 -45.82 2.15 6.84
N ARG A 64 -45.99 3.04 7.77
CA ARG A 64 -46.99 4.09 7.54
C ARG A 64 -46.44 5.35 6.77
N LYS A 65 -45.18 5.28 6.34
CA LYS A 65 -44.54 6.35 5.54
C LYS A 65 -44.78 6.02 4.08
N THR A 66 -44.37 6.91 3.19
CA THR A 66 -44.66 6.80 1.77
C THR A 66 -43.53 7.41 1.03
N ARG A 67 -43.47 7.08 -0.26
CA ARG A 67 -42.58 7.71 -1.17
C ARG A 67 -43.47 8.49 -2.10
N ASN A 68 -43.33 9.83 -2.10
CA ASN A 68 -44.25 10.70 -2.87
C ASN A 68 -45.75 10.37 -2.63
N GLY A 69 -46.05 9.89 -1.45
CA GLY A 69 -47.47 9.66 -1.11
C GLY A 69 -48.05 8.28 -1.33
N PHE A 70 -47.22 7.38 -1.87
CA PHE A 70 -47.64 6.01 -2.11
C PHE A 70 -46.68 5.05 -1.42
N ARG A 71 -47.17 3.91 -1.00
CA ARG A 71 -46.32 2.83 -0.57
C ARG A 71 -45.50 2.28 -1.73
N VAL A 72 -44.30 1.82 -1.47
CA VAL A 72 -43.53 1.18 -2.53
C VAL A 72 -43.79 -0.32 -2.51
N PRO A 73 -43.97 -0.94 -3.69
CA PRO A 73 -44.34 -2.32 -3.78
C PRO A 73 -43.20 -3.27 -3.31
N LEU A 74 -43.58 -4.40 -2.74
CA LEU A 74 -42.61 -5.39 -2.28
C LEU A 74 -41.75 -5.76 -3.48
N ALA A 75 -40.43 -5.76 -3.29
CA ALA A 75 -39.52 -6.16 -4.36
C ALA A 75 -39.88 -7.52 -5.01
N ARG A 76 -40.29 -8.45 -4.19
CA ARG A 76 -40.62 -9.83 -4.66
C ARG A 76 -41.93 -9.86 -5.42
N GLU A 77 -42.86 -8.94 -5.11
CA GLU A 77 -44.10 -8.82 -5.92
C GLU A 77 -43.89 -8.26 -7.26
N VAL A 78 -43.00 -7.28 -7.36
CA VAL A 78 -42.60 -6.77 -8.66
C VAL A 78 -42.00 -7.86 -9.48
N SER A 79 -41.03 -8.53 -8.87
CA SER A 79 -40.36 -9.70 -9.51
C SER A 79 -41.41 -10.70 -10.08
N ASN A 80 -42.32 -11.16 -9.25
CA ASN A 80 -43.31 -12.14 -9.64
C ASN A 80 -44.22 -11.62 -10.79
N LYS A 81 -44.72 -10.40 -10.68
CA LYS A 81 -45.75 -9.89 -11.61
C LYS A 81 -45.21 -9.32 -12.85
N ILE A 82 -44.01 -8.76 -12.77
CA ILE A 82 -43.42 -8.16 -13.97
C ILE A 82 -42.24 -8.91 -14.57
N VAL A 83 -41.36 -9.40 -13.72
CA VAL A 83 -40.03 -9.85 -14.16
C VAL A 83 -39.98 -11.36 -14.54
N GLY A 84 -40.95 -12.17 -14.08
CA GLY A 84 -40.90 -13.62 -14.21
C GLY A 84 -41.54 -14.16 -15.48
N TYR A 85 -41.09 -15.34 -15.92
CA TYR A 85 -41.75 -16.09 -16.99
C TYR A 85 -41.42 -17.54 -16.87
N LEU A 86 -42.18 -18.34 -17.62
CA LEU A 86 -42.02 -19.82 -17.58
C LEU A 86 -41.39 -20.39 -18.82
N ASP A 87 -41.73 -19.84 -19.98
CA ASP A 87 -41.43 -20.49 -21.23
C ASP A 87 -40.17 -19.87 -21.87
N GLU A 88 -39.11 -20.65 -21.90
CA GLU A 88 -37.82 -20.27 -22.46
C GLU A 88 -37.80 -20.36 -23.97
N GLU A 89 -38.81 -20.97 -24.56
CA GLU A 89 -38.81 -21.11 -25.99
C GLU A 89 -38.87 -19.74 -26.62
N GLY A 90 -37.98 -19.51 -27.53
CA GLY A 90 -37.93 -18.25 -28.29
C GLY A 90 -37.24 -17.09 -27.60
N VAL A 91 -36.68 -17.30 -26.38
CA VAL A 91 -36.12 -16.14 -25.59
C VAL A 91 -34.69 -15.82 -25.98
N LEU A 92 -34.04 -16.61 -26.81
CA LEU A 92 -32.63 -16.40 -27.03
C LEU A 92 -32.39 -15.24 -27.98
N ASP A 93 -31.19 -14.68 -27.90
CA ASP A 93 -30.76 -13.53 -28.71
C ASP A 93 -30.13 -14.12 -29.92
N GLN A 94 -30.86 -14.02 -31.01
CA GLN A 94 -30.47 -14.68 -32.24
C GLN A 94 -29.18 -14.09 -32.83
N ASN A 95 -28.70 -12.95 -32.31
CA ASN A 95 -27.50 -12.37 -32.90
C ASN A 95 -26.42 -12.07 -31.90
N ARG A 96 -26.47 -12.73 -30.74
CA ARG A 96 -25.43 -12.61 -29.73
C ARG A 96 -25.08 -13.94 -29.07
N SER A 97 -23.82 -14.32 -29.14
CA SER A 97 -23.33 -15.49 -28.43
C SER A 97 -23.41 -15.24 -26.92
N LEU A 98 -23.36 -16.34 -26.21
CA LEU A 98 -23.41 -16.31 -24.77
C LEU A 98 -22.24 -15.47 -24.20
N LEU A 99 -21.17 -15.34 -24.98
CA LEU A 99 -19.99 -14.55 -24.58
C LEU A 99 -20.30 -13.10 -24.37
N PHE A 100 -21.26 -12.61 -25.13
CA PHE A 100 -21.77 -11.26 -24.95
C PHE A 100 -22.27 -11.03 -23.56
N MET A 101 -23.14 -11.89 -23.05
CA MET A 101 -23.56 -11.78 -21.64
C MET A 101 -22.33 -11.84 -20.75
N GLN A 102 -21.46 -12.76 -21.06
CA GLN A 102 -20.42 -13.10 -20.11
C GLN A 102 -19.37 -12.04 -20.03
N TRP A 103 -19.06 -11.38 -21.16
CA TRP A 103 -18.08 -10.29 -21.16
C TRP A 103 -18.66 -9.10 -20.31
N GLY A 104 -19.92 -8.85 -20.43
CA GLY A 104 -20.55 -7.90 -19.55
C GLY A 104 -20.31 -8.09 -18.07
N GLN A 105 -20.46 -9.32 -17.58
CA GLN A 105 -20.31 -9.55 -16.17
C GLN A 105 -18.84 -9.33 -15.79
N ILE A 106 -17.98 -9.77 -16.68
CA ILE A 106 -16.52 -9.50 -16.57
C ILE A 106 -16.15 -7.99 -16.44
N VAL A 107 -16.60 -7.19 -17.37
CA VAL A 107 -16.34 -5.76 -17.35
C VAL A 107 -16.98 -5.13 -16.07
N ASP A 108 -18.20 -5.57 -15.75
CA ASP A 108 -18.85 -5.08 -14.58
C ASP A 108 -17.98 -5.30 -13.34
N HIS A 109 -17.31 -6.44 -13.22
CA HIS A 109 -16.53 -6.77 -12.01
C HIS A 109 -15.19 -6.05 -11.97
N ASP A 110 -14.69 -5.69 -13.14
CA ASP A 110 -13.49 -4.82 -13.25
C ASP A 110 -13.88 -3.46 -12.64
N LEU A 111 -15.07 -2.98 -12.96
CA LEU A 111 -15.49 -1.61 -12.56
C LEU A 111 -16.10 -1.37 -11.22
N ASP A 112 -16.94 -2.30 -10.71
CA ASP A 112 -17.62 -2.01 -9.44
C ASP A 112 -17.94 -3.23 -8.58
N PHE A 113 -17.81 -3.04 -7.29
CA PHE A 113 -18.29 -3.95 -6.25
C PHE A 113 -18.63 -3.18 -4.96
N ALA A 114 -19.91 -3.14 -4.62
CA ALA A 114 -20.37 -2.60 -3.35
C ALA A 114 -20.56 -3.74 -2.39
N PRO A 115 -19.56 -3.97 -1.53
CA PRO A 115 -19.65 -5.08 -0.62
C PRO A 115 -20.75 -4.90 0.40
N GLU A 116 -21.13 -6.02 0.95
CA GLU A 116 -22.28 -6.15 1.77
C GLU A 116 -21.80 -6.47 3.18
N THR A 117 -22.71 -6.54 4.13
CA THR A 117 -22.32 -6.63 5.51
C THR A 117 -22.67 -7.94 6.17
N GLU A 118 -23.19 -8.93 5.43
CA GLU A 118 -23.61 -10.19 6.10
C GLU A 118 -22.45 -10.94 6.78
N LEU A 119 -21.45 -11.36 5.99
CA LEU A 119 -20.30 -12.10 6.53
C LEU A 119 -19.81 -11.48 7.85
N GLY A 120 -19.54 -10.17 7.83
CA GLY A 120 -19.08 -9.46 9.03
C GLY A 120 -20.09 -9.24 10.16
N SER A 121 -21.38 -9.55 9.93
CA SER A 121 -22.45 -9.40 10.93
C SER A 121 -22.38 -10.50 12.00
N SER A 122 -22.99 -10.26 13.17
CA SER A 122 -23.09 -11.24 14.27
C SER A 122 -24.00 -12.42 13.93
N GLU A 123 -23.75 -13.55 14.52
CA GLU A 123 -24.56 -14.71 14.21
C GLU A 123 -26.00 -14.44 14.56
N HIS A 124 -26.22 -13.74 15.64
CA HIS A 124 -27.57 -13.38 16.04
C HIS A 124 -28.31 -12.60 14.94
N SER A 125 -27.63 -11.59 14.39
CA SER A 125 -28.22 -10.74 13.36
C SER A 125 -28.58 -11.59 12.15
N LYS A 126 -27.67 -12.47 11.78
CA LYS A 126 -27.91 -13.36 10.65
C LYS A 126 -29.12 -14.25 10.91
N VAL A 127 -29.27 -14.73 12.15
CA VAL A 127 -30.37 -15.61 12.47
C VAL A 127 -31.65 -14.85 12.52
N GLN A 128 -31.63 -13.67 13.10
CA GLN A 128 -32.82 -12.86 13.11
C GLN A 128 -33.31 -12.57 11.69
N CYS A 129 -32.37 -12.41 10.77
CA CYS A 129 -32.69 -11.97 9.44
C CYS A 129 -33.20 -13.16 8.67
N GLU A 130 -32.45 -14.28 8.69
CA GLU A 130 -32.89 -15.42 7.89
C GLU A 130 -34.06 -16.14 8.56
N GLU A 131 -33.87 -16.56 9.79
CA GLU A 131 -34.86 -17.35 10.52
C GLU A 131 -36.13 -16.62 10.86
N TYR A 132 -36.02 -15.37 11.24
CA TYR A 132 -37.17 -14.66 11.75
C TYR A 132 -37.63 -13.48 10.89
N CYS A 133 -36.93 -13.17 9.82
CA CYS A 133 -37.39 -12.13 8.91
C CYS A 133 -37.65 -10.80 9.65
N VAL A 134 -36.80 -10.50 10.61
CA VAL A 134 -36.92 -9.34 11.44
C VAL A 134 -36.10 -8.18 10.92
N GLN A 135 -36.80 -7.16 10.47
CA GLN A 135 -36.17 -5.94 9.96
C GLN A 135 -35.49 -5.12 11.03
N GLY A 136 -34.24 -4.72 10.82
CA GLY A 136 -33.53 -3.87 11.80
C GLY A 136 -32.06 -3.85 11.54
N ASP A 137 -31.40 -2.70 11.79
CA ASP A 137 -29.97 -2.59 11.56
C ASP A 137 -29.59 -3.01 10.11
N GLU A 138 -28.73 -3.83 9.80
CA GLU A 138 -28.32 -4.25 8.46
C GLU A 138 -29.30 -5.20 7.77
N CYS A 139 -30.18 -5.82 8.51
CA CYS A 139 -31.20 -6.71 7.92
C CYS A 139 -32.43 -5.99 7.33
N PHE A 140 -32.60 -6.06 6.01
CA PHE A 140 -33.67 -5.38 5.30
C PHE A 140 -34.32 -6.47 4.45
N PRO A 141 -35.09 -7.35 5.11
CA PRO A 141 -35.46 -8.60 4.48
C PRO A 141 -36.43 -8.42 3.33
N ILE A 142 -36.38 -9.31 2.39
CA ILE A 142 -37.25 -9.24 1.19
C ILE A 142 -38.45 -10.13 1.53
N MET A 143 -39.56 -9.50 1.88
CA MET A 143 -40.75 -10.21 2.30
C MET A 143 -41.52 -10.77 1.12
N PHE A 144 -42.04 -11.99 1.26
CA PHE A 144 -42.88 -12.61 0.23
C PHE A 144 -44.27 -12.01 0.28
N PRO A 145 -44.85 -11.67 -0.89
CA PRO A 145 -46.21 -11.25 -0.96
C PRO A 145 -47.13 -12.48 -0.85
N LYS A 146 -48.38 -12.20 -0.47
CA LYS A 146 -49.38 -13.27 -0.41
C LYS A 146 -49.43 -14.15 -1.68
N ASN A 147 -49.73 -15.41 -1.47
CA ASN A 147 -49.77 -16.37 -2.60
C ASN A 147 -48.41 -16.72 -3.26
N ASP A 148 -47.29 -16.18 -2.77
CA ASP A 148 -45.99 -16.57 -3.32
C ASP A 148 -45.74 -18.05 -3.05
N PRO A 149 -45.39 -18.79 -4.10
CA PRO A 149 -45.09 -20.23 -3.92
C PRO A 149 -44.08 -20.48 -2.87
N LYS A 150 -43.16 -19.58 -2.72
CA LYS A 150 -42.10 -19.78 -1.73
C LYS A 150 -42.54 -19.75 -0.28
N LEU A 151 -43.70 -19.19 0.00
CA LEU A 151 -44.31 -19.32 1.31
C LEU A 151 -44.47 -20.79 1.71
N LYS A 152 -44.62 -21.68 0.74
CA LYS A 152 -44.82 -23.12 1.06
C LYS A 152 -43.54 -23.88 1.28
N THR A 153 -42.41 -23.32 0.88
CA THR A 153 -41.12 -23.99 1.05
C THR A 153 -40.01 -23.23 1.74
N GLN A 154 -40.10 -21.90 1.87
CA GLN A 154 -38.99 -21.10 2.37
C GLN A 154 -39.35 -20.11 3.42
N GLY A 155 -40.51 -20.19 4.03
CA GLY A 155 -40.84 -19.21 5.08
C GLY A 155 -41.41 -17.92 4.54
N LYS A 156 -41.18 -16.83 5.26
CA LYS A 156 -41.85 -15.55 5.01
C LYS A 156 -41.02 -14.57 4.16
N CYS A 157 -39.73 -14.81 4.05
CA CYS A 157 -38.85 -13.85 3.40
C CYS A 157 -37.61 -14.53 2.91
N MET A 158 -36.81 -13.76 2.14
CA MET A 158 -35.44 -14.01 1.89
C MET A 158 -34.63 -12.98 2.65
N PRO A 159 -33.58 -13.39 3.34
CA PRO A 159 -32.80 -12.42 4.04
C PRO A 159 -31.98 -11.61 3.09
N PHE A 160 -31.64 -10.41 3.55
CA PHE A 160 -30.95 -9.42 2.74
C PHE A 160 -30.25 -8.48 3.68
N PHE A 161 -28.96 -8.27 3.44
CA PHE A 161 -28.15 -7.39 4.24
C PHE A 161 -27.69 -6.17 3.43
N ARG A 162 -27.83 -5.00 4.04
CA ARG A 162 -27.47 -3.74 3.42
C ARG A 162 -26.03 -3.60 3.03
N ALA A 163 -25.79 -2.80 1.99
CA ALA A 163 -24.43 -2.61 1.48
C ALA A 163 -23.60 -1.82 2.48
N GLY A 164 -22.29 -2.12 2.50
CA GLY A 164 -21.34 -1.41 3.33
C GLY A 164 -21.27 0.04 2.88
N PHE A 165 -20.79 0.87 3.71
CA PHE A 165 -20.84 2.30 3.36
C PHE A 165 -19.75 3.11 4.05
N VAL A 166 -19.52 4.33 3.58
CA VAL A 166 -18.44 5.14 4.13
C VAL A 166 -18.81 5.63 5.52
N CYS A 167 -17.88 5.52 6.47
CA CYS A 167 -18.14 5.85 7.89
C CYS A 167 -18.39 7.31 8.15
N PRO A 168 -19.40 7.68 8.98
CA PRO A 168 -19.55 9.06 9.39
C PRO A 168 -18.32 9.44 10.17
N THR A 169 -17.69 10.55 9.74
CA THR A 169 -16.47 10.98 10.40
C THR A 169 -16.65 12.37 11.06
N PRO A 170 -15.73 12.78 11.94
CA PRO A 170 -15.70 14.23 11.95
C PRO A 170 -15.48 14.80 10.52
N PRO A 171 -15.89 16.05 10.29
CA PRO A 171 -16.59 17.01 11.16
C PRO A 171 -17.85 16.48 11.88
N TYR A 172 -18.45 15.42 11.37
CA TYR A 172 -19.72 14.86 11.82
C TYR A 172 -20.95 15.38 11.16
N GLN A 173 -20.77 16.23 10.18
CA GLN A 173 -21.84 16.88 9.45
C GLN A 173 -22.82 15.83 8.91
N SER A 174 -24.12 16.13 8.92
CA SER A 174 -25.17 15.18 8.46
C SER A 174 -25.10 15.06 6.97
N LEU A 175 -24.79 13.86 6.50
CA LEU A 175 -24.65 13.64 5.07
C LEU A 175 -25.26 12.30 4.72
N ALA A 176 -25.82 12.20 3.53
CA ALA A 176 -26.46 10.98 3.11
C ALA A 176 -25.41 9.86 3.00
N ARG A 177 -25.78 8.66 3.41
CA ARG A 177 -25.00 7.48 3.22
C ARG A 177 -24.58 7.19 1.79
N ASP A 178 -23.29 6.93 1.63
CA ASP A 178 -22.66 6.51 0.41
C ASP A 178 -22.09 5.12 0.47
N GLN A 179 -22.54 4.25 -0.43
CA GLN A 179 -21.97 2.90 -0.53
C GLN A 179 -20.57 2.96 -1.17
N ILE A 180 -19.79 1.96 -0.87
CA ILE A 180 -18.40 1.86 -1.30
C ILE A 180 -18.26 1.12 -2.62
N ASN A 181 -17.33 1.55 -3.44
CA ASN A 181 -16.79 0.75 -4.51
C ASN A 181 -15.45 0.13 -4.08
N ALA A 182 -15.46 -1.17 -3.86
CA ALA A 182 -14.28 -1.90 -3.44
C ALA A 182 -13.27 -2.25 -4.55
N VAL A 183 -13.56 -1.97 -5.82
CA VAL A 183 -12.59 -2.15 -6.81
C VAL A 183 -12.29 -0.85 -7.51
N THR A 184 -11.31 -0.88 -8.41
CA THR A 184 -10.82 0.35 -9.09
C THR A 184 -11.79 0.70 -10.22
N SER A 185 -12.15 1.98 -10.32
CA SER A 185 -13.12 2.43 -11.31
C SER A 185 -12.62 2.37 -12.73
N PHE A 186 -11.31 2.32 -12.86
CA PHE A 186 -10.64 2.21 -14.12
C PHE A 186 -10.87 0.77 -14.65
N LEU A 187 -10.90 0.66 -15.97
CA LEU A 187 -11.01 -0.56 -16.67
C LEU A 187 -9.60 -1.03 -16.86
N ASP A 188 -9.11 -1.78 -15.87
CA ASP A 188 -7.69 -1.99 -15.71
C ASP A 188 -7.31 -3.39 -15.32
N ALA A 189 -8.17 -4.35 -15.62
CA ALA A 189 -7.95 -5.73 -15.20
C ALA A 189 -7.85 -5.94 -13.72
N SER A 190 -8.45 -5.07 -12.92
CA SER A 190 -8.39 -5.30 -11.47
C SER A 190 -9.04 -6.63 -11.06
N LEU A 191 -9.91 -7.18 -11.89
CA LEU A 191 -10.57 -8.41 -11.52
C LEU A 191 -9.59 -9.57 -11.57
N VAL A 192 -8.45 -9.36 -12.27
CA VAL A 192 -7.37 -10.39 -12.34
C VAL A 192 -6.32 -10.15 -11.26
N TYR A 193 -5.95 -8.89 -11.07
CA TYR A 193 -4.76 -8.53 -10.26
C TYR A 193 -5.10 -8.22 -8.83
N GLY A 194 -6.35 -7.85 -8.57
CA GLY A 194 -6.75 -7.32 -7.28
C GLY A 194 -6.78 -5.79 -7.32
N SER A 195 -7.51 -5.19 -6.38
CA SER A 195 -7.64 -3.73 -6.22
C SER A 195 -7.05 -3.27 -4.88
N GLU A 196 -6.47 -4.21 -4.19
CA GLU A 196 -5.91 -4.02 -2.85
C GLU A 196 -4.48 -4.66 -2.86
N PRO A 197 -3.47 -3.96 -2.29
CA PRO A 197 -2.09 -4.43 -2.47
C PRO A 197 -1.67 -5.79 -1.85
N SER A 198 -2.10 -6.12 -0.64
CA SER A 198 -1.69 -7.42 -0.09
C SER A 198 -2.29 -8.57 -0.90
N LEU A 199 -3.54 -8.43 -1.35
CA LEU A 199 -4.12 -9.44 -2.23
C LEU A 199 -3.32 -9.55 -3.51
N ALA A 200 -3.03 -8.40 -4.14
CA ALA A 200 -2.34 -8.46 -5.40
C ALA A 200 -1.02 -9.21 -5.24
N SER A 201 -0.36 -9.01 -4.13
CA SER A 201 0.91 -9.67 -3.91
C SER A 201 0.68 -11.18 -3.69
N ARG A 202 -0.30 -11.55 -2.91
CA ARG A 202 -0.55 -12.94 -2.67
C ARG A 202 -0.89 -13.69 -3.93
N LEU A 203 -1.44 -13.02 -4.92
CA LEU A 203 -1.83 -13.65 -6.19
C LEU A 203 -0.66 -13.90 -7.12
N ARG A 204 0.44 -13.23 -6.87
CA ARG A 204 1.60 -13.27 -7.69
C ARG A 204 2.45 -14.49 -7.36
N ASN A 205 3.15 -15.00 -8.35
CA ASN A 205 4.17 -16.00 -8.10
C ASN A 205 5.50 -15.24 -7.85
N LEU A 206 5.81 -15.03 -6.59
CA LEU A 206 7.03 -14.38 -6.19
C LEU A 206 8.15 -15.39 -5.93
N SER A 207 7.91 -16.67 -6.18
CA SER A 207 8.91 -17.69 -5.97
C SER A 207 9.88 -17.78 -7.12
N SER A 208 9.50 -17.20 -8.25
CA SER A 208 10.34 -17.16 -9.41
C SER A 208 10.37 -15.70 -9.80
N PRO A 209 11.50 -15.22 -10.32
CA PRO A 209 11.56 -13.85 -10.80
C PRO A 209 11.01 -13.71 -12.23
N LEU A 210 9.91 -14.40 -12.56
CA LEU A 210 9.45 -14.47 -13.93
C LEU A 210 8.16 -13.67 -14.16
N GLY A 211 7.78 -12.89 -13.15
CA GLY A 211 6.57 -12.05 -13.19
C GLY A 211 5.24 -12.79 -13.39
N LEU A 212 5.19 -14.07 -13.00
CA LEU A 212 4.01 -14.89 -13.26
C LEU A 212 2.97 -14.61 -12.17
N MET A 213 1.73 -14.92 -12.46
CA MET A 213 0.72 -15.02 -11.42
C MET A 213 0.72 -16.47 -10.94
N ALA A 214 0.47 -16.64 -9.65
CA ALA A 214 0.32 -17.96 -9.06
C ALA A 214 -0.78 -18.77 -9.71
N VAL A 215 -0.53 -20.08 -9.84
CA VAL A 215 -1.53 -20.99 -10.43
C VAL A 215 -1.75 -22.17 -9.52
N ASN A 216 -2.88 -22.86 -9.72
CA ASN A 216 -3.23 -24.03 -8.88
C ASN A 216 -2.13 -25.09 -8.99
N GLN A 217 -1.77 -25.66 -7.85
CA GLN A 217 -0.78 -26.75 -7.76
C GLN A 217 -1.44 -28.13 -7.54
N GLU A 218 -2.76 -28.17 -7.48
CA GLU A 218 -3.47 -29.39 -7.24
C GLU A 218 -4.16 -29.88 -8.51
N ALA A 219 -4.44 -28.98 -9.45
CA ALA A 219 -5.13 -29.36 -10.68
C ALA A 219 -4.67 -28.56 -11.87
N TRP A 220 -4.78 -29.19 -13.05
CA TRP A 220 -4.39 -28.66 -14.31
C TRP A 220 -5.45 -29.13 -15.29
N ASP A 221 -5.55 -28.50 -16.44
CA ASP A 221 -6.61 -28.72 -17.47
C ASP A 221 -5.85 -29.13 -18.70
N HIS A 222 -5.49 -30.41 -18.81
CA HIS A 222 -4.71 -30.87 -19.98
C HIS A 222 -3.38 -30.11 -20.03
N GLY A 223 -2.72 -30.02 -18.88
CA GLY A 223 -1.53 -29.19 -18.83
C GLY A 223 -1.67 -27.66 -18.76
N LEU A 224 -2.88 -27.10 -18.86
CA LEU A 224 -3.03 -25.65 -18.74
C LEU A 224 -3.48 -25.26 -17.34
N ALA A 225 -3.21 -24.02 -16.95
CA ALA A 225 -3.35 -23.61 -15.56
C ALA A 225 -4.76 -23.34 -15.13
N TYR A 226 -4.96 -23.50 -13.82
CA TYR A 226 -6.17 -22.97 -13.18
C TYR A 226 -5.76 -21.92 -12.18
N PRO A 227 -6.72 -21.11 -11.73
CA PRO A 227 -6.38 -20.24 -10.65
C PRO A 227 -6.08 -21.03 -9.39
N PRO A 228 -5.31 -20.44 -8.45
CA PRO A 228 -5.23 -21.10 -7.18
C PRO A 228 -6.57 -21.27 -6.51
N PHE A 229 -6.63 -22.21 -5.57
CA PHE A 229 -7.83 -22.36 -4.72
C PHE A 229 -7.80 -21.36 -3.61
N ASN A 230 -8.95 -20.82 -3.29
CA ASN A 230 -9.08 -20.12 -2.06
C ASN A 230 -9.32 -21.13 -0.89
N ASN A 231 -8.35 -21.33 -0.02
CA ASN A 231 -8.37 -22.49 0.90
C ASN A 231 -8.93 -22.19 2.29
N VAL A 232 -9.83 -21.22 2.40
CA VAL A 232 -10.65 -21.07 3.59
C VAL A 232 -11.63 -22.22 3.80
N LYS A 233 -11.90 -22.53 5.06
CA LYS A 233 -13.09 -23.26 5.41
C LYS A 233 -13.98 -22.30 6.21
N PRO A 234 -15.30 -22.29 5.98
CA PRO A 234 -16.06 -23.01 4.99
C PRO A 234 -16.05 -22.26 3.66
N SER A 235 -16.34 -23.00 2.59
CA SER A 235 -16.38 -22.52 1.19
C SER A 235 -17.75 -22.83 0.59
N PRO A 236 -18.39 -21.83 -0.09
CA PRO A 236 -19.64 -22.20 -0.72
C PRO A 236 -19.45 -23.17 -1.87
N CYS A 237 -18.30 -23.11 -2.55
CA CYS A 237 -18.06 -23.94 -3.72
C CYS A 237 -17.88 -25.41 -3.28
N GLU A 238 -17.37 -25.61 -2.07
CA GLU A 238 -17.34 -26.91 -1.47
C GLU A 238 -18.74 -27.34 -1.00
N PHE A 239 -19.47 -26.41 -0.40
CA PHE A 239 -20.81 -26.68 0.12
C PHE A 239 -21.74 -27.26 -0.91
N ILE A 240 -21.68 -26.80 -2.15
CA ILE A 240 -22.64 -27.31 -3.13
C ILE A 240 -22.38 -28.77 -3.59
N ASN A 241 -21.25 -29.34 -3.21
CA ASN A 241 -20.96 -30.73 -3.42
C ASN A 241 -19.82 -31.11 -2.52
N THR A 242 -20.18 -31.58 -1.33
CA THR A 242 -19.18 -31.90 -0.28
C THR A 242 -18.35 -33.15 -0.63
N THR A 243 -18.90 -34.05 -1.43
CA THR A 243 -18.17 -35.20 -1.89
C THR A 243 -17.02 -34.79 -2.81
N ALA A 244 -17.29 -33.91 -3.78
CA ALA A 244 -16.20 -33.36 -4.58
C ALA A 244 -15.29 -32.41 -3.76
N HIS A 245 -15.87 -31.61 -2.86
CA HIS A 245 -15.16 -30.61 -2.04
C HIS A 245 -14.09 -29.83 -2.82
N VAL A 246 -14.47 -29.26 -3.98
CA VAL A 246 -13.56 -28.39 -4.74
C VAL A 246 -13.80 -26.91 -4.38
N PRO A 247 -12.78 -26.25 -3.83
CA PRO A 247 -12.95 -24.88 -3.35
C PRO A 247 -13.18 -23.90 -4.50
N CYS A 248 -13.61 -22.71 -4.14
CA CYS A 248 -13.66 -21.64 -5.06
C CYS A 248 -12.21 -21.25 -5.45
N PHE A 249 -12.13 -20.58 -6.57
CA PHE A 249 -10.89 -20.03 -7.07
C PHE A 249 -10.54 -18.77 -6.33
N GLN A 250 -9.22 -18.46 -6.28
CA GLN A 250 -8.71 -17.21 -5.78
C GLN A 250 -8.30 -16.34 -6.93
N ALA A 251 -8.94 -15.20 -7.10
CA ALA A 251 -8.60 -14.28 -8.18
C ALA A 251 -8.61 -12.81 -7.67
N GLY A 252 -8.37 -11.85 -8.57
CA GLY A 252 -8.33 -10.45 -8.17
C GLY A 252 -9.65 -9.90 -7.71
N ASP A 253 -10.72 -10.56 -8.10
CA ASP A 253 -12.04 -10.24 -7.59
C ASP A 253 -12.70 -11.42 -6.88
N SER A 254 -13.34 -11.16 -5.74
CA SER A 254 -13.88 -12.22 -4.91
C SER A 254 -15.12 -12.90 -5.50
N ARG A 255 -15.70 -12.36 -6.55
CA ARG A 255 -16.88 -12.97 -7.10
C ARG A 255 -16.58 -13.99 -8.19
N ALA A 256 -15.32 -14.33 -8.39
CA ALA A 256 -14.87 -15.06 -9.62
C ALA A 256 -15.53 -16.40 -9.87
N SER A 257 -15.93 -17.05 -8.82
CA SER A 257 -16.56 -18.36 -8.89
C SER A 257 -18.06 -18.34 -8.81
N GLU A 258 -18.70 -17.16 -8.84
CA GLU A 258 -20.13 -17.10 -8.68
C GLU A 258 -20.91 -17.92 -9.66
N GLN A 259 -20.38 -18.03 -10.86
CA GLN A 259 -20.83 -19.07 -11.77
C GLN A 259 -19.78 -19.52 -12.75
N ILE A 260 -20.02 -20.69 -13.31
CA ILE A 260 -18.92 -21.46 -13.92
C ILE A 260 -18.33 -20.75 -15.13
N LEU A 261 -19.12 -20.03 -15.89
CA LEU A 261 -18.59 -19.32 -17.07
C LEU A 261 -17.88 -18.06 -16.74
N LEU A 262 -18.18 -17.48 -15.58
CA LEU A 262 -17.36 -16.40 -15.07
C LEU A 262 -15.99 -16.93 -14.70
N ALA A 263 -15.95 -17.99 -13.92
CA ALA A 263 -14.66 -18.64 -13.58
C ALA A 263 -13.90 -19.05 -14.81
N THR A 264 -14.58 -19.47 -15.87
CA THR A 264 -13.95 -19.84 -17.13
C THR A 264 -13.25 -18.63 -17.72
N VAL A 265 -13.89 -17.46 -17.71
CA VAL A 265 -13.23 -16.29 -18.32
C VAL A 265 -12.07 -15.80 -17.45
N HIS A 266 -12.24 -15.79 -16.15
CA HIS A 266 -11.14 -15.50 -15.22
C HIS A 266 -9.91 -16.38 -15.48
N THR A 267 -10.18 -17.67 -15.71
CA THR A 267 -9.14 -18.63 -16.04
C THR A 267 -8.40 -18.26 -17.36
N LEU A 268 -9.16 -17.88 -18.40
CA LEU A 268 -8.54 -17.44 -19.62
C LEU A 268 -7.62 -16.23 -19.45
N LEU A 269 -8.11 -15.26 -18.66
CA LEU A 269 -7.38 -14.04 -18.44
C LEU A 269 -6.09 -14.30 -17.67
N LEU A 270 -6.18 -15.12 -16.62
CA LEU A 270 -4.99 -15.53 -15.89
C LEU A 270 -3.93 -16.27 -16.76
N ARG A 271 -4.41 -17.20 -17.56
CA ARG A 271 -3.54 -17.94 -18.47
C ARG A 271 -2.84 -16.91 -19.38
N GLU A 272 -3.59 -15.94 -19.88
CA GLU A 272 -3.03 -14.95 -20.79
C GLU A 272 -1.98 -14.14 -20.12
N HIS A 273 -2.15 -13.75 -18.86
CA HIS A 273 -1.06 -13.04 -18.17
C HIS A 273 0.25 -13.82 -18.19
N ASN A 274 0.18 -15.09 -17.80
CA ASN A 274 1.39 -15.92 -17.79
C ASN A 274 1.95 -16.14 -19.18
N ARG A 275 1.10 -16.24 -20.20
CA ARG A 275 1.56 -16.38 -21.56
C ARG A 275 2.41 -15.17 -21.92
N LEU A 276 1.87 -13.99 -21.65
CA LEU A 276 2.53 -12.72 -21.90
C LEU A 276 3.84 -12.60 -21.16
N ALA A 277 3.88 -13.02 -19.90
CA ALA A 277 5.08 -12.87 -19.09
C ALA A 277 6.18 -13.80 -19.59
N ARG A 278 5.79 -14.91 -20.20
CA ARG A 278 6.77 -15.87 -20.64
C ARG A 278 7.33 -15.40 -21.96
N GLU A 279 6.46 -14.85 -22.79
CA GLU A 279 6.89 -14.32 -24.06
C GLU A 279 7.76 -13.08 -23.92
N LEU A 280 7.50 -12.25 -22.91
CA LEU A 280 8.34 -11.09 -22.62
C LEU A 280 9.67 -11.48 -21.98
N LYS A 281 9.68 -12.52 -21.15
CA LYS A 281 10.91 -12.94 -20.52
C LYS A 281 11.84 -13.55 -21.59
N ARG A 282 11.25 -14.12 -22.61
CA ARG A 282 12.03 -14.59 -23.73
C ARG A 282 12.62 -13.42 -24.48
N LEU A 283 11.79 -12.44 -24.82
CA LEU A 283 12.26 -11.29 -25.60
C LEU A 283 13.19 -10.37 -24.80
N ASN A 284 13.04 -10.35 -23.48
CA ASN A 284 13.81 -9.47 -22.65
C ASN A 284 14.32 -10.25 -21.48
N PRO A 285 15.22 -11.24 -21.73
CA PRO A 285 15.84 -12.05 -20.65
C PRO A 285 16.38 -11.27 -19.48
N HIS A 286 16.75 -10.02 -19.71
CA HIS A 286 17.29 -9.15 -18.68
C HIS A 286 16.26 -8.54 -17.72
N TRP A 287 15.02 -8.38 -18.18
CA TRP A 287 13.94 -7.85 -17.32
C TRP A 287 13.79 -8.71 -16.13
N ASP A 288 13.64 -8.07 -14.97
CA ASP A 288 13.42 -8.78 -13.74
C ASP A 288 11.89 -9.09 -13.50
N GLY A 289 11.61 -9.73 -12.37
CA GLY A 289 10.26 -10.23 -12.03
C GLY A 289 9.19 -9.15 -12.04
N GLU A 290 9.49 -8.01 -11.43
CA GLU A 290 8.57 -6.87 -11.36
C GLU A 290 8.17 -6.34 -12.72
N MET A 291 9.15 -6.25 -13.58
CA MET A 291 8.97 -5.59 -14.82
C MET A 291 8.13 -6.47 -15.72
N LEU A 292 8.41 -7.76 -15.66
CA LEU A 292 7.65 -8.77 -16.40
C LEU A 292 6.16 -8.74 -15.96
N TYR A 293 5.95 -8.76 -14.66
CA TYR A 293 4.58 -8.71 -14.11
C TYR A 293 3.86 -7.47 -14.60
N GLN A 294 4.47 -6.30 -14.31
CA GLN A 294 3.85 -5.03 -14.66
C GLN A 294 3.56 -4.93 -16.15
N GLU A 295 4.53 -5.32 -16.96
CA GLU A 295 4.36 -5.20 -18.41
C GLU A 295 3.28 -6.14 -18.93
N ALA A 296 3.24 -7.36 -18.44
CA ALA A 296 2.10 -8.28 -18.72
C ALA A 296 0.75 -7.70 -18.28
N ARG A 297 0.68 -7.25 -17.04
CA ARG A 297 -0.48 -6.54 -16.47
C ARG A 297 -0.96 -5.40 -17.35
N LYS A 298 -0.04 -4.58 -17.82
CA LYS A 298 -0.37 -3.45 -18.64
C LYS A 298 -0.98 -3.88 -19.97
N ILE A 299 -0.42 -4.93 -20.58
CA ILE A 299 -0.98 -5.44 -21.81
C ILE A 299 -2.39 -6.07 -21.66
N LEU A 300 -2.59 -6.80 -20.56
CA LEU A 300 -3.90 -7.45 -20.26
C LEU A 300 -4.98 -6.40 -20.01
N GLY A 301 -4.60 -5.41 -19.20
CA GLY A 301 -5.39 -4.19 -19.08
C GLY A 301 -5.84 -3.60 -20.43
N ALA A 302 -4.92 -3.46 -21.38
CA ALA A 302 -5.26 -2.87 -22.69
C ALA A 302 -6.15 -3.76 -23.49
N PHE A 303 -5.86 -5.05 -23.46
CA PHE A 303 -6.71 -6.07 -24.09
C PHE A 303 -8.18 -5.88 -23.62
N ILE A 304 -8.36 -5.71 -22.32
CA ILE A 304 -9.76 -5.56 -21.76
C ILE A 304 -10.42 -4.29 -22.30
N GLN A 305 -9.65 -3.20 -22.34
CA GLN A 305 -10.18 -1.95 -22.85
C GLN A 305 -10.55 -2.04 -24.29
N ILE A 306 -9.75 -2.75 -25.07
CA ILE A 306 -10.01 -2.82 -26.51
C ILE A 306 -11.22 -3.65 -26.89
N ILE A 307 -11.29 -4.83 -26.32
CA ILE A 307 -12.43 -5.68 -26.51
C ILE A 307 -13.70 -4.97 -25.99
N THR A 308 -13.62 -4.36 -24.84
CA THR A 308 -14.79 -3.65 -24.32
C THR A 308 -15.27 -2.51 -25.22
N PHE A 309 -14.35 -1.61 -25.61
CA PHE A 309 -14.75 -0.41 -26.38
C PHE A 309 -14.95 -0.67 -27.89
N ARG A 310 -14.13 -1.51 -28.53
CA ARG A 310 -14.23 -1.81 -29.96
C ARG A 310 -15.34 -2.78 -30.23
N ASP A 311 -15.48 -3.82 -29.40
CA ASP A 311 -16.42 -4.95 -29.76
C ASP A 311 -17.71 -4.89 -28.95
N TYR A 312 -17.60 -4.69 -27.64
CA TYR A 312 -18.73 -4.89 -26.71
C TYR A 312 -19.71 -3.72 -26.65
N LEU A 313 -19.24 -2.51 -26.37
CA LEU A 313 -20.16 -1.39 -26.18
C LEU A 313 -20.95 -1.05 -27.44
N PRO A 314 -20.33 -1.22 -28.63
CA PRO A 314 -21.14 -0.87 -29.82
C PRO A 314 -22.35 -1.79 -29.92
N ILE A 315 -22.25 -2.98 -29.34
CA ILE A 315 -23.41 -3.84 -29.47
C ILE A 315 -24.35 -3.73 -28.33
N VAL A 316 -23.91 -3.10 -27.25
CA VAL A 316 -24.83 -2.66 -26.18
C VAL A 316 -25.54 -1.37 -26.56
N LEU A 317 -24.77 -0.37 -27.00
CA LEU A 317 -25.31 0.96 -27.23
C LEU A 317 -25.90 1.19 -28.60
N GLY A 318 -25.63 0.31 -29.58
CA GLY A 318 -26.24 0.47 -30.92
C GLY A 318 -26.03 1.88 -31.47
N SER A 319 -27.12 2.49 -31.91
CA SER A 319 -27.13 3.85 -32.50
C SER A 319 -26.69 4.95 -31.55
N GLU A 320 -26.63 4.66 -30.26
CA GLU A 320 -26.24 5.64 -29.27
C GLU A 320 -24.77 5.62 -28.97
N MET A 321 -24.03 4.67 -29.53
CA MET A 321 -22.61 4.50 -29.25
C MET A 321 -21.86 5.85 -29.48
N GLN A 322 -21.94 6.37 -30.71
CA GLN A 322 -21.25 7.58 -31.11
C GLN A 322 -21.70 8.79 -30.26
N LYS A 323 -22.97 8.88 -30.00
CA LYS A 323 -23.52 9.94 -29.18
C LYS A 323 -22.86 10.02 -27.80
N TRP A 324 -22.67 8.90 -27.09
CA TRP A 324 -22.10 9.01 -25.74
C TRP A 324 -20.64 8.83 -25.75
N ILE A 325 -20.11 8.11 -26.73
CA ILE A 325 -18.70 7.78 -26.73
C ILE A 325 -18.15 8.11 -28.12
N PRO A 326 -17.98 9.39 -28.37
CA PRO A 326 -17.34 9.83 -29.62
C PRO A 326 -15.87 9.48 -29.65
N PRO A 327 -15.25 9.53 -30.85
CA PRO A 327 -13.85 9.12 -31.03
C PRO A 327 -13.00 9.80 -29.99
N TYR A 328 -12.00 9.09 -29.49
CA TYR A 328 -11.22 9.54 -28.35
C TYR A 328 -10.44 10.76 -28.78
N GLN A 329 -10.24 11.70 -27.88
CA GLN A 329 -9.42 12.88 -28.10
C GLN A 329 -8.42 13.03 -26.98
N GLY A 330 -8.14 12.00 -26.21
CA GLY A 330 -7.04 12.09 -25.23
C GLY A 330 -7.51 12.28 -23.82
N TYR A 331 -6.57 12.14 -22.90
CA TYR A 331 -6.86 12.13 -21.52
C TYR A 331 -7.30 13.50 -21.16
N ASN A 332 -8.44 13.58 -20.47
CA ASN A 332 -8.87 14.86 -19.88
C ASN A 332 -8.91 14.67 -18.39
N ASN A 333 -7.94 15.25 -17.69
CA ASN A 333 -7.94 15.18 -16.23
C ASN A 333 -9.01 16.01 -15.52
N SER A 334 -9.91 16.67 -16.23
CA SER A 334 -11.10 17.26 -15.56
C SER A 334 -12.30 16.28 -15.52
N VAL A 335 -12.17 15.13 -16.18
CA VAL A 335 -13.22 14.15 -16.18
C VAL A 335 -13.17 13.36 -14.85
N ASP A 336 -14.34 13.17 -14.25
CA ASP A 336 -14.50 12.30 -13.08
C ASP A 336 -14.53 10.82 -13.56
N PRO A 337 -13.50 10.05 -13.24
CA PRO A 337 -13.46 8.69 -13.67
C PRO A 337 -14.21 7.71 -12.70
N ARG A 338 -14.78 8.22 -11.61
CA ARG A 338 -15.36 7.35 -10.65
C ARG A 338 -16.60 6.70 -11.24
N ILE A 339 -16.81 5.47 -10.85
CA ILE A 339 -18.14 4.76 -11.13
C ILE A 339 -19.20 5.36 -10.26
N SER A 340 -20.35 5.63 -10.84
CA SER A 340 -21.44 6.19 -10.06
C SER A 340 -22.24 5.07 -9.45
N ASN A 341 -22.98 5.42 -8.41
CA ASN A 341 -23.80 4.48 -7.68
C ASN A 341 -24.88 3.96 -8.67
N VAL A 342 -25.51 4.85 -9.44
CA VAL A 342 -26.51 4.42 -10.39
C VAL A 342 -26.04 3.43 -11.49
N PHE A 343 -24.82 3.60 -11.94
CA PHE A 343 -24.26 2.74 -12.94
C PHE A 343 -24.18 1.27 -12.44
N THR A 344 -23.88 1.10 -11.16
CA THR A 344 -23.85 -0.26 -10.63
C THR A 344 -25.25 -0.96 -10.70
N PHE A 345 -26.36 -0.20 -10.82
CA PHE A 345 -27.68 -0.77 -11.10
C PHE A 345 -27.95 -0.83 -12.62
N ALA A 346 -27.51 0.21 -13.35
CA ALA A 346 -27.70 0.24 -14.78
C ALA A 346 -27.05 -0.91 -15.50
N PHE A 347 -25.84 -1.27 -15.07
CA PHE A 347 -25.10 -2.36 -15.68
C PHE A 347 -25.65 -3.78 -15.38
N ARG A 348 -26.63 -3.86 -14.50
CA ARG A 348 -27.38 -5.13 -14.24
C ARG A 348 -28.44 -5.46 -15.26
N PHE A 349 -28.52 -4.65 -16.31
CA PHE A 349 -29.21 -5.07 -17.49
C PHE A 349 -28.79 -6.50 -17.89
N GLY A 350 -27.55 -6.84 -17.60
CA GLY A 350 -26.99 -8.17 -17.86
C GLY A 350 -27.85 -9.29 -17.34
N HIS A 351 -28.56 -9.04 -16.27
CA HIS A 351 -29.33 -10.09 -15.63
C HIS A 351 -30.43 -10.60 -16.51
N MET A 352 -30.88 -9.80 -17.45
CA MET A 352 -31.90 -10.23 -18.41
C MET A 352 -31.34 -10.91 -19.65
N GLU A 353 -30.02 -11.00 -19.75
CA GLU A 353 -29.34 -11.63 -20.90
C GLU A 353 -28.82 -13.04 -20.58
N VAL A 354 -29.09 -13.48 -19.36
CA VAL A 354 -28.58 -14.75 -18.89
C VAL A 354 -29.63 -15.85 -19.14
N PRO A 355 -29.30 -16.90 -19.96
CA PRO A 355 -30.27 -17.92 -20.27
C PRO A 355 -30.31 -19.01 -19.20
N SER A 356 -31.20 -20.00 -19.37
CA SER A 356 -31.51 -20.93 -18.28
C SER A 356 -30.58 -22.07 -18.16
N THR A 357 -29.76 -22.32 -19.21
CA THR A 357 -28.84 -23.43 -19.23
C THR A 357 -27.47 -23.02 -19.70
N VAL A 358 -26.47 -23.86 -19.40
CA VAL A 358 -25.10 -23.78 -19.90
C VAL A 358 -24.68 -25.17 -20.48
N SER A 359 -23.97 -25.19 -21.62
CA SER A 359 -23.65 -26.46 -22.29
C SER A 359 -22.18 -26.66 -22.33
N ARG A 360 -21.80 -27.94 -22.25
CA ARG A 360 -20.44 -28.37 -22.60
C ARG A 360 -20.54 -29.01 -24.01
N LEU A 361 -19.65 -28.60 -24.91
CA LEU A 361 -19.66 -29.01 -26.30
C LEU A 361 -18.32 -29.67 -26.63
N ASP A 362 -18.32 -30.74 -27.42
CA ASP A 362 -17.06 -31.44 -27.72
C ASP A 362 -16.41 -30.75 -28.90
N GLU A 363 -15.33 -31.36 -29.40
CA GLU A 363 -14.60 -30.76 -30.47
C GLU A 363 -15.29 -30.75 -31.80
N ASN A 364 -16.46 -31.36 -31.96
CA ASN A 364 -17.25 -31.04 -33.12
C ASN A 364 -18.37 -30.12 -32.77
N TYR A 365 -18.29 -29.45 -31.62
CA TYR A 365 -19.36 -28.60 -31.11
C TYR A 365 -20.70 -29.34 -30.95
N GLN A 366 -20.64 -30.62 -30.61
CA GLN A 366 -21.82 -31.38 -30.32
C GLN A 366 -21.84 -31.54 -28.78
N PRO A 367 -23.02 -31.85 -28.21
CA PRO A 367 -23.12 -32.11 -26.78
C PRO A 367 -22.07 -33.08 -26.27
N TRP A 368 -21.43 -32.69 -25.18
CA TRP A 368 -20.29 -33.35 -24.66
C TRP A 368 -20.77 -34.18 -23.50
N GLY A 369 -20.96 -35.47 -23.77
CA GLY A 369 -21.44 -36.41 -22.75
C GLY A 369 -22.94 -36.54 -22.52
N PRO A 370 -23.28 -37.40 -21.56
CA PRO A 370 -24.67 -37.58 -21.23
C PRO A 370 -25.23 -36.43 -20.38
N GLU A 371 -24.38 -35.62 -19.72
CA GLU A 371 -24.86 -34.44 -18.95
C GLU A 371 -24.38 -33.15 -19.64
N ALA A 372 -24.67 -33.01 -20.92
CA ALA A 372 -23.98 -32.01 -21.71
C ALA A 372 -24.54 -30.64 -21.28
N GLU A 373 -25.88 -30.55 -21.29
CA GLU A 373 -26.60 -29.35 -20.93
C GLU A 373 -27.04 -29.33 -19.44
N LEU A 374 -26.55 -28.31 -18.75
CA LEU A 374 -26.74 -28.12 -17.32
C LEU A 374 -27.67 -26.91 -17.03
N PRO A 375 -28.60 -27.09 -16.08
CA PRO A 375 -29.35 -25.93 -15.58
C PRO A 375 -28.41 -24.95 -14.90
N LEU A 376 -28.57 -23.69 -15.25
CA LEU A 376 -27.77 -22.59 -14.64
C LEU A 376 -27.69 -22.66 -13.13
N HIS A 377 -28.79 -23.05 -12.46
CA HIS A 377 -28.83 -22.92 -11.02
C HIS A 377 -27.90 -23.84 -10.39
N THR A 378 -27.48 -24.89 -11.09
CA THR A 378 -26.59 -25.85 -10.47
C THR A 378 -25.16 -25.38 -10.61
N LEU A 379 -24.93 -24.25 -11.23
CA LEU A 379 -23.58 -23.84 -11.57
C LEU A 379 -23.10 -22.65 -10.71
N PHE A 380 -23.95 -22.18 -9.81
CA PHE A 380 -23.56 -21.09 -8.89
C PHE A 380 -22.56 -21.59 -7.87
N PHE A 381 -21.42 -20.92 -7.76
CA PHE A 381 -20.34 -21.36 -6.90
C PHE A 381 -19.82 -22.77 -7.23
N ASN A 382 -19.86 -23.09 -8.52
CA ASN A 382 -19.54 -24.45 -8.96
C ASN A 382 -18.21 -24.41 -9.71
N THR A 383 -17.17 -24.87 -9.00
CA THR A 383 -15.90 -25.19 -9.61
C THR A 383 -15.67 -26.68 -9.92
N TRP A 384 -16.41 -27.57 -9.25
CA TRP A 384 -16.11 -28.98 -9.47
C TRP A 384 -16.48 -29.42 -10.85
N ARG A 385 -17.52 -28.82 -11.44
CA ARG A 385 -17.82 -29.15 -12.85
C ARG A 385 -16.68 -28.78 -13.83
N ILE A 386 -15.84 -27.81 -13.44
CA ILE A 386 -14.65 -27.48 -14.21
C ILE A 386 -13.58 -28.52 -13.92
N ILE A 387 -13.16 -28.59 -12.64
CA ILE A 387 -12.01 -29.36 -12.24
C ILE A 387 -12.23 -30.86 -12.40
N LYS A 388 -13.43 -31.37 -12.09
CA LYS A 388 -13.66 -32.82 -12.22
C LYS A 388 -14.43 -33.24 -13.43
N ASP A 389 -14.83 -32.32 -14.28
CA ASP A 389 -15.73 -32.71 -15.34
C ASP A 389 -15.44 -31.96 -16.66
N GLY A 390 -14.20 -31.98 -17.09
CA GLY A 390 -13.84 -31.70 -18.50
C GLY A 390 -12.96 -30.46 -18.74
N GLY A 391 -12.71 -29.72 -17.67
CA GLY A 391 -12.05 -28.41 -17.71
C GLY A 391 -12.77 -27.38 -18.51
N ILE A 392 -12.06 -26.33 -18.94
CA ILE A 392 -12.79 -25.23 -19.57
C ILE A 392 -13.04 -25.34 -21.08
N ASP A 393 -12.34 -26.23 -21.80
CA ASP A 393 -12.54 -26.25 -23.26
C ASP A 393 -13.97 -26.44 -23.65
N PRO A 394 -14.70 -27.41 -23.02
CA PRO A 394 -16.11 -27.58 -23.46
C PRO A 394 -17.03 -26.42 -23.13
N LEU A 395 -16.67 -25.72 -22.07
CA LEU A 395 -17.46 -24.50 -21.67
C LEU A 395 -17.18 -23.35 -22.62
N VAL A 396 -15.91 -23.19 -22.98
CA VAL A 396 -15.48 -22.15 -23.93
C VAL A 396 -16.21 -22.38 -25.24
N ARG A 397 -16.44 -23.65 -25.66
CA ARG A 397 -17.07 -23.90 -26.97
C ARG A 397 -18.51 -23.53 -26.87
N GLY A 398 -19.12 -23.82 -25.73
CA GLY A 398 -20.47 -23.32 -25.47
C GLY A 398 -20.60 -21.81 -25.49
N LEU A 399 -19.63 -21.10 -24.92
CA LEU A 399 -19.64 -19.63 -24.97
C LEU A 399 -19.76 -19.08 -26.39
N LEU A 400 -19.19 -19.83 -27.34
CA LEU A 400 -19.08 -19.36 -28.71
C LEU A 400 -20.26 -19.80 -29.54
N ALA A 401 -20.74 -21.01 -29.29
CA ALA A 401 -21.78 -21.55 -30.16
C ALA A 401 -23.14 -21.38 -29.61
N LYS A 402 -23.28 -21.18 -28.28
CA LYS A 402 -24.61 -20.90 -27.74
C LYS A 402 -24.90 -19.38 -27.70
N ASN A 403 -26.16 -19.01 -27.52
CA ASN A 403 -26.61 -17.66 -27.48
C ASN A 403 -26.83 -17.06 -26.06
N SER A 404 -26.70 -15.74 -25.94
CA SER A 404 -27.23 -15.01 -24.75
C SER A 404 -28.75 -15.06 -24.83
N LYS A 405 -29.40 -14.93 -23.68
CA LYS A 405 -30.80 -14.61 -23.64
C LYS A 405 -31.04 -13.18 -24.15
N LEU A 406 -32.18 -12.97 -24.77
CA LEU A 406 -32.61 -11.65 -25.23
C LEU A 406 -33.52 -11.09 -24.20
N MET A 407 -33.25 -9.86 -23.77
CA MET A 407 -34.23 -9.21 -22.89
C MET A 407 -35.56 -9.12 -23.62
N ASN A 408 -36.66 -9.45 -22.95
CA ASN A 408 -37.98 -9.36 -23.56
C ASN A 408 -38.86 -8.73 -22.53
N GLN A 409 -39.75 -7.81 -22.91
CA GLN A 409 -40.63 -7.13 -21.93
C GLN A 409 -41.61 -8.07 -21.17
N ASN A 410 -41.94 -9.24 -21.71
CA ASN A 410 -42.69 -10.21 -20.85
C ASN A 410 -41.93 -11.54 -20.56
N LYS A 411 -40.61 -11.52 -20.80
CA LYS A 411 -39.69 -12.59 -20.35
C LYS A 411 -38.35 -11.95 -19.95
N MET A 412 -38.30 -11.40 -18.75
CA MET A 412 -37.18 -10.58 -18.30
C MET A 412 -36.04 -11.36 -17.69
N VAL A 413 -36.27 -12.06 -16.56
CA VAL A 413 -35.23 -12.78 -15.90
C VAL A 413 -35.65 -14.24 -15.73
N THR A 414 -34.82 -15.13 -16.25
CA THR A 414 -34.99 -16.59 -16.06
C THR A 414 -35.11 -17.02 -14.58
N SER A 415 -36.01 -17.96 -14.37
CA SER A 415 -36.24 -18.46 -13.05
C SER A 415 -35.05 -19.12 -12.42
N GLU A 416 -34.04 -19.55 -13.21
CA GLU A 416 -32.77 -19.99 -12.64
C GLU A 416 -32.12 -18.95 -11.72
N LEU A 417 -32.40 -17.69 -12.01
CA LEU A 417 -31.92 -16.56 -11.24
C LEU A 417 -33.00 -15.92 -10.38
N ARG A 418 -34.25 -15.97 -10.83
CA ARG A 418 -35.33 -15.28 -10.16
C ARG A 418 -35.93 -16.14 -9.07
N ASN A 419 -35.74 -17.46 -9.15
CA ASN A 419 -36.20 -18.31 -8.10
C ASN A 419 -35.15 -19.18 -7.49
N LYS A 420 -34.07 -19.45 -8.22
CA LYS A 420 -33.10 -20.47 -7.69
C LYS A 420 -31.67 -20.01 -7.39
N LEU A 421 -31.51 -18.71 -7.18
CA LEU A 421 -30.20 -18.20 -6.92
C LEU A 421 -29.66 -18.74 -5.62
N PHE A 422 -28.40 -19.12 -5.61
CA PHE A 422 -27.69 -19.56 -4.43
C PHE A 422 -26.78 -18.42 -3.97
N GLN A 423 -26.81 -18.07 -2.71
CA GLN A 423 -26.02 -17.01 -2.17
C GLN A 423 -25.02 -17.61 -1.23
N PRO A 424 -23.79 -17.15 -1.26
CA PRO A 424 -22.70 -17.85 -0.61
C PRO A 424 -22.81 -17.99 0.88
N THR A 425 -23.53 -17.10 1.59
CA THR A 425 -23.63 -17.25 3.04
C THR A 425 -24.87 -18.04 3.47
N HIS A 426 -25.65 -18.54 2.51
CA HIS A 426 -26.87 -19.29 2.80
C HIS A 426 -26.85 -20.69 2.17
N LYS A 427 -27.92 -21.43 2.35
CA LYS A 427 -27.84 -22.86 2.08
C LYS A 427 -28.74 -23.32 0.94
N VAL A 428 -29.56 -22.42 0.40
CA VAL A 428 -30.62 -22.78 -0.54
C VAL A 428 -30.45 -22.16 -1.91
N HIS A 429 -30.85 -22.92 -2.90
CA HIS A 429 -31.04 -22.41 -4.22
C HIS A 429 -32.47 -21.88 -4.27
N GLY A 430 -32.70 -20.77 -3.57
CA GLY A 430 -34.02 -20.19 -3.60
C GLY A 430 -34.10 -18.70 -3.50
N PHE A 431 -33.03 -17.96 -3.90
CA PHE A 431 -33.09 -16.51 -3.86
C PHE A 431 -33.56 -15.96 -5.23
N ASP A 432 -33.91 -14.69 -5.21
CA ASP A 432 -34.47 -14.02 -6.42
C ASP A 432 -33.57 -12.83 -6.73
N LEU A 433 -32.69 -12.96 -7.70
CA LEU A 433 -31.82 -11.82 -8.08
C LEU A 433 -32.58 -10.54 -8.44
N ALA A 434 -33.74 -10.67 -9.12
CA ALA A 434 -34.49 -9.50 -9.47
C ALA A 434 -35.00 -8.74 -8.22
N ALA A 435 -35.56 -9.46 -7.27
CA ALA A 435 -35.99 -8.86 -6.04
C ALA A 435 -34.83 -8.21 -5.32
N ILE A 436 -33.72 -8.89 -5.30
CA ILE A 436 -32.52 -8.42 -4.62
C ILE A 436 -32.01 -7.11 -5.26
N ASN A 437 -32.04 -7.05 -6.57
CA ASN A 437 -31.67 -5.84 -7.30
C ASN A 437 -32.58 -4.66 -6.91
N LEU A 438 -33.90 -4.92 -6.87
CA LEU A 438 -34.85 -3.89 -6.48
C LEU A 438 -34.65 -3.44 -5.06
N GLN A 439 -34.45 -4.40 -4.16
CA GLN A 439 -34.26 -4.10 -2.78
C GLN A 439 -33.00 -3.26 -2.62
N ARG A 440 -32.00 -3.61 -3.42
CA ARG A 440 -30.70 -2.99 -3.38
C ARG A 440 -30.70 -1.54 -3.88
N CYS A 441 -31.46 -1.28 -4.95
CA CYS A 441 -31.71 0.09 -5.38
C CYS A 441 -32.13 1.00 -4.21
N ARG A 442 -33.02 0.50 -3.39
CA ARG A 442 -33.59 1.20 -2.25
C ARG A 442 -32.55 1.36 -1.10
N ASP A 443 -31.83 0.27 -0.84
CA ASP A 443 -30.67 0.24 0.06
C ASP A 443 -29.67 1.38 -0.31
N HIS A 444 -29.45 1.55 -1.61
CA HIS A 444 -28.42 2.48 -2.07
C HIS A 444 -28.96 3.91 -2.26
N GLY A 445 -30.18 4.16 -1.92
CA GLY A 445 -30.69 5.50 -2.03
C GLY A 445 -30.94 5.99 -3.44
N MET A 446 -31.28 5.07 -4.32
CA MET A 446 -31.58 5.48 -5.70
C MET A 446 -32.77 6.39 -5.84
N PRO A 447 -32.53 7.58 -6.44
CA PRO A 447 -33.60 8.27 -7.10
C PRO A 447 -34.35 7.35 -8.08
N GLY A 448 -35.60 7.71 -8.33
CA GLY A 448 -36.49 6.91 -9.08
C GLY A 448 -36.28 7.13 -10.57
N TYR A 449 -37.03 6.33 -11.34
CA TYR A 449 -37.06 6.34 -12.80
C TYR A 449 -37.14 7.69 -13.46
N ASN A 450 -38.11 8.49 -13.08
CA ASN A 450 -38.22 9.85 -13.68
C ASN A 450 -37.09 10.81 -13.34
N SER A 451 -36.48 10.69 -12.14
CA SER A 451 -35.33 11.51 -11.85
C SER A 451 -34.25 11.21 -12.80
N TRP A 452 -34.02 9.93 -13.05
CA TRP A 452 -32.98 9.59 -14.02
C TRP A 452 -33.38 9.98 -15.49
N ARG A 453 -34.65 9.80 -15.84
CA ARG A 453 -35.12 10.23 -17.16
C ARG A 453 -34.74 11.72 -17.38
N GLY A 454 -35.01 12.53 -16.37
CA GLY A 454 -34.79 14.00 -16.48
C GLY A 454 -33.30 14.31 -16.53
N PHE A 455 -32.50 13.58 -15.79
CA PHE A 455 -31.04 13.76 -15.81
C PHE A 455 -30.52 13.54 -17.19
N CYS A 456 -31.15 12.61 -17.91
CA CYS A 456 -30.71 12.20 -19.22
C CYS A 456 -31.43 12.99 -20.30
N GLY A 457 -32.19 14.00 -19.92
CA GLY A 457 -32.83 14.87 -20.87
C GLY A 457 -34.01 14.21 -21.57
N LEU A 458 -34.67 13.24 -20.90
CA LEU A 458 -35.73 12.45 -21.47
C LEU A 458 -37.03 12.80 -20.80
N SER A 459 -38.12 12.60 -21.51
CA SER A 459 -39.42 12.86 -20.94
C SER A 459 -39.71 12.03 -19.69
N GLN A 460 -40.49 12.60 -18.81
CA GLN A 460 -40.85 12.02 -17.57
C GLN A 460 -42.34 11.70 -17.56
N PRO A 461 -42.73 10.47 -17.99
CA PRO A 461 -44.19 10.25 -17.97
C PRO A 461 -44.79 10.32 -16.57
N LYS A 462 -46.03 10.82 -16.51
CA LYS A 462 -46.76 10.88 -15.25
C LYS A 462 -48.00 10.04 -15.22
N THR A 463 -48.56 9.65 -16.37
CA THR A 463 -49.82 8.94 -16.34
C THR A 463 -49.62 7.59 -17.03
N LEU A 464 -50.61 6.72 -16.93
CA LEU A 464 -50.64 5.47 -17.69
C LEU A 464 -50.37 5.73 -19.13
N LYS A 465 -51.07 6.69 -19.70
CA LYS A 465 -50.93 7.00 -21.10
C LYS A 465 -49.52 7.39 -21.51
N GLY A 466 -48.89 8.29 -20.76
CA GLY A 466 -47.49 8.64 -21.02
C GLY A 466 -46.51 7.44 -20.85
N LEU A 467 -46.72 6.61 -19.87
CA LEU A 467 -45.80 5.51 -19.64
C LEU A 467 -45.95 4.43 -20.75
N GLN A 468 -47.19 4.18 -21.15
CA GLN A 468 -47.45 3.28 -22.26
C GLN A 468 -46.63 3.68 -23.49
N ALA A 469 -46.67 4.97 -23.82
CA ALA A 469 -45.92 5.51 -24.94
C ALA A 469 -44.43 5.35 -24.79
N VAL A 470 -43.88 5.55 -23.59
CA VAL A 470 -42.40 5.38 -23.46
C VAL A 470 -41.95 3.91 -23.60
N LEU A 471 -42.77 3.02 -23.07
CA LEU A 471 -42.44 1.58 -23.00
C LEU A 471 -42.99 0.82 -24.21
N LYS A 472 -43.85 1.51 -24.97
CA LYS A 472 -44.47 0.92 -26.17
C LYS A 472 -45.16 -0.38 -25.81
N ASN A 473 -45.84 -0.38 -24.68
CA ASN A 473 -46.42 -1.58 -24.14
C ASN A 473 -47.38 -1.16 -23.05
N LYS A 474 -48.67 -1.42 -23.30
CA LYS A 474 -49.74 -0.87 -22.49
C LYS A 474 -49.89 -1.70 -21.22
N VAL A 475 -49.73 -2.99 -21.35
CA VAL A 475 -49.92 -3.95 -20.27
C VAL A 475 -48.78 -3.82 -19.28
N LEU A 476 -47.57 -3.69 -19.78
CA LEU A 476 -46.41 -3.61 -18.88
C LEU A 476 -46.57 -2.32 -18.05
N ALA A 477 -47.02 -1.26 -18.72
CA ALA A 477 -47.17 0.03 -18.10
C ALA A 477 -48.26 0.01 -17.07
N LYS A 478 -49.34 -0.68 -17.42
CA LYS A 478 -50.42 -0.97 -16.50
C LYS A 478 -49.94 -1.70 -15.26
N LYS A 479 -49.22 -2.79 -15.45
CA LYS A 479 -48.76 -3.55 -14.30
C LYS A 479 -47.79 -2.70 -13.45
N LEU A 480 -46.94 -1.90 -14.08
CA LEU A 480 -46.03 -1.09 -13.31
C LEU A 480 -46.83 -0.04 -12.47
N LEU A 481 -47.79 0.63 -13.09
CA LEU A 481 -48.55 1.61 -12.32
C LEU A 481 -49.44 0.99 -11.29
N ASP A 482 -49.98 -0.20 -11.54
CA ASP A 482 -50.71 -0.85 -10.46
C ASP A 482 -49.81 -1.11 -9.24
N LEU A 483 -48.56 -1.47 -9.47
CA LEU A 483 -47.63 -1.67 -8.36
C LEU A 483 -47.05 -0.37 -7.76
N TYR A 484 -46.65 0.58 -8.59
CA TYR A 484 -45.84 1.73 -8.18
C TYR A 484 -46.57 3.09 -7.97
N LYS A 485 -47.61 3.21 -8.71
CA LYS A 485 -48.69 4.25 -8.61
C LYS A 485 -48.40 5.55 -9.37
N THR A 486 -47.12 5.78 -9.44
CA THR A 486 -46.62 6.91 -10.24
C THR A 486 -45.34 6.44 -10.82
N PRO A 487 -45.03 6.87 -12.06
CA PRO A 487 -43.74 6.43 -12.59
C PRO A 487 -42.52 6.96 -11.79
N ASP A 488 -42.76 7.92 -10.90
CA ASP A 488 -41.68 8.59 -10.14
C ASP A 488 -41.10 7.61 -9.19
N ASN A 489 -41.94 6.68 -8.73
CA ASN A 489 -41.54 5.68 -7.76
C ASN A 489 -40.98 4.42 -8.33
N ILE A 490 -41.02 4.27 -9.68
CA ILE A 490 -40.42 3.04 -10.31
C ILE A 490 -38.91 2.96 -10.05
N ASP A 491 -38.46 1.82 -9.45
CA ASP A 491 -37.06 1.62 -9.14
C ASP A 491 -36.24 1.57 -10.41
N ILE A 492 -35.05 2.18 -10.37
CA ILE A 492 -34.28 2.43 -11.56
C ILE A 492 -33.96 1.13 -12.32
N TRP A 493 -33.52 0.11 -11.59
CA TRP A 493 -33.23 -1.16 -12.24
C TRP A 493 -34.39 -1.64 -13.14
N ILE A 494 -35.60 -1.70 -12.64
CA ILE A 494 -36.71 -2.19 -13.50
C ILE A 494 -37.19 -1.19 -14.50
N GLY A 495 -37.17 0.10 -14.17
CA GLY A 495 -37.62 1.12 -15.16
C GLY A 495 -36.76 1.21 -16.37
N GLY A 496 -35.45 1.26 -16.13
CA GLY A 496 -34.52 1.28 -17.20
C GLY A 496 -34.57 0.02 -18.08
N ASN A 497 -34.70 -1.16 -17.45
CA ASN A 497 -34.74 -2.41 -18.23
C ASN A 497 -36.06 -2.62 -18.93
N ALA A 498 -37.11 -1.92 -18.50
CA ALA A 498 -38.41 -2.03 -19.14
C ALA A 498 -38.52 -1.35 -20.49
N GLU A 499 -37.59 -0.42 -20.80
CA GLU A 499 -37.71 0.36 -22.00
C GLU A 499 -37.28 -0.45 -23.21
N PRO A 500 -37.96 -0.27 -24.32
CA PRO A 500 -37.54 -0.95 -25.50
C PRO A 500 -36.17 -0.49 -25.89
N MET A 501 -35.47 -1.41 -26.51
CA MET A 501 -34.11 -1.25 -26.84
C MET A 501 -33.90 -0.23 -27.95
N VAL A 502 -32.77 0.46 -27.93
CA VAL A 502 -32.47 1.37 -28.99
C VAL A 502 -32.02 0.58 -30.23
N GLU A 503 -32.10 1.22 -31.39
CA GLU A 503 -31.78 0.55 -32.63
C GLU A 503 -30.39 0.03 -32.64
N ARG A 504 -30.28 -1.24 -32.97
CA ARG A 504 -29.01 -1.92 -33.04
C ARG A 504 -28.30 -2.17 -31.68
N GLY A 505 -28.91 -1.83 -30.56
CA GLY A 505 -28.27 -2.06 -29.27
C GLY A 505 -29.11 -3.05 -28.46
N ARG A 506 -28.76 -3.19 -27.17
CA ARG A 506 -29.42 -4.15 -26.31
C ARG A 506 -29.94 -3.53 -25.02
N VAL A 507 -29.99 -2.18 -25.01
CA VAL A 507 -30.60 -1.41 -23.90
C VAL A 507 -31.40 -0.26 -24.48
N GLY A 508 -32.30 0.28 -23.69
CA GLY A 508 -33.15 1.40 -24.09
C GLY A 508 -32.46 2.76 -23.90
N PRO A 509 -33.19 3.84 -24.21
CA PRO A 509 -32.70 5.22 -24.07
C PRO A 509 -32.15 5.57 -22.70
N LEU A 510 -32.87 5.29 -21.65
CA LEU A 510 -32.36 5.73 -20.36
C LEU A 510 -31.04 5.04 -20.07
N LEU A 511 -31.04 3.72 -20.17
CA LEU A 511 -29.81 3.02 -19.88
C LEU A 511 -28.63 3.39 -20.77
N ALA A 512 -28.89 3.65 -22.04
CA ALA A 512 -27.89 4.05 -22.97
C ALA A 512 -27.18 5.31 -22.49
N CYS A 513 -27.97 6.23 -21.93
CA CYS A 513 -27.46 7.44 -21.37
C CYS A 513 -26.60 7.17 -20.14
N LEU A 514 -27.11 6.41 -19.17
CA LEU A 514 -26.35 6.19 -17.92
C LEU A 514 -25.12 5.40 -18.14
N LEU A 515 -25.23 4.32 -18.94
CA LEU A 515 -24.08 3.53 -19.26
C LEU A 515 -23.10 4.34 -20.14
N GLY A 516 -23.64 5.01 -21.16
CA GLY A 516 -22.79 5.71 -22.17
C GLY A 516 -21.96 6.77 -21.51
N ARG A 517 -22.57 7.56 -20.64
CA ARG A 517 -21.87 8.55 -19.84
C ARG A 517 -20.75 7.92 -19.04
N GLN A 518 -21.08 6.88 -18.31
CA GLN A 518 -20.04 6.24 -17.47
C GLN A 518 -18.85 5.72 -18.29
N PHE A 519 -19.11 5.01 -19.36
CA PHE A 519 -18.03 4.48 -20.11
C PHE A 519 -17.16 5.63 -20.76
N GLN A 520 -17.82 6.68 -21.22
CA GLN A 520 -17.11 7.88 -21.75
C GLN A 520 -16.12 8.38 -20.72
N GLN A 521 -16.59 8.51 -19.50
CA GLN A 521 -15.77 8.99 -18.38
C GLN A 521 -14.64 8.09 -17.91
N ILE A 522 -14.88 6.78 -17.89
CA ILE A 522 -13.80 5.89 -17.53
C ILE A 522 -12.73 5.86 -18.66
N ARG A 523 -13.10 6.03 -19.92
CA ARG A 523 -12.08 6.23 -20.93
C ARG A 523 -11.42 7.60 -20.79
N ASP A 524 -12.21 8.69 -20.93
CA ASP A 524 -11.61 10.06 -20.98
C ASP A 524 -10.85 10.46 -19.69
N GLY A 525 -11.12 9.78 -18.60
CA GLY A 525 -10.59 10.17 -17.31
C GLY A 525 -9.52 9.30 -16.79
N ASP A 526 -9.03 8.42 -17.64
CA ASP A 526 -8.04 7.45 -17.24
C ASP A 526 -6.69 7.88 -17.88
N ARG A 527 -5.70 8.22 -17.04
CA ARG A 527 -4.38 8.66 -17.55
C ARG A 527 -3.68 7.52 -18.27
N PHE A 528 -4.06 6.27 -17.94
CA PHE A 528 -3.40 5.10 -18.52
C PHE A 528 -4.30 4.43 -19.54
N TRP A 529 -5.31 5.12 -20.06
CA TRP A 529 -6.07 4.61 -21.19
C TRP A 529 -5.06 4.18 -22.27
N TRP A 530 -5.33 3.06 -22.94
CA TRP A 530 -4.34 2.46 -23.82
C TRP A 530 -3.99 3.35 -25.02
N GLU A 531 -4.96 4.09 -25.53
CA GLU A 531 -4.72 5.05 -26.59
C GLU A 531 -4.12 6.39 -26.14
N ASN A 532 -3.94 6.61 -24.84
CA ASN A 532 -3.44 7.90 -24.41
C ASN A 532 -1.93 8.04 -24.77
N PRO A 533 -1.57 9.07 -25.58
CA PRO A 533 -0.17 9.18 -25.97
C PRO A 533 0.78 9.03 -24.78
N GLY A 534 1.82 8.20 -24.94
CA GLY A 534 2.82 7.98 -23.87
C GLY A 534 2.62 6.72 -23.04
N VAL A 535 1.40 6.15 -23.07
CA VAL A 535 1.15 4.97 -22.27
C VAL A 535 1.83 3.78 -22.91
N PHE A 536 1.54 3.61 -24.22
CA PHE A 536 2.21 2.68 -25.14
C PHE A 536 2.85 3.44 -26.34
N THR A 537 3.94 2.87 -26.88
CA THR A 537 4.58 3.45 -28.05
C THR A 537 3.61 3.20 -29.14
N GLU A 538 3.79 3.86 -30.28
CA GLU A 538 2.84 3.69 -31.41
C GLU A 538 2.89 2.33 -32.07
N LYS A 539 4.08 1.71 -32.09
CA LYS A 539 4.21 0.34 -32.58
C LYS A 539 3.41 -0.64 -31.68
N GLN A 540 3.55 -0.48 -30.36
CA GLN A 540 2.74 -1.24 -29.37
C GLN A 540 1.24 -1.07 -29.64
N ARG A 541 0.80 0.17 -29.77
CA ARG A 541 -0.57 0.37 -30.16
C ARG A 541 -0.98 -0.32 -31.42
N ASP A 542 -0.16 -0.32 -32.49
CA ASP A 542 -0.63 -0.96 -33.77
C ASP A 542 -0.78 -2.49 -33.61
N SER A 543 0.04 -3.10 -32.78
CA SER A 543 -0.13 -4.52 -32.46
C SER A 543 -1.42 -4.78 -31.65
N LEU A 544 -1.64 -3.95 -30.64
CA LEU A 544 -2.75 -4.12 -29.75
C LEU A 544 -4.01 -4.09 -30.51
N GLN A 545 -4.07 -3.27 -31.55
CA GLN A 545 -5.31 -3.18 -32.32
C GLN A 545 -5.83 -4.52 -32.85
N LYS A 546 -4.95 -5.52 -32.94
CA LYS A 546 -5.29 -6.79 -33.58
C LYS A 546 -5.84 -7.81 -32.57
N VAL A 547 -5.83 -7.48 -31.28
CA VAL A 547 -6.31 -8.44 -30.28
C VAL A 547 -7.73 -8.80 -30.55
N SER A 548 -8.14 -9.99 -30.14
CA SER A 548 -9.54 -10.36 -30.23
C SER A 548 -9.84 -11.40 -29.15
N PHE A 549 -11.12 -11.58 -28.85
CA PHE A 549 -11.44 -12.65 -27.90
C PHE A 549 -11.10 -13.99 -28.52
N SER A 550 -11.35 -14.15 -29.83
CA SER A 550 -11.07 -15.44 -30.46
C SER A 550 -9.64 -15.83 -30.28
N ARG A 551 -8.73 -14.89 -30.39
CA ARG A 551 -7.31 -15.19 -30.27
C ARG A 551 -6.95 -15.51 -28.86
N LEU A 552 -7.55 -14.80 -27.93
CA LEU A 552 -7.36 -15.17 -26.52
C LEU A 552 -7.68 -16.66 -26.28
N ILE A 553 -8.75 -17.14 -26.87
CA ILE A 553 -9.14 -18.54 -26.69
C ILE A 553 -8.12 -19.46 -27.38
N CYS A 554 -7.76 -19.10 -28.61
CA CYS A 554 -6.79 -19.86 -29.38
C CYS A 554 -5.54 -20.02 -28.57
N ASP A 555 -5.10 -18.94 -27.91
CA ASP A 555 -3.82 -18.95 -27.22
C ASP A 555 -3.85 -19.59 -25.85
N ASN A 556 -5.02 -19.79 -25.26
CA ASN A 556 -5.05 -20.18 -23.85
C ASN A 556 -5.97 -21.38 -23.58
N THR A 557 -6.43 -22.03 -24.64
CA THR A 557 -7.15 -23.30 -24.50
C THR A 557 -6.60 -24.34 -25.51
N HIS A 558 -7.27 -25.48 -25.67
CA HIS A 558 -7.05 -26.36 -26.84
C HIS A 558 -8.23 -26.35 -27.80
N ILE A 559 -8.98 -25.24 -27.80
CA ILE A 559 -10.06 -25.06 -28.77
C ILE A 559 -9.31 -24.59 -30.00
N THR A 560 -9.46 -25.27 -31.14
CA THR A 560 -8.62 -25.03 -32.34
C THR A 560 -9.43 -24.40 -33.46
N LYS A 561 -10.76 -24.38 -33.30
CA LYS A 561 -11.68 -23.80 -34.25
C LYS A 561 -12.49 -22.70 -33.54
N VAL A 562 -12.52 -21.50 -34.11
CA VAL A 562 -13.18 -20.34 -33.52
C VAL A 562 -13.77 -19.43 -34.60
N PRO A 563 -14.76 -18.59 -34.25
CA PRO A 563 -15.18 -17.62 -35.19
C PRO A 563 -14.28 -16.42 -35.22
N LEU A 564 -14.47 -15.57 -36.21
CA LEU A 564 -13.78 -14.29 -36.22
C LEU A 564 -14.41 -13.29 -35.27
N HIS A 565 -15.72 -13.28 -35.20
CA HIS A 565 -16.42 -12.25 -34.43
C HIS A 565 -17.16 -12.97 -33.29
N ALA A 566 -16.40 -13.20 -32.20
CA ALA A 566 -16.85 -14.03 -31.10
C ALA A 566 -18.11 -13.57 -30.37
N PHE A 567 -18.45 -12.28 -30.44
CA PHE A 567 -19.67 -11.76 -29.82
C PHE A 567 -20.95 -11.95 -30.64
N GLN A 568 -20.80 -12.20 -31.91
CA GLN A 568 -21.90 -12.45 -32.79
C GLN A 568 -22.34 -13.86 -32.59
N ALA A 569 -23.58 -14.12 -32.91
CA ALA A 569 -24.08 -15.48 -32.94
C ALA A 569 -23.37 -16.12 -34.11
N ASN A 570 -22.83 -17.31 -33.89
CA ASN A 570 -21.98 -18.05 -34.81
C ASN A 570 -22.28 -19.55 -34.67
N ASN A 571 -22.44 -20.22 -35.82
CA ASN A 571 -22.89 -21.60 -35.86
C ASN A 571 -21.81 -22.41 -36.48
N TYR A 572 -21.48 -23.53 -35.83
CA TYR A 572 -20.39 -24.43 -36.25
C TYR A 572 -20.92 -25.41 -37.31
N PRO A 573 -20.13 -25.68 -38.36
CA PRO A 573 -18.83 -25.16 -38.76
C PRO A 573 -18.82 -23.94 -39.66
N HIS A 574 -19.95 -23.53 -40.21
CA HIS A 574 -19.93 -22.49 -41.24
C HIS A 574 -19.26 -21.18 -40.79
N ASP A 575 -19.45 -20.81 -39.54
CA ASP A 575 -18.91 -19.54 -39.03
C ASP A 575 -17.57 -19.67 -38.32
N PHE A 576 -16.94 -20.83 -38.47
CA PHE A 576 -15.79 -21.11 -37.64
C PHE A 576 -14.58 -21.34 -38.50
N VAL A 577 -13.43 -20.87 -38.04
CA VAL A 577 -12.22 -20.98 -38.80
C VAL A 577 -11.14 -21.47 -37.92
N ASP A 578 -10.09 -21.99 -38.54
CA ASP A 578 -8.97 -22.46 -37.81
C ASP A 578 -8.26 -21.25 -37.20
N CYS A 579 -7.63 -21.48 -36.05
CA CYS A 579 -6.91 -20.44 -35.31
C CYS A 579 -5.76 -19.77 -36.06
N SER A 580 -5.17 -20.42 -37.05
CA SER A 580 -4.15 -19.77 -37.86
C SER A 580 -4.79 -18.60 -38.62
N ALA A 581 -6.08 -18.65 -38.87
CA ALA A 581 -6.73 -17.53 -39.53
C ALA A 581 -6.99 -16.32 -38.63
N VAL A 582 -6.57 -16.34 -37.35
CA VAL A 582 -6.89 -15.21 -36.47
C VAL A 582 -5.62 -14.47 -36.08
N ASP A 583 -5.63 -13.14 -36.19
CA ASP A 583 -4.47 -12.34 -35.91
C ASP A 583 -3.93 -12.69 -34.54
N LYS A 584 -2.63 -12.56 -34.38
CA LYS A 584 -1.99 -12.67 -33.07
C LYS A 584 -1.53 -11.32 -32.58
N LEU A 585 -1.28 -11.25 -31.29
CA LEU A 585 -0.67 -10.12 -30.72
C LEU A 585 0.82 -10.23 -31.02
N ASP A 586 1.33 -9.29 -31.80
CA ASP A 586 2.74 -9.32 -32.16
C ASP A 586 3.50 -8.59 -31.12
N LEU A 587 4.32 -9.31 -30.34
CA LEU A 587 5.03 -8.68 -29.23
C LEU A 587 6.45 -8.14 -29.54
N SER A 588 6.86 -8.11 -30.78
CA SER A 588 8.25 -7.61 -31.00
C SER A 588 8.42 -6.18 -30.46
N PRO A 589 7.38 -5.31 -30.60
CA PRO A 589 7.50 -3.97 -30.07
C PRO A 589 7.80 -3.85 -28.59
N TRP A 590 7.79 -4.96 -27.85
CA TRP A 590 8.11 -4.93 -26.45
C TRP A 590 9.55 -5.35 -26.25
N ALA A 591 10.21 -5.72 -27.34
CA ALA A 591 11.67 -6.03 -27.33
C ALA A 591 12.49 -4.84 -26.82
N SER A 592 13.06 -4.96 -25.64
CA SER A 592 13.81 -3.91 -24.96
C SER A 592 15.28 -4.27 -24.96
N ARG A 593 16.05 -3.69 -25.87
CA ARG A 593 17.47 -4.04 -25.90
C ARG A 593 18.27 -2.97 -25.15
N GLU A 594 19.61 -3.10 -25.12
CA GLU A 594 20.51 -2.21 -24.37
C GLU A 594 20.97 -0.98 -25.18
N ASN A 595 21.35 -1.21 -26.45
CA ASN A 595 21.82 -0.16 -27.34
C ASN A 595 20.75 0.84 -27.76
N SER B 1 9.04 -18.17 8.83
CA SER B 1 9.57 -18.94 7.65
C SER B 1 9.04 -20.39 7.60
N TRP B 2 7.74 -20.52 7.36
CA TRP B 2 7.12 -21.79 6.92
C TRP B 2 5.71 -21.55 6.35
N GLU B 3 5.55 -20.88 5.19
CA GLU B 3 6.60 -20.22 4.36
C GLU B 3 6.12 -18.97 3.57
N VAL B 4 4.95 -18.43 3.91
CA VAL B 4 4.10 -17.71 2.94
C VAL B 4 4.95 -17.01 1.89
N GLY B 5 4.48 -17.05 0.65
CA GLY B 5 5.14 -16.44 -0.48
C GLY B 5 4.63 -15.03 -0.56
N CYS B 6 5.02 -14.22 0.42
CA CYS B 6 4.65 -12.81 0.43
C CYS B 6 5.85 -11.89 0.71
N GLY B 7 5.64 -10.60 0.47
CA GLY B 7 6.68 -9.57 0.59
C GLY B 7 7.14 -9.15 -0.81
N ALA B 8 6.71 -7.97 -1.28
CA ALA B 8 7.01 -7.51 -2.64
C ALA B 8 7.29 -6.00 -2.77
N PRO B 9 8.56 -5.59 -3.01
CA PRO B 9 8.91 -4.22 -3.41
C PRO B 9 8.99 -4.03 -4.95
N VAL B 10 9.91 -3.18 -5.42
CA VAL B 10 10.32 -3.13 -6.83
C VAL B 10 11.85 -3.31 -6.95
N PRO B 11 12.33 -4.54 -7.25
CA PRO B 11 13.78 -4.78 -7.42
C PRO B 11 14.34 -4.04 -8.64
N LEU B 12 15.64 -3.77 -8.63
CA LEU B 12 16.26 -2.79 -9.53
C LEU B 12 17.59 -3.21 -10.19
N VAL B 13 18.19 -4.34 -9.79
CA VAL B 13 19.61 -4.69 -10.06
C VAL B 13 19.78 -6.17 -10.54
N THR B 14 20.77 -6.44 -11.43
CA THR B 14 21.27 -7.82 -11.76
C THR B 14 22.72 -8.02 -11.23
N CYS B 15 23.06 -9.22 -10.76
CA CYS B 15 24.26 -9.36 -9.91
C CYS B 15 25.55 -9.50 -10.66
N ASP B 16 25.84 -8.48 -11.47
CA ASP B 16 27.00 -8.49 -12.34
C ASP B 16 28.16 -9.07 -11.50
N GLU B 17 28.65 -10.23 -11.93
CA GLU B 17 29.52 -11.08 -11.09
C GLU B 17 30.40 -10.13 -10.35
N GLN B 18 31.33 -9.57 -11.08
CA GLN B 18 32.53 -9.07 -10.49
C GLN B 18 32.50 -7.57 -10.17
N SER B 19 31.35 -6.90 -10.20
CA SER B 19 31.37 -5.49 -9.80
C SER B 19 32.08 -5.44 -8.44
N PRO B 20 33.16 -4.62 -8.34
CA PRO B 20 33.94 -4.40 -7.12
C PRO B 20 33.31 -3.29 -6.26
N TYR B 21 32.15 -2.79 -6.70
CA TYR B 21 31.43 -1.73 -5.98
C TYR B 21 30.07 -2.20 -5.55
N ARG B 22 29.57 -1.62 -4.46
CA ARG B 22 28.25 -1.90 -4.01
C ARG B 22 27.24 -1.41 -4.97
N THR B 23 26.08 -2.04 -5.02
CA THR B 23 24.93 -1.44 -5.65
C THR B 23 24.43 -0.32 -4.71
N ILE B 24 23.57 0.53 -5.24
CA ILE B 24 22.95 1.60 -4.47
C ILE B 24 21.92 1.06 -3.47
N THR B 25 21.10 0.11 -3.93
CA THR B 25 20.00 -0.48 -3.15
C THR B 25 20.44 -1.55 -2.16
N GLY B 26 21.70 -1.92 -2.19
CA GLY B 26 22.25 -3.00 -1.38
C GLY B 26 22.10 -4.41 -1.92
N ASP B 27 21.34 -4.57 -3.00
CA ASP B 27 21.14 -5.90 -3.64
C ASP B 27 22.45 -6.49 -4.12
N CYS B 28 22.47 -7.81 -4.26
CA CYS B 28 23.65 -8.57 -4.71
C CYS B 28 24.82 -8.59 -3.74
N ASN B 29 24.71 -7.97 -2.56
CA ASN B 29 25.79 -8.07 -1.57
C ASN B 29 25.99 -9.51 -1.14
N ASN B 30 24.90 -10.18 -0.79
CA ASN B 30 24.88 -11.63 -0.55
C ASN B 30 24.52 -12.35 -1.86
N ARG B 31 25.46 -13.18 -2.35
CA ARG B 31 25.30 -13.81 -3.67
C ARG B 31 24.25 -14.92 -3.62
N ARG B 32 24.33 -15.76 -2.59
CA ARG B 32 23.34 -16.82 -2.37
C ARG B 32 21.92 -16.24 -2.24
N SER B 33 21.75 -15.17 -1.45
CA SER B 33 20.44 -14.50 -1.34
C SER B 33 20.54 -12.97 -1.55
N PRO B 34 20.36 -12.53 -2.81
CA PRO B 34 20.77 -11.20 -3.23
C PRO B 34 20.03 -9.98 -2.60
N ALA B 35 18.80 -10.19 -2.14
CA ALA B 35 18.01 -9.14 -1.49
C ALA B 35 18.34 -8.94 -0.01
N LEU B 36 19.07 -9.82 0.60
CA LEU B 36 19.41 -9.62 1.98
C LEU B 36 20.13 -8.33 2.26
N GLY B 37 19.57 -7.51 3.12
CA GLY B 37 20.23 -6.29 3.51
C GLY B 37 19.91 -5.18 2.54
N ALA B 38 19.24 -5.47 1.43
CA ALA B 38 18.82 -4.46 0.47
C ALA B 38 17.80 -3.57 1.11
N ALA B 39 17.66 -2.39 0.52
CA ALA B 39 16.67 -1.40 0.95
C ALA B 39 15.29 -1.80 0.52
N ASN B 40 14.31 -1.19 1.17
CA ASN B 40 12.86 -1.37 0.93
C ASN B 40 12.34 -2.78 1.03
N ARG B 41 12.81 -3.51 2.03
CA ARG B 41 12.26 -4.79 2.44
C ARG B 41 11.96 -4.79 3.93
N ALA B 42 11.32 -5.84 4.40
CA ALA B 42 11.03 -5.97 5.78
C ALA B 42 12.20 -5.89 6.74
N LEU B 43 12.03 -5.20 7.87
CA LEU B 43 12.96 -5.31 8.97
C LEU B 43 12.92 -6.73 9.45
N ALA B 44 14.04 -7.23 9.89
CA ALA B 44 14.12 -8.59 10.36
C ALA B 44 13.48 -8.67 11.73
N ARG B 45 12.92 -9.84 12.00
CA ARG B 45 12.38 -10.15 13.30
C ARG B 45 13.16 -11.21 13.99
N TRP B 46 13.85 -10.82 15.05
CA TRP B 46 14.53 -11.78 15.90
C TRP B 46 13.59 -12.59 16.85
N LEU B 47 12.46 -11.97 17.19
CA LEU B 47 11.39 -12.59 17.96
C LEU B 47 10.14 -12.42 17.16
N PRO B 48 9.17 -13.33 17.34
CA PRO B 48 7.87 -13.08 16.74
C PRO B 48 7.19 -11.78 17.25
N ALA B 49 6.48 -11.15 16.35
CA ALA B 49 5.78 -9.89 16.55
C ALA B 49 4.67 -10.06 17.54
N GLU B 50 4.33 -8.99 18.27
CA GLU B 50 3.35 -9.08 19.33
C GLU B 50 2.42 -7.93 19.09
N TYR B 51 1.22 -8.31 18.65
CA TYR B 51 0.14 -7.44 18.36
C TYR B 51 -1.06 -7.91 19.12
N GLU B 52 -1.98 -6.99 19.33
CA GLU B 52 -3.22 -7.20 20.03
C GLU B 52 -3.99 -8.38 19.46
N ASP B 53 -4.03 -8.44 18.16
CA ASP B 53 -4.72 -9.52 17.46
C ASP B 53 -3.76 -10.50 16.82
N GLY B 54 -2.52 -10.57 17.28
CA GLY B 54 -1.52 -11.41 16.60
C GLY B 54 -1.05 -10.97 15.20
N LEU B 55 -1.66 -10.00 14.56
CA LEU B 55 -1.27 -9.69 13.20
C LEU B 55 -0.80 -8.25 12.95
N ALA B 56 -1.56 -7.28 13.42
CA ALA B 56 -1.27 -5.92 13.06
C ALA B 56 -1.75 -4.86 14.07
N VAL B 57 -2.69 -5.21 14.94
CA VAL B 57 -3.31 -4.26 15.84
C VAL B 57 -2.40 -3.99 17.07
N PRO B 58 -2.11 -2.71 17.35
CA PRO B 58 -1.08 -2.52 18.37
C PRO B 58 -1.64 -2.72 19.74
N PHE B 59 -0.85 -3.29 20.62
CA PHE B 59 -1.16 -3.12 22.04
C PHE B 59 -1.36 -1.64 22.35
N GLY B 60 -2.48 -1.35 23.01
CA GLY B 60 -2.90 0.00 23.35
C GLY B 60 -4.12 0.44 22.53
N TRP B 61 -4.45 -0.32 21.50
CA TRP B 61 -5.47 0.12 20.57
C TRP B 61 -6.86 0.05 21.17
N THR B 62 -7.19 -1.07 21.79
CA THR B 62 -8.61 -1.39 22.10
C THR B 62 -8.87 -1.30 23.57
N GLN B 63 -9.86 -0.53 24.00
CA GLN B 63 -10.13 -0.27 25.42
C GLN B 63 -10.33 -1.47 26.36
N ARG B 64 -11.25 -2.35 26.07
CA ARG B 64 -11.46 -3.40 27.08
C ARG B 64 -10.56 -4.67 26.92
N LYS B 65 -9.63 -4.61 25.97
CA LYS B 65 -8.62 -5.65 25.84
C LYS B 65 -7.44 -5.32 26.75
N THR B 66 -6.50 -6.24 26.83
CA THR B 66 -5.38 -6.15 27.76
C THR B 66 -4.20 -6.78 27.15
N ARG B 67 -3.03 -6.42 27.68
CA ARG B 67 -1.84 -7.08 27.34
C ARG B 67 -1.47 -7.85 28.57
N ASN B 68 -1.41 -9.17 28.44
CA ASN B 68 -1.21 -10.04 29.60
C ASN B 68 -2.12 -9.73 30.79
N GLY B 69 -3.31 -9.26 30.50
CA GLY B 69 -4.26 -9.02 31.57
C GLY B 69 -4.32 -7.60 32.14
N PHE B 70 -3.45 -6.70 31.64
CA PHE B 70 -3.42 -5.34 32.14
C PHE B 70 -3.51 -4.36 30.99
N ARG B 71 -4.07 -3.19 31.22
CA ARG B 71 -4.08 -2.11 30.23
C ARG B 71 -2.65 -1.59 30.14
N VAL B 72 -2.21 -1.16 28.97
CA VAL B 72 -0.91 -0.55 28.81
C VAL B 72 -1.03 0.95 29.00
N PRO B 73 -0.09 1.52 29.73
CA PRO B 73 -0.17 2.93 30.06
C PRO B 73 -0.03 3.84 28.83
N LEU B 74 -0.70 4.97 28.86
CA LEU B 74 -0.59 5.94 27.77
C LEU B 74 0.90 6.32 27.59
N ALA B 75 1.39 6.30 26.38
CA ALA B 75 2.79 6.67 26.08
C ALA B 75 3.19 8.02 26.71
N ARG B 76 2.27 8.99 26.65
CA ARG B 76 2.54 10.34 27.14
C ARG B 76 2.60 10.38 28.65
N GLU B 77 1.81 9.52 29.34
CA GLU B 77 1.92 9.41 30.81
C GLU B 77 3.22 8.83 31.30
N VAL B 78 3.72 7.80 30.61
CA VAL B 78 5.05 7.29 30.88
C VAL B 78 6.09 8.38 30.69
N SER B 79 6.03 9.03 29.53
CA SER B 79 6.92 10.15 29.26
C SER B 79 6.90 11.13 30.44
N ASN B 80 5.73 11.63 30.81
CA ASN B 80 5.64 12.64 31.85
C ASN B 80 6.21 12.13 33.17
N LYS B 81 5.82 10.93 33.59
CA LYS B 81 6.11 10.46 34.98
C LYS B 81 7.48 9.88 35.13
N ILE B 82 8.00 9.30 34.06
CA ILE B 82 9.32 8.68 34.10
C ILE B 82 10.43 9.41 33.36
N VAL B 83 10.12 9.90 32.16
CA VAL B 83 11.13 10.29 31.19
C VAL B 83 11.56 11.79 31.34
N GLY B 84 10.73 12.61 31.95
CA GLY B 84 10.86 14.06 31.91
C GLY B 84 11.69 14.55 33.07
N TYR B 85 12.29 15.70 32.90
CA TYR B 85 12.93 16.39 34.00
C TYR B 85 13.04 17.86 33.69
N LEU B 86 13.33 18.64 34.74
CA LEU B 86 13.31 20.10 34.61
C LEU B 86 14.68 20.69 34.58
N ASP B 87 15.59 20.14 35.33
CA ASP B 87 16.85 20.81 35.64
C ASP B 87 17.99 20.17 34.87
N GLU B 88 18.56 20.93 33.96
CA GLU B 88 19.64 20.53 33.11
C GLU B 88 21.00 20.60 33.80
N GLU B 89 21.00 21.14 34.99
CA GLU B 89 22.20 21.29 35.73
C GLU B 89 22.74 19.92 36.10
N GLY B 90 24.00 19.68 35.78
CA GLY B 90 24.70 18.43 36.11
C GLY B 90 24.43 17.26 35.17
N VAL B 91 23.61 17.48 34.12
CA VAL B 91 23.10 16.38 33.27
C VAL B 91 24.09 15.97 32.20
N LEU B 92 25.16 16.74 32.02
CA LEU B 92 26.03 16.49 30.86
C LEU B 92 26.93 15.33 31.11
N ASP B 93 27.42 14.72 30.02
CA ASP B 93 28.32 13.58 30.03
C ASP B 93 29.70 14.15 30.08
N GLN B 94 30.30 14.03 31.24
CA GLN B 94 31.58 14.62 31.50
C GLN B 94 32.72 13.98 30.72
N ASN B 95 32.48 12.87 30.04
CA ASN B 95 33.57 12.27 29.26
C ASN B 95 33.23 11.96 27.82
N ARG B 96 32.23 12.63 27.28
CA ARG B 96 31.82 12.49 25.87
C ARG B 96 31.43 13.84 25.24
N SER B 97 32.11 14.21 24.18
CA SER B 97 31.74 15.36 23.40
C SER B 97 30.36 15.17 22.76
N LEU B 98 29.81 16.27 22.27
CA LEU B 98 28.52 16.27 21.62
C LEU B 98 28.57 15.44 20.34
N LEU B 99 29.76 15.29 19.77
CA LEU B 99 29.96 14.46 18.60
C LEU B 99 29.61 12.98 18.75
N PHE B 100 29.83 12.46 19.94
CA PHE B 100 29.42 11.14 20.30
C PHE B 100 27.91 10.95 20.04
N MET B 101 27.08 11.86 20.57
CA MET B 101 25.63 11.77 20.29
C MET B 101 25.45 11.86 18.78
N GLN B 102 26.17 12.79 18.12
CA GLN B 102 25.86 13.09 16.79
C GLN B 102 26.25 11.96 15.83
N TRP B 103 27.39 11.33 16.09
CA TRP B 103 27.80 10.21 15.27
C TRP B 103 26.80 9.05 15.38
N GLY B 104 26.27 8.84 16.56
CA GLY B 104 25.20 7.84 16.69
C GLY B 104 24.03 8.07 15.77
N GLN B 105 23.55 9.30 15.67
CA GLN B 105 22.38 9.56 14.81
C GLN B 105 22.77 9.29 13.35
N ILE B 106 23.95 9.72 12.99
CA ILE B 106 24.53 9.46 11.67
C ILE B 106 24.58 7.95 11.30
N VAL B 107 25.14 7.15 12.17
CA VAL B 107 25.22 5.70 11.91
C VAL B 107 23.81 5.13 11.85
N ASP B 108 22.98 5.57 12.77
CA ASP B 108 21.60 5.09 12.81
C ASP B 108 20.97 5.30 11.44
N HIS B 109 21.20 6.47 10.79
CA HIS B 109 20.52 6.79 9.53
C HIS B 109 21.10 6.10 8.29
N ASP B 110 22.35 5.68 8.39
CA ASP B 110 22.97 4.79 7.42
C ASP B 110 22.19 3.47 7.47
N LEU B 111 21.89 3.01 8.66
CA LEU B 111 21.36 1.65 8.86
C LEU B 111 19.91 1.42 8.76
N ASP B 112 19.07 2.35 9.24
CA ASP B 112 17.63 2.09 9.26
C ASP B 112 16.70 3.29 9.14
N PHE B 113 15.63 3.11 8.40
CA PHE B 113 14.52 4.06 8.35
C PHE B 113 13.23 3.32 8.06
N ALA B 114 12.33 3.28 9.04
CA ALA B 114 10.97 2.76 8.87
C ALA B 114 10.02 3.91 8.55
N PRO B 115 9.79 4.19 7.26
CA PRO B 115 8.95 5.27 6.87
C PRO B 115 7.53 5.10 7.33
N GLU B 116 6.90 6.25 7.44
CA GLU B 116 5.63 6.41 8.04
C GLU B 116 4.64 6.72 6.95
N THR B 117 3.37 6.83 7.30
CA THR B 117 2.33 6.94 6.27
C THR B 117 1.61 8.29 6.26
N GLU B 118 2.02 9.28 7.07
CA GLU B 118 1.30 10.58 7.11
C GLU B 118 1.32 11.32 5.77
N LEU B 119 2.52 11.68 5.29
CA LEU B 119 2.67 12.38 4.01
C LEU B 119 1.73 11.78 2.94
N GLY B 120 1.82 10.47 2.75
CA GLY B 120 0.99 9.77 1.77
C GLY B 120 -0.50 9.65 2.08
N SER B 121 -0.91 10.02 3.30
CA SER B 121 -2.32 9.97 3.72
C SER B 121 -3.14 11.14 3.13
N SER B 122 -4.46 10.95 3.05
CA SER B 122 -5.39 12.00 2.60
C SER B 122 -5.49 13.16 3.59
N GLU B 123 -5.77 14.35 3.08
CA GLU B 123 -5.94 15.52 3.92
C GLU B 123 -6.98 15.29 5.01
N HIS B 124 -8.05 14.65 4.64
CA HIS B 124 -9.08 14.27 5.57
C HIS B 124 -8.53 13.42 6.73
N SER B 125 -7.71 12.44 6.45
CA SER B 125 -7.23 11.57 7.49
C SER B 125 -6.29 12.31 8.41
N LYS B 126 -5.48 13.14 7.84
CA LYS B 126 -4.59 14.00 8.59
C LYS B 126 -5.38 14.90 9.55
N VAL B 127 -6.49 15.42 9.06
CA VAL B 127 -7.32 16.30 9.83
C VAL B 127 -8.00 15.51 10.92
N GLN B 128 -8.50 14.32 10.61
CA GLN B 128 -9.13 13.48 11.62
C GLN B 128 -8.16 13.18 12.78
N CYS B 129 -6.89 13.05 12.43
CA CYS B 129 -5.90 12.58 13.38
C CYS B 129 -5.48 13.75 14.20
N GLU B 130 -5.14 14.87 13.55
CA GLU B 130 -4.63 16.02 14.33
C GLU B 130 -5.77 16.77 14.98
N GLU B 131 -6.79 17.15 14.19
CA GLU B 131 -7.81 18.03 14.72
C GLU B 131 -8.75 17.29 15.63
N TYR B 132 -9.05 16.02 15.32
CA TYR B 132 -10.08 15.33 16.07
C TYR B 132 -9.57 14.19 16.94
N CYS B 133 -8.27 13.89 16.91
CA CYS B 133 -7.75 12.81 17.75
C CYS B 133 -8.58 11.50 17.63
N VAL B 134 -8.96 11.17 16.40
CA VAL B 134 -9.78 10.01 16.10
C VAL B 134 -8.96 8.86 15.67
N GLN B 135 -8.92 7.84 16.53
CA GLN B 135 -8.21 6.61 16.25
C GLN B 135 -8.82 5.76 15.14
N GLY B 136 -8.02 5.36 14.18
CA GLY B 136 -8.51 4.52 13.09
C GLY B 136 -7.54 4.48 11.97
N ASP B 137 -7.51 3.34 11.30
CA ASP B 137 -6.62 3.12 10.19
C ASP B 137 -5.15 3.46 10.56
N GLU B 138 -4.49 4.35 9.82
CA GLU B 138 -3.11 4.74 10.11
C GLU B 138 -2.97 5.71 11.29
N CYS B 139 -4.04 6.37 11.70
CA CYS B 139 -4.01 7.28 12.86
C CYS B 139 -4.09 6.57 14.22
N PHE B 140 -3.02 6.62 15.00
CA PHE B 140 -2.93 5.92 16.32
C PHE B 140 -2.49 7.01 17.27
N PRO B 141 -3.42 7.91 17.60
CA PRO B 141 -3.03 9.16 18.23
C PRO B 141 -2.51 8.97 19.65
N ILE B 142 -1.62 9.88 20.05
CA ILE B 142 -1.01 9.82 21.42
C ILE B 142 -1.85 10.72 22.29
N MET B 143 -2.66 10.13 23.16
CA MET B 143 -3.62 10.86 23.96
C MET B 143 -2.96 11.42 25.20
N PHE B 144 -3.32 12.66 25.54
CA PHE B 144 -2.82 13.27 26.74
C PHE B 144 -3.52 12.69 27.96
N PRO B 145 -2.78 12.39 29.01
CA PRO B 145 -3.39 11.99 30.24
C PRO B 145 -3.91 13.19 31.02
N LYS B 146 -4.84 12.90 31.93
CA LYS B 146 -5.32 13.87 32.94
C LYS B 146 -4.23 14.82 33.45
N ASN B 147 -4.54 16.11 33.54
CA ASN B 147 -3.57 17.06 34.11
C ASN B 147 -2.34 17.38 33.24
N ASP B 148 -2.23 16.83 32.05
CA ASP B 148 -1.12 17.21 31.15
C ASP B 148 -1.23 18.70 30.78
N PRO B 149 -0.14 19.43 31.00
CA PRO B 149 -0.14 20.84 30.63
C PRO B 149 -0.57 21.07 29.21
N LYS B 150 -0.24 20.13 28.31
CA LYS B 150 -0.58 20.32 26.93
C LYS B 150 -2.07 20.34 26.62
N LEU B 151 -2.90 19.87 27.54
CA LEU B 151 -4.35 19.98 27.41
C LEU B 151 -4.78 21.46 27.34
N LYS B 152 -3.98 22.36 27.92
CA LYS B 152 -4.32 23.79 27.88
C LYS B 152 -3.88 24.50 26.62
N THR B 153 -2.98 23.89 25.84
CA THR B 153 -2.50 24.54 24.64
C THR B 153 -2.60 23.76 23.34
N GLN B 154 -2.78 22.44 23.40
CA GLN B 154 -2.64 21.64 22.19
C GLN B 154 -3.76 20.65 22.01
N GLY B 155 -4.85 20.78 22.72
CA GLY B 155 -5.95 19.81 22.54
C GLY B 155 -5.75 18.53 23.31
N LYS B 156 -6.28 17.45 22.77
CA LYS B 156 -6.43 16.20 23.51
C LYS B 156 -5.31 15.19 23.21
N CYS B 157 -4.57 15.42 22.14
CA CYS B 157 -3.59 14.44 21.68
C CYS B 157 -2.53 15.08 20.84
N MET B 158 -1.52 14.27 20.49
CA MET B 158 -0.62 14.51 19.42
C MET B 158 -0.93 13.50 18.36
N PRO B 159 -1.04 13.93 17.13
CA PRO B 159 -1.28 12.94 16.10
C PRO B 159 -0.07 12.08 15.86
N PHE B 160 -0.33 10.88 15.36
CA PHE B 160 0.70 9.85 15.13
C PHE B 160 0.20 8.89 14.07
N PHE B 161 1.01 8.68 13.03
CA PHE B 161 0.69 7.78 11.96
C PHE B 161 1.60 6.55 11.95
N ARG B 162 0.98 5.38 11.77
CA ARG B 162 1.66 4.11 11.79
C ARG B 162 2.70 3.93 10.70
N ALA B 163 3.70 3.14 11.00
CA ALA B 163 4.81 2.88 10.07
C ALA B 163 4.31 2.02 8.91
N GLY B 164 4.88 2.27 7.75
CA GLY B 164 4.55 1.55 6.55
C GLY B 164 4.96 0.09 6.71
N PHE B 165 4.43 -0.80 5.88
CA PHE B 165 4.80 -2.21 6.03
C PHE B 165 4.77 -3.00 4.73
N VAL B 166 5.42 -4.17 4.73
CA VAL B 166 5.56 -4.95 3.51
C VAL B 166 4.40 -5.92 3.31
N CYS B 167 4.48 -6.60 2.16
CA CYS B 167 3.74 -7.84 1.83
C CYS B 167 2.49 -7.14 1.43
N PRO B 168 2.68 -6.24 0.49
CA PRO B 168 2.17 -4.93 0.28
C PRO B 168 1.06 -4.52 1.18
N THR B 169 1.37 -3.64 2.14
CA THR B 169 0.68 -2.34 2.34
C THR B 169 -0.89 -2.39 2.59
N PRO B 170 -1.54 -1.27 3.01
CA PRO B 170 -2.90 -1.25 3.68
C PRO B 170 -3.75 -2.59 3.94
N PRO B 171 -4.99 -2.78 3.37
CA PRO B 171 -5.78 -3.88 4.04
C PRO B 171 -5.07 -5.24 4.23
N TYR B 172 -5.52 -6.00 5.23
CA TYR B 172 -4.72 -7.10 5.84
C TYR B 172 -5.14 -8.53 5.40
N GLN B 173 -4.40 -9.53 5.88
CA GLN B 173 -4.93 -10.90 6.10
C GLN B 173 -4.16 -11.71 7.19
N SER B 174 -3.26 -12.59 6.76
CA SER B 174 -2.50 -13.46 7.66
C SER B 174 -1.12 -12.88 7.83
N LEU B 175 -0.19 -13.70 8.47
CA LEU B 175 1.18 -13.36 8.91
C LEU B 175 1.46 -11.96 9.47
N ALA B 176 2.14 -11.87 10.56
CA ALA B 176 2.20 -10.59 11.23
C ALA B 176 2.88 -9.46 10.44
N ARG B 177 2.32 -8.28 10.53
CA ARG B 177 2.84 -7.08 9.93
C ARG B 177 4.29 -6.81 10.23
N ASP B 178 5.04 -6.60 9.16
CA ASP B 178 6.46 -6.25 9.19
C ASP B 178 6.74 -4.89 8.60
N GLN B 179 7.30 -4.00 9.43
CA GLN B 179 7.72 -2.67 8.95
C GLN B 179 8.91 -2.74 8.03
N ILE B 180 9.04 -1.76 7.19
CA ILE B 180 10.08 -1.66 6.18
C ILE B 180 11.35 -0.97 6.68
N ASN B 181 12.48 -1.45 6.23
CA ASN B 181 13.69 -0.66 6.22
C ASN B 181 13.99 -0.06 4.86
N ALA B 182 13.79 1.23 4.75
CA ALA B 182 13.95 1.94 3.49
C ALA B 182 15.40 2.29 3.12
N VAL B 183 16.38 1.95 3.95
CA VAL B 183 17.74 2.21 3.56
C VAL B 183 18.50 0.89 3.67
N THR B 184 19.75 0.90 3.27
CA THR B 184 20.55 -0.31 3.15
C THR B 184 21.05 -0.68 4.54
N SER B 185 20.97 -1.97 4.91
CA SER B 185 21.35 -2.42 6.23
C SER B 185 22.83 -2.37 6.45
N PHE B 186 23.54 -2.30 5.33
CA PHE B 186 24.98 -2.23 5.35
C PHE B 186 25.35 -0.81 5.78
N LEU B 187 26.47 -0.75 6.46
CA LEU B 187 27.11 0.46 6.90
C LEU B 187 27.96 0.93 5.75
N ASP B 188 27.32 1.63 4.82
CA ASP B 188 27.86 1.83 3.51
C ASP B 188 27.71 3.26 2.98
N ALA B 189 27.57 4.22 3.88
CA ALA B 189 27.37 5.61 3.49
C ALA B 189 26.14 5.83 2.63
N SER B 190 25.10 5.00 2.80
CA SER B 190 23.86 5.26 2.05
C SER B 190 23.23 6.60 2.44
N LEU B 191 23.54 7.14 3.60
CA LEU B 191 22.93 8.37 4.02
C LEU B 191 23.50 9.54 3.18
N VAL B 192 24.64 9.29 2.51
CA VAL B 192 25.26 10.27 1.60
C VAL B 192 24.83 10.04 0.16
N TYR B 193 24.78 8.79 -0.27
CA TYR B 193 24.63 8.46 -1.71
C TYR B 193 23.24 8.17 -2.09
N GLY B 194 22.42 7.79 -1.10
CA GLY B 194 21.06 7.31 -1.37
C GLY B 194 21.03 5.80 -1.34
N SER B 195 19.84 5.24 -1.14
CA SER B 195 19.61 3.80 -1.12
C SER B 195 18.68 3.39 -2.28
N GLU B 196 18.39 4.36 -3.14
CA GLU B 196 17.51 4.23 -4.30
C GLU B 196 18.23 4.86 -5.51
N PRO B 197 18.17 4.20 -6.68
CA PRO B 197 18.97 4.69 -7.83
C PRO B 197 18.68 6.07 -8.47
N SER B 198 17.44 6.45 -8.73
CA SER B 198 17.24 7.79 -9.31
C SER B 198 17.66 8.94 -8.37
N LEU B 199 17.42 8.75 -7.05
CA LEU B 199 17.93 9.71 -6.06
C LEU B 199 19.44 9.75 -6.14
N ALA B 200 20.09 8.58 -6.11
CA ALA B 200 21.56 8.57 -6.13
C ALA B 200 22.08 9.33 -7.34
N SER B 201 21.40 9.22 -8.47
CA SER B 201 21.88 9.94 -9.67
C SER B 201 21.58 11.42 -9.55
N ARG B 202 20.38 11.78 -9.08
CA ARG B 202 20.05 13.20 -8.90
C ARG B 202 21.08 13.92 -8.00
N LEU B 203 21.71 13.17 -7.08
CA LEU B 203 22.66 13.73 -6.13
C LEU B 203 24.06 13.91 -6.70
N ARG B 204 24.32 13.21 -7.79
CA ARG B 204 25.64 13.28 -8.46
C ARG B 204 25.78 14.52 -9.32
N ASN B 205 27.03 14.97 -9.49
CA ASN B 205 27.33 16.00 -10.49
C ASN B 205 27.71 15.25 -11.78
N LEU B 206 26.73 15.05 -12.66
CA LEU B 206 26.98 14.44 -13.95
C LEU B 206 27.54 15.49 -14.97
N SER B 207 27.43 16.79 -14.63
CA SER B 207 27.86 17.89 -15.50
C SER B 207 29.37 18.02 -15.60
N SER B 208 30.08 17.21 -14.85
CA SER B 208 31.50 17.09 -15.00
C SER B 208 31.82 15.60 -14.98
N PRO B 209 32.87 15.20 -15.69
CA PRO B 209 33.27 13.79 -15.60
C PRO B 209 34.25 13.60 -14.45
N LEU B 210 34.05 14.32 -13.36
CA LEU B 210 35.01 14.31 -12.26
C LEU B 210 34.52 13.49 -11.05
N GLY B 211 33.43 12.73 -11.24
CA GLY B 211 32.82 11.89 -10.17
C GLY B 211 32.40 12.64 -8.90
N LEU B 212 32.08 13.92 -9.02
CA LEU B 212 31.74 14.74 -7.86
C LEU B 212 30.29 14.52 -7.49
N MET B 213 29.96 14.82 -6.24
CA MET B 213 28.55 14.93 -5.85
C MET B 213 28.15 16.39 -6.04
N ALA B 214 26.91 16.60 -6.46
CA ALA B 214 26.34 17.95 -6.64
C ALA B 214 26.41 18.75 -5.36
N VAL B 215 26.69 20.05 -5.50
CA VAL B 215 26.73 20.97 -4.38
C VAL B 215 25.83 22.17 -4.64
N ASN B 216 25.46 22.85 -3.56
CA ASN B 216 24.65 24.04 -3.66
C ASN B 216 25.35 25.09 -4.56
N GLN B 217 24.56 25.68 -5.46
CA GLN B 217 25.02 26.73 -6.38
C GLN B 217 24.54 28.13 -5.93
N GLU B 218 23.80 28.19 -4.82
CA GLU B 218 23.24 29.43 -4.33
C GLU B 218 23.99 29.90 -3.13
N ALA B 219 24.65 28.98 -2.40
CA ALA B 219 25.35 29.34 -1.20
C ALA B 219 26.60 28.51 -0.98
N TRP B 220 27.56 29.11 -0.29
CA TRP B 220 28.87 28.55 -0.03
C TRP B 220 29.27 29.04 1.37
N ASP B 221 30.21 28.37 2.01
CA ASP B 221 30.56 28.58 3.43
C ASP B 221 32.05 28.98 3.43
N HIS B 222 32.33 30.26 3.20
CA HIS B 222 33.73 30.70 3.06
C HIS B 222 34.36 29.89 1.95
N GLY B 223 33.66 29.80 0.83
CA GLY B 223 34.12 28.99 -0.27
C GLY B 223 33.89 27.49 -0.24
N LEU B 224 33.53 26.91 0.92
CA LEU B 224 33.35 25.44 1.02
C LEU B 224 31.88 25.07 0.76
N ALA B 225 31.65 23.85 0.29
CA ALA B 225 30.35 23.45 -0.27
C ALA B 225 29.26 23.18 0.74
N TYR B 226 28.03 23.35 0.29
CA TYR B 226 26.83 22.89 1.01
C TYR B 226 26.13 21.91 0.15
N PRO B 227 25.30 21.04 0.76
CA PRO B 227 24.50 20.21 -0.05
C PRO B 227 23.57 21.00 -0.90
N PRO B 228 23.06 20.40 -1.98
CA PRO B 228 22.05 21.14 -2.72
C PRO B 228 20.77 21.33 -1.89
N PHE B 229 19.91 22.28 -2.30
CA PHE B 229 18.60 22.42 -1.69
C PHE B 229 17.63 21.40 -2.25
N ASN B 230 16.77 20.88 -1.40
CA ASN B 230 15.59 20.20 -1.86
C ASN B 230 14.49 21.21 -2.14
N ASN B 231 13.83 21.12 -3.27
CA ASN B 231 12.81 22.14 -3.61
C ASN B 231 11.37 21.67 -3.70
N VAL B 232 11.13 20.47 -3.19
CA VAL B 232 9.78 20.00 -2.91
C VAL B 232 9.08 21.00 -2.01
N LYS B 233 7.84 21.34 -2.36
CA LYS B 233 7.03 22.23 -1.53
C LYS B 233 5.83 21.45 -0.95
N PRO B 234 5.41 21.76 0.29
CA PRO B 234 6.00 22.72 1.24
C PRO B 234 7.18 22.15 1.99
N SER B 235 8.07 23.03 2.40
CA SER B 235 9.31 22.66 3.05
C SER B 235 9.17 22.99 4.53
N PRO B 236 9.45 21.99 5.41
CA PRO B 236 9.44 22.37 6.83
C PRO B 236 10.55 23.33 7.19
N CYS B 237 11.68 23.27 6.49
CA CYS B 237 12.83 24.11 6.84
C CYS B 237 12.53 25.58 6.49
N GLU B 238 11.68 25.78 5.49
CA GLU B 238 11.17 27.11 5.13
C GLU B 238 10.12 27.56 6.11
N PHE B 239 9.24 26.63 6.48
CA PHE B 239 8.19 26.92 7.37
C PHE B 239 8.70 27.53 8.69
N ILE B 240 9.82 27.06 9.22
CA ILE B 240 10.23 27.56 10.51
C ILE B 240 10.77 28.98 10.47
N ASN B 241 10.95 29.55 9.28
CA ASN B 241 11.28 30.95 9.16
C ASN B 241 11.04 31.35 7.72
N THR B 242 9.82 31.82 7.48
CA THR B 242 9.37 32.16 6.13
C THR B 242 10.07 33.39 5.55
N THR B 243 10.56 34.28 6.40
CA THR B 243 11.35 35.40 5.96
C THR B 243 12.69 34.97 5.38
N ALA B 244 13.39 34.05 6.06
CA ALA B 244 14.58 33.44 5.48
C ALA B 244 14.29 32.50 4.32
N HIS B 245 13.21 31.74 4.41
CA HIS B 245 12.80 30.73 3.45
C HIS B 245 13.98 29.95 2.86
N VAL B 246 14.82 29.40 3.73
CA VAL B 246 15.90 28.53 3.32
C VAL B 246 15.43 27.07 3.36
N PRO B 247 15.44 26.37 2.20
CA PRO B 247 14.94 25.01 2.17
C PRO B 247 15.80 24.04 2.92
N CYS B 248 15.28 22.84 3.08
CA CYS B 248 16.08 21.75 3.59
C CYS B 248 17.11 21.33 2.53
N PHE B 249 18.11 20.61 3.00
CA PHE B 249 19.13 20.06 2.16
C PHE B 249 18.61 18.84 1.49
N GLN B 250 19.17 18.50 0.34
CA GLN B 250 18.97 17.22 -0.33
C GLN B 250 20.17 16.35 -0.13
N ALA B 251 19.98 15.21 0.47
CA ALA B 251 21.09 14.28 0.73
C ALA B 251 20.60 12.85 0.53
N GLY B 252 21.46 11.87 0.77
CA GLY B 252 21.09 10.47 0.49
C GLY B 252 20.00 9.93 1.38
N ASP B 253 19.83 10.58 2.54
CA ASP B 253 18.80 10.20 3.46
C ASP B 253 17.86 11.38 3.71
N SER B 254 16.56 11.11 3.71
CA SER B 254 15.57 12.18 3.76
C SER B 254 15.54 12.93 5.13
N ARG B 255 16.24 12.45 6.15
CA ARG B 255 16.14 13.09 7.45
C ARG B 255 17.27 14.06 7.72
N ALA B 256 18.05 14.39 6.70
CA ALA B 256 19.35 15.06 6.87
C ALA B 256 19.25 16.40 7.56
N SER B 257 18.10 17.03 7.44
CA SER B 257 17.96 18.36 7.99
C SER B 257 17.19 18.38 9.31
N GLU B 258 16.84 17.24 9.88
CA GLU B 258 16.04 17.18 11.08
C GLU B 258 16.55 18.01 12.21
N GLN B 259 17.88 18.10 12.35
CA GLN B 259 18.46 19.12 13.15
C GLN B 259 19.81 19.59 12.65
N ILE B 260 20.22 20.75 13.11
CA ILE B 260 21.31 21.49 12.44
C ILE B 260 22.65 20.74 12.53
N LEU B 261 22.91 20.05 13.63
CA LEU B 261 24.18 19.30 13.72
C LEU B 261 24.23 18.04 12.87
N LEU B 262 23.07 17.48 12.53
CA LEU B 262 22.99 16.37 11.64
C LEU B 262 23.26 16.86 10.24
N ALA B 263 22.66 17.98 9.87
CA ALA B 263 22.95 18.62 8.60
C ALA B 263 24.45 19.02 8.51
N THR B 264 25.06 19.44 9.62
CA THR B 264 26.50 19.79 9.68
C THR B 264 27.32 18.55 9.34
N VAL B 265 26.96 17.38 9.90
CA VAL B 265 27.81 16.21 9.65
C VAL B 265 27.58 15.71 8.23
N HIS B 266 26.35 15.75 7.74
CA HIS B 266 26.06 15.41 6.36
C HIS B 266 26.90 16.28 5.38
N THR B 267 27.04 17.54 5.76
CA THR B 267 27.83 18.49 4.97
C THR B 267 29.30 18.07 4.93
N LEU B 268 29.87 17.70 6.07
CA LEU B 268 31.24 17.28 6.15
C LEU B 268 31.49 16.02 5.28
N LEU B 269 30.54 15.10 5.32
CA LEU B 269 30.68 13.85 4.60
C LEU B 269 30.65 14.13 3.10
N LEU B 270 29.73 14.97 2.69
CA LEU B 270 29.63 15.36 1.28
C LEU B 270 30.94 16.07 0.77
N ARG B 271 31.43 17.02 1.55
CA ARG B 271 32.68 17.74 1.26
C ARG B 271 33.79 16.69 1.12
N GLU B 272 33.85 15.72 2.03
CA GLU B 272 34.88 14.67 1.94
C GLU B 272 34.77 13.88 0.68
N HIS B 273 33.58 13.55 0.20
CA HIS B 273 33.50 12.80 -1.06
C HIS B 273 34.20 13.56 -2.18
N ASN B 274 33.87 14.84 -2.29
CA ASN B 274 34.46 15.64 -3.34
C ASN B 274 35.95 15.83 -3.17
N ARG B 275 36.42 15.96 -1.94
CA ARG B 275 37.86 16.03 -1.67
C ARG B 275 38.54 14.79 -2.23
N LEU B 276 37.96 13.63 -1.94
CA LEU B 276 38.48 12.35 -2.40
C LEU B 276 38.45 12.20 -3.91
N ALA B 277 37.38 12.63 -4.56
CA ALA B 277 37.27 12.50 -6.01
C ALA B 277 38.29 13.42 -6.72
N ARG B 278 38.69 14.51 -6.06
CA ARG B 278 39.58 15.47 -6.68
C ARG B 278 40.97 14.98 -6.53
N GLU B 279 41.25 14.39 -5.38
CA GLU B 279 42.55 13.82 -5.15
C GLU B 279 42.81 12.54 -5.98
N LEU B 280 41.77 11.76 -6.27
CA LEU B 280 41.88 10.59 -7.15
C LEU B 280 41.97 10.96 -8.61
N LYS B 281 41.32 12.04 -9.02
CA LYS B 281 41.38 12.46 -10.39
C LYS B 281 42.78 13.01 -10.69
N ARG B 282 43.40 13.52 -9.64
CA ARG B 282 44.76 13.96 -9.77
C ARG B 282 45.59 12.74 -10.01
N LEU B 283 45.54 11.81 -9.09
CA LEU B 283 46.39 10.61 -9.12
C LEU B 283 46.11 9.71 -10.32
N ASN B 284 44.89 9.73 -10.84
CA ASN B 284 44.50 8.87 -11.94
C ASN B 284 43.74 9.64 -12.97
N PRO B 285 44.43 10.59 -13.63
CA PRO B 285 43.79 11.46 -14.64
C PRO B 285 42.98 10.71 -15.68
N HIS B 286 43.31 9.46 -15.93
CA HIS B 286 42.63 8.62 -16.91
C HIS B 286 41.26 8.10 -16.48
N TRP B 287 41.07 7.93 -15.17
CA TRP B 287 39.78 7.44 -14.65
C TRP B 287 38.69 8.35 -15.08
N ASP B 288 37.59 7.76 -15.54
CA ASP B 288 36.42 8.52 -15.92
C ASP B 288 35.51 8.86 -14.70
N GLY B 289 34.43 9.59 -14.98
CA GLY B 289 33.52 10.12 -13.96
C GLY B 289 32.96 9.06 -13.03
N GLU B 290 32.47 7.96 -13.61
CA GLU B 290 31.93 6.82 -12.85
C GLU B 290 32.92 6.19 -11.87
N MET B 291 34.14 6.05 -12.33
CA MET B 291 35.12 5.35 -11.54
C MET B 291 35.54 6.21 -10.36
N LEU B 292 35.65 7.51 -10.62
CA LEU B 292 36.00 8.48 -9.58
C LEU B 292 34.92 8.50 -8.48
N TYR B 293 33.66 8.57 -8.91
CA TYR B 293 32.53 8.53 -8.00
C TYR B 293 32.61 7.27 -7.16
N GLN B 294 32.57 6.13 -7.85
CA GLN B 294 32.54 4.81 -7.16
C GLN B 294 33.69 4.62 -6.20
N GLU B 295 34.87 5.10 -6.59
CA GLU B 295 36.05 4.88 -5.76
C GLU B 295 36.04 5.81 -4.55
N ALA B 296 35.57 7.04 -4.74
CA ALA B 296 35.37 7.97 -3.60
C ALA B 296 34.32 7.40 -2.62
N ARG B 297 33.20 6.97 -3.17
CA ARG B 297 32.11 6.31 -2.44
C ARG B 297 32.60 5.17 -1.60
N LYS B 298 33.42 4.32 -2.20
CA LYS B 298 33.93 3.16 -1.52
C LYS B 298 34.81 3.57 -0.35
N ILE B 299 35.61 4.62 -0.52
CA ILE B 299 36.44 5.08 0.59
C ILE B 299 35.62 5.70 1.76
N LEU B 300 34.58 6.46 1.41
CA LEU B 300 33.75 7.17 2.40
C LEU B 300 32.99 6.15 3.23
N GLY B 301 32.44 5.18 2.52
CA GLY B 301 31.94 3.96 3.15
C GLY B 301 32.88 3.35 4.18
N ALA B 302 34.15 3.19 3.84
CA ALA B 302 35.12 2.59 4.77
C ALA B 302 35.45 3.49 5.93
N PHE B 303 35.59 4.79 5.64
CA PHE B 303 35.73 5.79 6.68
C PHE B 303 34.61 5.60 7.73
N ILE B 304 33.39 5.48 7.26
CA ILE B 304 32.24 5.36 8.22
C ILE B 304 32.37 4.09 9.08
N GLN B 305 32.74 3.00 8.44
CA GLN B 305 32.88 1.74 9.16
C GLN B 305 33.92 1.83 10.18
N ILE B 306 35.02 2.50 9.85
CA ILE B 306 36.14 2.53 10.79
C ILE B 306 35.90 3.34 11.99
N ILE B 307 35.42 4.56 11.77
CA ILE B 307 35.11 5.43 12.90
C ILE B 307 34.05 4.75 13.77
N THR B 308 33.09 4.14 13.14
CA THR B 308 32.04 3.46 13.96
C THR B 308 32.59 2.33 14.81
N PHE B 309 33.29 1.39 14.18
CA PHE B 309 33.78 0.18 14.90
C PHE B 309 35.03 0.40 15.77
N ARG B 310 35.97 1.22 15.35
CA ARG B 310 37.17 1.47 16.16
C ARG B 310 36.91 2.47 17.27
N ASP B 311 36.21 3.57 16.96
CA ASP B 311 36.09 4.67 17.98
C ASP B 311 34.77 4.71 18.73
N TYR B 312 33.68 4.55 17.98
CA TYR B 312 32.35 4.73 18.57
C TYR B 312 31.83 3.57 19.44
N LEU B 313 31.76 2.37 18.89
CA LEU B 313 31.10 1.24 19.61
C LEU B 313 31.80 0.87 20.89
N PRO B 314 33.14 1.03 20.93
CA PRO B 314 33.80 0.72 22.23
C PRO B 314 33.34 1.65 23.30
N ILE B 315 32.90 2.85 22.94
CA ILE B 315 32.47 3.74 24.00
C ILE B 315 30.97 3.63 24.29
N VAL B 316 30.21 2.99 23.40
CA VAL B 316 28.86 2.63 23.69
C VAL B 316 28.78 1.33 24.50
N LEU B 317 29.50 0.30 24.02
CA LEU B 317 29.42 -1.00 24.63
C LEU B 317 30.36 -1.25 25.84
N GLY B 318 31.38 -0.42 26.05
CA GLY B 318 32.26 -0.59 27.18
C GLY B 318 32.80 -2.04 27.29
N SER B 319 32.61 -2.65 28.48
CA SER B 319 33.12 -3.98 28.79
C SER B 319 32.48 -5.07 27.97
N GLU B 320 31.39 -4.75 27.27
CA GLU B 320 30.68 -5.75 26.46
C GLU B 320 31.13 -5.76 25.03
N MET B 321 32.01 -4.83 24.67
CA MET B 321 32.45 -4.69 23.28
C MET B 321 32.96 -6.05 22.75
N GLN B 322 33.97 -6.59 23.40
CA GLN B 322 34.63 -7.83 22.90
C GLN B 322 33.67 -9.02 22.97
N LYS B 323 32.81 -9.05 23.98
CA LYS B 323 31.80 -10.09 24.07
C LYS B 323 30.93 -10.18 22.83
N TRP B 324 30.42 -9.08 22.31
CA TRP B 324 29.48 -9.17 21.17
C TRP B 324 30.21 -9.00 19.84
N ILE B 325 31.34 -8.29 19.86
CA ILE B 325 32.03 -7.97 18.61
C ILE B 325 33.49 -8.33 18.80
N PRO B 326 33.78 -9.65 18.75
CA PRO B 326 35.15 -10.12 18.83
C PRO B 326 35.89 -9.81 17.52
N PRO B 327 37.23 -9.96 17.54
CA PRO B 327 38.04 -9.59 16.39
C PRO B 327 37.52 -10.24 15.13
N TYR B 328 37.60 -9.52 14.02
CA TYR B 328 36.99 -9.92 12.78
C TYR B 328 37.71 -11.14 12.25
N GLN B 329 36.99 -12.05 11.57
CA GLN B 329 37.54 -13.25 10.95
C GLN B 329 37.05 -13.39 9.53
N GLY B 330 36.55 -12.34 8.94
CA GLY B 330 36.19 -12.39 7.53
C GLY B 330 34.72 -12.52 7.29
N TYR B 331 34.35 -12.36 6.04
CA TYR B 331 33.01 -12.35 5.64
C TYR B 331 32.45 -13.73 5.85
N ASN B 332 31.34 -13.81 6.57
CA ASN B 332 30.58 -15.06 6.66
C ASN B 332 29.24 -14.83 6.00
N ASN B 333 29.08 -15.36 4.82
CA ASN B 333 27.81 -15.26 4.14
C ASN B 333 26.67 -16.11 4.73
N SER B 334 26.85 -16.79 5.86
CA SER B 334 25.70 -17.34 6.57
C SER B 334 25.08 -16.34 7.54
N VAL B 335 25.74 -15.22 7.78
CA VAL B 335 25.27 -14.23 8.73
C VAL B 335 24.15 -13.43 8.07
N ASP B 336 23.07 -13.25 8.81
CA ASP B 336 21.98 -12.33 8.36
C ASP B 336 22.43 -10.86 8.58
N PRO B 337 22.61 -10.08 7.50
CA PRO B 337 23.04 -8.71 7.69
C PRO B 337 21.90 -7.68 7.94
N ARG B 338 20.67 -8.18 7.98
CA ARG B 338 19.54 -7.31 7.99
C ARG B 338 19.46 -6.66 9.34
N ILE B 339 19.05 -5.39 9.32
CA ILE B 339 18.76 -4.70 10.60
C ILE B 339 17.48 -5.28 11.15
N SER B 340 17.46 -5.58 12.44
CA SER B 340 16.23 -6.06 13.06
C SER B 340 15.32 -4.92 13.47
N ASN B 341 14.03 -5.22 13.62
CA ASN B 341 13.04 -4.28 13.99
C ASN B 341 13.37 -3.75 15.43
N VAL B 342 13.74 -4.64 16.35
CA VAL B 342 14.09 -4.20 17.67
C VAL B 342 15.31 -3.22 17.74
N PHE B 343 16.28 -3.42 16.86
CA PHE B 343 17.49 -2.58 16.88
C PHE B 343 17.13 -1.13 16.59
N THR B 344 16.14 -0.93 15.73
CA THR B 344 15.73 0.42 15.43
C THR B 344 15.13 1.12 16.63
N PHE B 345 14.71 0.37 17.67
CA PHE B 345 14.30 0.97 18.94
C PHE B 345 15.46 1.05 19.92
N ALA B 346 16.30 0.04 19.92
CA ALA B 346 17.46 -0.06 20.77
C ALA B 346 18.44 1.06 20.54
N PHE B 347 18.59 1.44 19.29
CA PHE B 347 19.55 2.48 18.90
C PHE B 347 19.01 3.89 19.23
N ARG B 348 17.73 3.96 19.66
CA ARG B 348 17.14 5.24 20.19
C ARG B 348 17.54 5.59 21.61
N PHE B 349 18.45 4.81 22.18
CA PHE B 349 19.21 5.23 23.31
C PHE B 349 19.83 6.61 23.12
N GLY B 350 20.11 6.95 21.85
CA GLY B 350 20.63 8.29 21.48
C GLY B 350 19.78 9.45 21.98
N HIS B 351 18.47 9.23 22.08
CA HIS B 351 17.60 10.26 22.45
C HIS B 351 17.84 10.78 23.85
N MET B 352 18.40 9.97 24.73
CA MET B 352 18.72 10.40 26.08
C MET B 352 20.11 11.10 26.20
N GLU B 353 20.86 11.19 25.11
CA GLU B 353 22.21 11.79 25.05
C GLU B 353 22.21 13.17 24.38
N VAL B 354 21.02 13.61 24.00
CA VAL B 354 20.86 14.89 23.32
C VAL B 354 20.62 15.97 24.37
N PRO B 355 21.51 16.99 24.45
CA PRO B 355 21.36 18.04 25.47
C PRO B 355 20.46 19.17 25.00
N SER B 356 20.15 20.14 25.86
CA SER B 356 19.06 21.08 25.62
C SER B 356 19.46 22.24 24.71
N THR B 357 20.76 22.41 24.47
CA THR B 357 21.29 23.50 23.66
C THR B 357 22.36 23.11 22.71
N VAL B 358 22.60 23.98 21.73
CA VAL B 358 23.65 23.83 20.72
C VAL B 358 24.36 25.19 20.60
N SER B 359 25.72 25.17 20.56
CA SER B 359 26.48 26.46 20.61
C SER B 359 27.24 26.67 19.38
N ARG B 360 27.37 27.95 19.03
CA ARG B 360 28.32 28.36 17.96
C ARG B 360 29.52 28.96 18.69
N LEU B 361 30.71 28.51 18.36
CA LEU B 361 31.92 28.90 19.07
C LEU B 361 32.87 29.53 18.05
N ASP B 362 33.58 30.58 18.45
CA ASP B 362 34.51 31.24 17.48
C ASP B 362 35.85 30.53 17.50
N GLU B 363 36.80 31.17 16.83
CA GLU B 363 38.14 30.67 16.64
C GLU B 363 38.89 30.47 17.93
N ASN B 364 38.50 31.11 19.01
CA ASN B 364 39.08 30.83 20.29
C ASN B 364 38.19 29.90 21.11
N TYR B 365 37.21 29.25 20.47
CA TYR B 365 36.23 28.42 21.17
C TYR B 365 35.47 29.16 22.27
N GLN B 366 35.26 30.45 22.06
CA GLN B 366 34.41 31.27 22.91
C GLN B 366 33.09 31.47 22.17
N PRO B 367 32.04 31.92 22.87
CA PRO B 367 30.73 32.09 22.26
C PRO B 367 30.82 33.01 21.10
N TRP B 368 30.18 32.62 20.02
CA TRP B 368 30.28 33.28 18.78
C TRP B 368 29.04 34.10 18.67
N GLY B 369 29.19 35.41 18.89
CA GLY B 369 28.06 36.36 18.79
C GLY B 369 27.15 36.47 19.99
N PRO B 370 26.14 37.33 19.86
CA PRO B 370 25.23 37.54 20.97
C PRO B 370 24.16 36.42 21.04
N GLU B 371 23.97 35.64 19.99
CA GLU B 371 23.09 34.48 20.01
C GLU B 371 23.92 33.18 19.93
N ALA B 372 24.88 33.01 20.82
CA ALA B 372 25.88 31.98 20.61
C ALA B 372 25.22 30.64 20.91
N GLU B 373 24.58 30.58 22.07
CA GLU B 373 23.89 29.40 22.54
C GLU B 373 22.39 29.38 22.21
N LEU B 374 22.02 28.40 21.37
CA LEU B 374 20.67 28.23 20.87
C LEU B 374 19.92 27.04 21.54
N PRO B 375 18.66 27.27 21.90
CA PRO B 375 17.86 26.11 22.35
C PRO B 375 17.69 25.13 21.23
N LEU B 376 17.86 23.86 21.56
CA LEU B 376 17.71 22.76 20.58
C LEU B 376 16.42 22.84 19.77
N HIS B 377 15.34 23.21 20.42
CA HIS B 377 14.03 23.10 19.77
C HIS B 377 13.94 24.04 18.60
N THR B 378 14.78 25.08 18.58
CA THR B 378 14.74 26.04 17.52
C THR B 378 15.55 25.57 16.34
N LEU B 379 16.13 24.40 16.42
CA LEU B 379 17.06 23.94 15.40
C LEU B 379 16.53 22.81 14.56
N PHE B 380 15.31 22.34 14.87
CA PHE B 380 14.71 21.27 14.10
C PHE B 380 14.38 21.80 12.70
N PHE B 381 14.78 21.09 11.68
CA PHE B 381 14.53 21.52 10.27
C PHE B 381 15.10 22.91 10.00
N ASN B 382 16.21 23.24 10.69
CA ASN B 382 16.80 24.54 10.62
C ASN B 382 18.11 24.53 9.81
N THR B 383 17.99 25.00 8.58
CA THR B 383 19.12 25.27 7.68
C THR B 383 19.50 26.76 7.59
N TRP B 384 18.59 27.67 7.92
CA TRP B 384 18.90 29.08 7.82
C TRP B 384 19.95 29.53 8.83
N ARG B 385 19.98 28.92 10.02
CA ARG B 385 21.07 29.20 10.93
C ARG B 385 22.44 28.80 10.39
N ILE B 386 22.48 27.84 9.46
CA ILE B 386 23.73 27.49 8.82
C ILE B 386 24.03 28.54 7.72
N ILE B 387 23.15 28.61 6.73
CA ILE B 387 23.36 29.38 5.54
C ILE B 387 23.41 30.90 5.83
N LYS B 388 22.58 31.41 6.72
CA LYS B 388 22.58 32.83 6.99
C LYS B 388 23.30 33.22 8.20
N ASP B 389 23.85 32.29 8.97
CA ASP B 389 24.32 32.69 10.29
C ASP B 389 25.60 31.93 10.71
N GLY B 390 26.57 31.92 9.82
CA GLY B 390 27.98 31.60 10.21
C GLY B 390 28.59 30.38 9.54
N GLY B 391 27.78 29.67 8.75
CA GLY B 391 28.11 28.35 8.22
C GLY B 391 28.42 27.28 9.27
N ILE B 392 29.15 26.22 8.88
CA ILE B 392 29.32 25.10 9.85
C ILE B 392 30.49 25.17 10.79
N ASP B 393 31.50 26.01 10.51
CA ASP B 393 32.63 26.03 11.39
C ASP B 393 32.29 26.27 12.87
N PRO B 394 31.43 27.27 13.21
CA PRO B 394 31.16 27.46 14.63
C PRO B 394 30.38 26.28 15.29
N LEU B 395 29.60 25.58 14.47
CA LEU B 395 28.82 24.42 14.94
C LEU B 395 29.74 23.21 15.15
N VAL B 396 30.66 23.03 14.23
CA VAL B 396 31.71 22.02 14.32
C VAL B 396 32.53 22.22 15.60
N ARG B 397 32.82 23.46 16.00
CA ARG B 397 33.66 23.68 17.18
C ARG B 397 32.87 23.30 18.37
N GLY B 398 31.56 23.68 18.35
CA GLY B 398 30.68 23.20 19.41
C GLY B 398 30.59 21.70 19.54
N LEU B 399 30.53 21.00 18.43
CA LEU B 399 30.58 19.52 18.47
C LEU B 399 31.73 18.96 19.25
N LEU B 400 32.82 19.70 19.25
CA LEU B 400 34.10 19.19 19.83
C LEU B 400 34.27 19.65 21.25
N ALA B 401 33.89 20.88 21.51
CA ALA B 401 34.13 21.42 22.83
C ALA B 401 32.97 21.28 23.74
N LYS B 402 31.75 21.11 23.20
CA LYS B 402 30.62 20.82 24.11
C LYS B 402 30.44 19.34 24.38
N ASN B 403 29.66 19.03 25.41
CA ASN B 403 29.37 17.63 25.81
C ASN B 403 28.00 17.08 25.30
N SER B 404 27.93 15.76 25.12
CA SER B 404 26.65 15.06 25.02
C SER B 404 26.00 15.14 26.37
N LYS B 405 24.66 15.04 26.35
CA LYS B 405 23.94 14.74 27.58
C LYS B 405 24.26 13.31 28.06
N LEU B 406 24.20 13.11 29.37
CA LEU B 406 24.34 11.78 29.95
C LEU B 406 22.98 11.24 30.20
N MET B 407 22.74 10.02 29.79
CA MET B 407 21.53 9.34 30.31
C MET B 407 21.52 9.28 31.84
N ASN B 408 20.46 9.73 32.45
CA ASN B 408 20.31 9.67 33.88
C ASN B 408 18.97 9.03 34.16
N GLN B 409 18.87 8.17 35.17
CA GLN B 409 17.56 7.56 35.49
C GLN B 409 16.48 8.54 35.93
N ASN B 410 16.87 9.67 36.52
CA ASN B 410 15.88 10.68 36.85
C ASN B 410 15.92 11.90 35.93
N LYS B 411 16.74 11.85 34.86
CA LYS B 411 16.82 12.91 33.82
C LYS B 411 17.06 12.29 32.44
N MET B 412 16.00 11.72 31.90
CA MET B 412 16.12 10.90 30.71
C MET B 412 16.15 11.67 29.37
N VAL B 413 15.09 12.40 29.05
CA VAL B 413 15.01 13.09 27.78
C VAL B 413 14.67 14.54 27.99
N THR B 414 15.56 15.41 27.52
CA THR B 414 15.37 16.87 27.62
C THR B 414 14.00 17.32 27.04
N SER B 415 13.40 18.30 27.70
CA SER B 415 12.12 18.80 27.25
C SER B 415 12.17 19.43 25.87
N GLU B 416 13.34 19.84 25.38
CA GLU B 416 13.47 20.29 23.99
C GLU B 416 12.94 19.22 23.00
N LEU B 417 13.09 17.93 23.39
CA LEU B 417 12.58 16.79 22.62
C LEU B 417 11.32 16.22 23.15
N ARG B 418 11.11 16.32 24.47
CA ARG B 418 9.97 15.65 25.09
C ARG B 418 8.73 16.52 25.03
N ASN B 419 8.91 17.83 24.88
CA ASN B 419 7.80 18.71 24.80
C ASN B 419 7.82 19.56 23.61
N LYS B 420 8.99 19.79 23.00
CA LYS B 420 9.04 20.79 21.90
C LYS B 420 9.45 20.33 20.52
N LEU B 421 9.31 19.03 20.27
CA LEU B 421 9.69 18.50 19.00
C LEU B 421 8.80 19.07 17.90
N PHE B 422 9.41 19.43 16.80
CA PHE B 422 8.74 19.87 15.60
C PHE B 422 8.77 18.68 14.62
N GLN B 423 7.63 18.34 14.05
CA GLN B 423 7.52 17.25 13.09
C GLN B 423 7.21 17.88 11.77
N PRO B 424 7.82 17.37 10.69
CA PRO B 424 7.80 18.08 9.41
C PRO B 424 6.43 18.24 8.77
N THR B 425 5.46 17.38 9.07
CA THR B 425 4.16 17.58 8.44
C THR B 425 3.20 18.43 9.29
N HIS B 426 3.66 18.93 10.43
CA HIS B 426 2.82 19.70 11.38
C HIS B 426 3.44 21.05 11.66
N LYS B 427 2.75 21.85 12.43
CA LYS B 427 3.07 23.25 12.53
C LYS B 427 3.58 23.73 13.88
N VAL B 428 3.66 22.85 14.84
CA VAL B 428 3.98 23.22 16.22
C VAL B 428 5.26 22.55 16.74
N HIS B 429 5.96 23.29 17.62
CA HIS B 429 7.04 22.74 18.44
C HIS B 429 6.40 22.21 19.73
N GLY B 430 5.64 21.11 19.60
CA GLY B 430 4.97 20.60 20.75
C GLY B 430 4.85 19.08 20.79
N PHE B 431 5.70 18.34 20.08
CA PHE B 431 5.62 16.90 20.13
C PHE B 431 6.58 16.35 21.17
N ASP B 432 6.41 15.06 21.46
CA ASP B 432 7.16 14.40 22.54
C ASP B 432 7.82 13.17 21.91
N LEU B 433 9.11 13.25 21.58
CA LEU B 433 9.83 12.13 21.04
C LEU B 433 9.78 10.84 21.92
N ALA B 434 9.73 10.99 23.24
CA ALA B 434 9.66 9.82 24.09
C ALA B 434 8.33 9.12 23.98
N ALA B 435 7.24 9.87 24.07
CA ALA B 435 5.91 9.32 23.83
C ALA B 435 5.82 8.66 22.44
N ILE B 436 6.39 9.32 21.46
CA ILE B 436 6.36 8.82 20.10
C ILE B 436 7.12 7.49 20.01
N ASN B 437 8.26 7.41 20.68
CA ASN B 437 9.03 6.18 20.65
C ASN B 437 8.22 5.01 21.29
N LEU B 438 7.62 5.29 22.43
CA LEU B 438 6.81 4.30 23.12
C LEU B 438 5.61 3.87 22.27
N GLN B 439 4.93 4.85 21.67
CA GLN B 439 3.82 4.54 20.79
C GLN B 439 4.30 3.70 19.57
N ARG B 440 5.46 4.04 19.05
CA ARG B 440 6.05 3.37 17.92
C ARG B 440 6.45 1.91 18.15
N CYS B 441 6.98 1.63 19.34
CA CYS B 441 7.24 0.28 19.80
C CYS B 441 6.01 -0.61 19.63
N ARG B 442 4.88 -0.07 20.00
CA ARG B 442 3.59 -0.78 19.96
C ARG B 442 3.11 -0.93 18.52
N ASP B 443 3.26 0.17 17.73
CA ASP B 443 3.04 0.20 16.26
C ASP B 443 3.79 -0.96 15.58
N HIS B 444 5.04 -1.14 15.97
CA HIS B 444 5.92 -2.11 15.36
C HIS B 444 5.83 -3.52 15.96
N GLY B 445 4.94 -3.77 16.90
CA GLY B 445 4.74 -5.08 17.38
C GLY B 445 5.82 -5.62 18.26
N MET B 446 6.46 -4.71 18.99
CA MET B 446 7.51 -5.11 19.93
C MET B 446 7.07 -6.01 21.10
N PRO B 447 7.71 -7.15 21.19
CA PRO B 447 7.73 -7.88 22.40
C PRO B 447 8.22 -6.97 23.50
N GLY B 448 7.82 -7.31 24.74
CA GLY B 448 8.07 -6.51 25.86
C GLY B 448 9.45 -6.73 26.41
N TYR B 449 9.75 -5.94 27.44
CA TYR B 449 11.03 -5.92 28.13
C TYR B 449 11.56 -7.30 28.51
N ASN B 450 10.75 -8.11 29.21
CA ASN B 450 11.24 -9.43 29.64
C ASN B 450 11.51 -10.39 28.50
N SER B 451 10.75 -10.30 27.39
CA SER B 451 10.97 -11.13 26.25
C SER B 451 12.37 -10.87 25.74
N TRP B 452 12.73 -9.59 25.65
CA TRP B 452 14.09 -9.26 25.20
C TRP B 452 15.16 -9.61 26.27
N ARG B 453 14.83 -9.43 27.53
CA ARG B 453 15.77 -9.90 28.58
C ARG B 453 16.13 -11.39 28.32
N GLY B 454 15.10 -12.21 28.09
CA GLY B 454 15.29 -13.67 27.96
C GLY B 454 16.05 -13.98 26.70
N PHE B 455 15.71 -13.31 25.61
CA PHE B 455 16.42 -13.50 24.34
C PHE B 455 17.91 -13.24 24.51
N CYS B 456 18.26 -12.35 25.43
CA CYS B 456 19.63 -11.98 25.70
C CYS B 456 20.25 -12.78 26.85
N GLY B 457 19.54 -13.75 27.39
CA GLY B 457 20.06 -14.57 28.47
C GLY B 457 20.13 -13.85 29.81
N LEU B 458 19.24 -12.87 30.03
CA LEU B 458 19.26 -12.07 31.24
C LEU B 458 18.06 -12.43 32.09
N SER B 459 18.17 -12.20 33.38
CA SER B 459 17.04 -12.42 34.24
C SER B 459 15.80 -11.56 33.86
N GLN B 460 14.64 -12.14 34.14
CA GLN B 460 13.39 -11.56 33.87
C GLN B 460 12.69 -11.23 35.18
N PRO B 461 12.88 -10.01 35.72
CA PRO B 461 12.12 -9.72 36.94
C PRO B 461 10.60 -9.77 36.83
N LYS B 462 9.97 -10.26 37.88
CA LYS B 462 8.49 -10.33 37.92
C LYS B 462 7.89 -9.48 38.97
N THR B 463 8.65 -9.07 39.97
CA THR B 463 8.05 -8.34 41.06
C THR B 463 8.74 -6.98 41.19
N LEU B 464 8.20 -6.11 42.00
CA LEU B 464 8.87 -4.88 42.37
C LEU B 464 10.26 -5.13 42.84
N LYS B 465 10.42 -6.07 43.73
CA LYS B 465 11.74 -6.36 44.29
C LYS B 465 12.76 -6.74 43.25
N GLY B 466 12.41 -7.67 42.37
CA GLY B 466 13.31 -8.07 41.30
C GLY B 466 13.61 -6.88 40.34
N LEU B 467 12.64 -6.05 40.03
CA LEU B 467 12.89 -4.95 39.06
C LEU B 467 13.78 -3.89 39.72
N GLN B 468 13.56 -3.62 40.99
CA GLN B 468 14.44 -2.73 41.76
C GLN B 468 15.88 -3.14 41.70
N ALA B 469 16.12 -4.43 41.84
CA ALA B 469 17.46 -4.96 41.73
C ALA B 469 18.06 -4.82 40.36
N VAL B 470 17.28 -5.05 39.30
CA VAL B 470 17.87 -4.90 37.93
C VAL B 470 18.18 -3.43 37.58
N LEU B 471 17.33 -2.54 38.03
CA LEU B 471 17.49 -1.14 37.69
C LEU B 471 18.31 -0.41 38.73
N LYS B 472 18.52 -1.06 39.88
CA LYS B 472 19.26 -0.46 41.01
C LYS B 472 18.64 0.83 41.44
N ASN B 473 17.32 0.86 41.49
CA ASN B 473 16.62 2.08 41.78
C ASN B 473 15.18 1.72 42.11
N LYS B 474 14.80 1.98 43.37
CA LYS B 474 13.56 1.44 43.89
C LYS B 474 12.43 2.28 43.35
N VAL B 475 12.63 3.60 43.30
CA VAL B 475 11.57 4.53 42.94
C VAL B 475 11.22 4.42 41.44
N LEU B 476 12.25 4.26 40.62
CA LEU B 476 12.05 4.13 39.17
C LEU B 476 11.24 2.83 38.93
N ALA B 477 11.61 1.77 39.63
CA ALA B 477 10.97 0.50 39.46
C ALA B 477 9.54 0.54 39.95
N LYS B 478 9.35 1.22 41.07
CA LYS B 478 8.04 1.50 41.57
C LYS B 478 7.18 2.24 40.50
N LYS B 479 7.68 3.33 39.96
CA LYS B 479 6.91 4.11 39.00
C LYS B 479 6.65 3.27 37.76
N LEU B 480 7.60 2.44 37.33
CA LEU B 480 7.35 1.62 36.15
C LEU B 480 6.19 0.62 36.45
N LEU B 481 6.23 0.01 37.63
CA LEU B 481 5.16 -0.97 37.93
C LEU B 481 3.84 -0.35 38.18
N ASP B 482 3.81 0.82 38.78
CA ASP B 482 2.55 1.49 38.92
C ASP B 482 1.94 1.73 37.53
N LEU B 483 2.78 2.04 36.54
CA LEU B 483 2.25 2.27 35.22
C LEU B 483 1.98 0.99 34.42
N TYR B 484 2.90 0.05 34.53
CA TYR B 484 2.88 -1.12 33.67
C TYR B 484 2.29 -2.41 34.30
N LYS B 485 2.29 -2.47 35.64
CA LYS B 485 1.72 -3.58 36.45
C LYS B 485 2.64 -4.80 36.46
N THR B 486 3.16 -5.17 35.32
CA THR B 486 4.13 -6.29 35.28
C THR B 486 5.28 -5.88 34.40
N PRO B 487 6.52 -6.28 34.75
CA PRO B 487 7.62 -5.86 33.87
C PRO B 487 7.52 -6.45 32.46
N ASP B 488 6.64 -7.45 32.30
CA ASP B 488 6.48 -8.12 30.97
C ASP B 488 5.96 -7.11 29.98
N ASN B 489 5.19 -6.15 30.48
CA ASN B 489 4.51 -5.17 29.63
C ASN B 489 5.29 -3.88 29.42
N ILE B 490 6.43 -3.75 30.08
CA ILE B 490 7.29 -2.54 29.87
C ILE B 490 7.85 -2.48 28.41
N ASP B 491 7.53 -1.39 27.71
CA ASP B 491 7.93 -1.22 26.32
C ASP B 491 9.46 -1.23 26.23
N ILE B 492 9.99 -1.88 25.17
CA ILE B 492 11.42 -2.12 25.04
C ILE B 492 12.27 -0.83 25.06
N TRP B 493 11.83 0.19 24.34
CA TRP B 493 12.55 1.46 24.42
C TRP B 493 12.80 1.92 25.87
N ILE B 494 11.78 2.02 26.70
CA ILE B 494 11.98 2.56 28.06
C ILE B 494 12.66 1.53 28.99
N GLY B 495 12.28 0.27 28.88
CA GLY B 495 12.95 -0.75 29.71
C GLY B 495 14.44 -0.89 29.49
N GLY B 496 14.83 -0.93 28.22
CA GLY B 496 16.26 -0.95 27.88
C GLY B 496 17.02 0.27 28.33
N ASN B 497 16.44 1.45 28.15
CA ASN B 497 17.09 2.67 28.55
C ASN B 497 17.07 2.93 30.07
N ALA B 498 16.19 2.26 30.81
CA ALA B 498 16.13 2.40 32.22
C ALA B 498 17.27 1.73 32.99
N GLU B 499 17.96 0.79 32.35
CA GLU B 499 18.94 0.02 33.05
C GLU B 499 20.22 0.83 33.23
N PRO B 500 20.83 0.71 34.40
CA PRO B 500 22.13 1.27 34.54
C PRO B 500 23.12 0.78 33.52
N MET B 501 24.03 1.68 33.19
CA MET B 501 24.99 1.48 32.18
C MET B 501 26.04 0.42 32.53
N VAL B 502 26.52 -0.32 31.54
CA VAL B 502 27.58 -1.26 31.77
C VAL B 502 28.91 -0.52 31.95
N GLU B 503 29.86 -1.22 32.55
CA GLU B 503 31.17 -0.63 32.84
C GLU B 503 31.85 -0.12 31.60
N ARG B 504 32.22 1.15 31.68
CA ARG B 504 32.91 1.87 30.61
C ARG B 504 32.05 2.11 29.36
N GLY B 505 30.75 1.79 29.37
CA GLY B 505 29.90 2.04 28.17
C GLY B 505 28.81 3.08 28.50
N ARG B 506 27.86 3.25 27.57
CA ARG B 506 26.80 4.22 27.74
C ARG B 506 25.41 3.59 27.57
N VAL B 507 25.36 2.27 27.61
CA VAL B 507 24.08 1.53 27.63
C VAL B 507 24.17 0.38 28.64
N GLY B 508 23.00 -0.06 29.11
CA GLY B 508 22.92 -1.18 30.04
C GLY B 508 23.04 -2.53 29.35
N PRO B 509 22.89 -3.62 30.16
CA PRO B 509 23.07 -4.99 29.70
C PRO B 509 22.13 -5.36 28.57
N LEU B 510 20.86 -5.00 28.68
CA LEU B 510 19.94 -5.44 27.60
C LEU B 510 20.32 -4.80 26.29
N LEU B 511 20.46 -3.50 26.29
CA LEU B 511 20.80 -2.81 25.02
C LEU B 511 22.17 -3.21 24.42
N ALA B 512 23.14 -3.46 25.29
CA ALA B 512 24.41 -3.93 24.87
C ALA B 512 24.31 -5.18 24.02
N CYS B 513 23.44 -6.07 24.44
CA CYS B 513 23.21 -7.33 23.75
C CYS B 513 22.54 -7.10 22.43
N LEU B 514 21.48 -6.31 22.41
CA LEU B 514 20.72 -6.12 21.14
C LEU B 514 21.57 -5.33 20.14
N LEU B 515 22.21 -4.25 20.59
CA LEU B 515 23.07 -3.47 19.71
C LEU B 515 24.30 -4.31 19.27
N GLY B 516 24.90 -5.00 20.21
CA GLY B 516 26.19 -5.71 19.98
C GLY B 516 25.94 -6.78 18.92
N ARG B 517 24.83 -7.47 19.05
CA ARG B 517 24.48 -8.50 18.13
C ARG B 517 24.33 -7.93 16.75
N GLN B 518 23.55 -6.86 16.66
CA GLN B 518 23.33 -6.26 15.35
C GLN B 518 24.62 -5.76 14.69
N PHE B 519 25.45 -5.06 15.41
CA PHE B 519 26.66 -4.54 14.81
C PHE B 519 27.65 -5.69 14.41
N GLN B 520 27.71 -6.74 15.22
CA GLN B 520 28.45 -7.97 14.85
C GLN B 520 28.03 -8.45 13.49
N GLN B 521 26.72 -8.56 13.29
CA GLN B 521 26.17 -9.05 12.04
C GLN B 521 26.37 -8.18 10.84
N ILE B 522 26.28 -6.88 11.06
CA ILE B 522 26.50 -5.89 10.04
C ILE B 522 27.92 -6.01 9.48
N ARG B 523 28.86 -6.20 10.37
CA ARG B 523 30.23 -6.39 9.97
C ARG B 523 30.41 -7.78 9.34
N ASP B 524 30.11 -8.85 10.11
CA ASP B 524 30.37 -10.23 9.59
C ASP B 524 29.61 -10.59 8.33
N GLY B 525 28.49 -9.92 8.06
CA GLY B 525 27.59 -10.29 6.97
C GLY B 525 27.66 -9.39 5.77
N ASP B 526 28.68 -8.54 5.74
CA ASP B 526 28.83 -7.57 4.66
C ASP B 526 29.99 -8.04 3.74
N ARG B 527 29.70 -8.37 2.49
CA ARG B 527 30.76 -8.82 1.55
C ARG B 527 31.76 -7.71 1.23
N PHE B 528 31.31 -6.46 1.35
CA PHE B 528 32.16 -5.33 1.07
C PHE B 528 32.64 -4.65 2.35
N TRP B 529 32.61 -5.35 3.48
CA TRP B 529 33.26 -4.84 4.68
C TRP B 529 34.68 -4.45 4.31
N TRP B 530 35.15 -3.34 4.85
CA TRP B 530 36.43 -2.77 4.42
C TRP B 530 37.62 -3.67 4.73
N GLU B 531 37.55 -4.39 5.84
CA GLU B 531 38.56 -5.34 6.25
C GLU B 531 38.43 -6.70 5.52
N ASN B 532 37.42 -6.90 4.67
CA ASN B 532 37.28 -8.19 4.00
C ASN B 532 38.32 -8.36 2.88
N PRO B 533 39.21 -9.39 3.00
CA PRO B 533 40.26 -9.54 1.99
C PRO B 533 39.68 -9.43 0.60
N GLY B 534 40.37 -8.67 -0.26
CA GLY B 534 39.91 -8.48 -1.63
C GLY B 534 39.09 -7.24 -1.94
N VAL B 535 38.50 -6.61 -0.92
CA VAL B 535 37.67 -5.40 -1.11
C VAL B 535 38.59 -4.21 -1.43
N PHE B 536 39.58 -4.05 -0.56
CA PHE B 536 40.69 -3.14 -0.69
C PHE B 536 42.02 -3.92 -0.66
N THR B 537 43.02 -3.40 -1.35
CA THR B 537 44.35 -4.00 -1.35
C THR B 537 44.86 -3.77 0.02
N GLU B 538 45.91 -4.47 0.42
CA GLU B 538 46.45 -4.32 1.78
C GLU B 538 47.03 -2.94 2.01
N LYS B 539 47.62 -2.39 0.95
CA LYS B 539 48.17 -1.03 0.96
C LYS B 539 47.06 -0.02 1.31
N GLN B 540 45.97 -0.12 0.56
CA GLN B 540 44.76 0.66 0.83
C GLN B 540 44.30 0.50 2.28
N ARG B 541 44.16 -0.73 2.74
CA ARG B 541 43.83 -0.91 4.14
C ARG B 541 44.75 -0.20 5.09
N ASP B 542 45.99 -0.30 4.90
CA ASP B 542 46.96 0.26 5.82
C ASP B 542 46.74 1.75 6.04
N SER B 543 46.56 2.50 4.93
CA SER B 543 46.28 3.95 5.00
C SER B 543 44.91 4.24 5.69
N LEU B 544 43.89 3.43 5.37
CA LEU B 544 42.57 3.59 5.96
C LEU B 544 42.62 3.56 7.47
N GLN B 545 43.53 2.81 8.04
CA GLN B 545 43.60 2.67 9.47
C GLN B 545 43.84 3.97 10.19
N LYS B 546 44.32 4.97 9.49
CA LYS B 546 44.73 6.24 10.09
C LYS B 546 43.62 7.28 10.13
N VAL B 547 42.49 7.00 9.48
CA VAL B 547 41.41 8.01 9.41
C VAL B 547 40.97 8.38 10.79
N SER B 548 40.48 9.62 10.98
CA SER B 548 39.87 10.03 12.24
C SER B 548 38.79 11.09 11.96
N PHE B 549 37.89 11.28 12.91
CA PHE B 549 36.94 12.34 12.75
C PHE B 549 37.67 13.70 12.78
N SER B 550 38.67 13.84 13.64
CA SER B 550 39.42 15.11 13.72
C SER B 550 40.00 15.48 12.39
N ARG B 551 40.49 14.51 11.63
CA ARG B 551 41.08 14.79 10.34
C ARG B 551 40.04 15.13 9.30
N LEU B 552 38.91 14.45 9.37
CA LEU B 552 37.79 14.82 8.50
C LEU B 552 37.41 16.32 8.66
N ILE B 553 37.39 16.80 9.90
CA ILE B 553 37.10 18.22 10.16
C ILE B 553 38.22 19.12 9.61
N CYS B 554 39.50 18.72 9.87
CA CYS B 554 40.68 19.46 9.37
C CYS B 554 40.60 19.62 7.91
N ASP B 555 40.26 18.56 7.20
CA ASP B 555 40.26 18.58 5.74
C ASP B 555 39.07 19.27 5.14
N ASN B 556 37.97 19.45 5.89
CA ASN B 556 36.72 19.85 5.21
C ASN B 556 36.04 21.04 5.89
N THR B 557 36.75 21.69 6.81
CA THR B 557 36.31 22.97 7.36
C THR B 557 37.49 23.96 7.37
N HIS B 558 37.32 25.13 8.02
CA HIS B 558 38.47 26.00 8.37
C HIS B 558 38.67 26.02 9.86
N ILE B 559 38.29 24.91 10.52
CA ILE B 559 38.64 24.73 11.93
C ILE B 559 40.04 24.22 11.91
N THR B 560 40.95 24.88 12.65
CA THR B 560 42.39 24.61 12.52
C THR B 560 42.97 23.97 13.78
N LYS B 561 42.21 24.01 14.87
CA LYS B 561 42.57 23.42 16.13
C LYS B 561 41.55 22.33 16.47
N VAL B 562 42.03 21.11 16.73
CA VAL B 562 41.18 19.95 17.00
C VAL B 562 41.80 19.05 18.03
N PRO B 563 40.99 18.16 18.66
CA PRO B 563 41.60 17.23 19.58
C PRO B 563 42.05 16.02 18.81
N LEU B 564 42.87 15.21 19.45
CA LEU B 564 43.19 13.92 18.84
C LEU B 564 41.99 12.97 18.91
N HIS B 565 41.32 12.95 20.03
CA HIS B 565 40.26 11.94 20.27
C HIS B 565 38.92 12.68 20.38
N ALA B 566 38.32 12.91 19.22
CA ALA B 566 37.16 13.79 19.06
C ALA B 566 35.91 13.35 19.82
N PHE B 567 35.80 12.06 20.20
CA PHE B 567 34.63 11.57 20.92
C PHE B 567 34.74 11.72 22.39
N GLN B 568 35.95 11.85 22.91
CA GLN B 568 36.08 12.12 24.30
C GLN B 568 35.73 13.61 24.56
N ALA B 569 35.42 13.91 25.81
CA ALA B 569 35.26 15.28 26.28
C ALA B 569 36.63 15.91 26.23
N ASN B 570 36.69 17.09 25.66
CA ASN B 570 37.94 17.80 25.36
C ASN B 570 37.65 19.26 25.56
N ASN B 571 38.55 19.93 26.29
CA ASN B 571 38.38 21.30 26.68
C ASN B 571 39.50 22.11 26.07
N TYR B 572 39.14 23.25 25.47
CA TYR B 572 40.07 24.13 24.73
C TYR B 572 40.75 25.10 25.68
N PRO B 573 42.04 25.43 25.45
CA PRO B 573 43.00 24.88 24.54
C PRO B 573 43.78 23.63 25.00
N HIS B 574 43.73 23.24 26.28
CA HIS B 574 44.68 22.22 26.75
C HIS B 574 44.51 20.86 26.03
N ASP B 575 43.31 20.51 25.55
CA ASP B 575 43.13 19.23 24.79
C ASP B 575 43.19 19.35 23.26
N PHE B 576 43.65 20.48 22.78
CA PHE B 576 43.48 20.75 21.36
C PHE B 576 44.81 20.95 20.73
N VAL B 577 44.96 20.46 19.51
CA VAL B 577 46.23 20.56 18.82
C VAL B 577 45.97 21.06 17.44
N ASP B 578 47.03 21.55 16.80
CA ASP B 578 46.97 22.01 15.47
C ASP B 578 46.77 20.83 14.55
N CYS B 579 46.07 21.06 13.45
CA CYS B 579 45.74 20.02 12.46
C CYS B 579 46.92 19.30 11.79
N SER B 580 48.07 19.96 11.71
CA SER B 580 49.26 19.28 11.19
C SER B 580 49.61 18.10 12.13
N ALA B 581 49.22 18.16 13.39
CA ALA B 581 49.47 17.06 14.29
C ALA B 581 48.54 15.84 14.10
N VAL B 582 47.64 15.85 13.12
CA VAL B 582 46.73 14.71 12.95
C VAL B 582 46.97 13.97 11.63
N ASP B 583 47.01 12.63 11.68
CA ASP B 583 47.32 11.80 10.51
C ASP B 583 46.39 12.18 9.41
N LYS B 584 46.85 12.00 8.17
CA LYS B 584 46.02 12.11 7.00
C LYS B 584 45.78 10.76 6.32
N LEU B 585 44.78 10.71 5.46
CA LEU B 585 44.56 9.57 4.64
C LEU B 585 45.56 9.67 3.51
N ASP B 586 46.48 8.71 3.42
CA ASP B 586 47.45 8.63 2.33
C ASP B 586 46.85 7.91 1.15
N LEU B 587 46.58 8.63 0.07
CA LEU B 587 45.95 8.02 -1.08
C LEU B 587 46.87 7.48 -2.19
N SER B 588 48.18 7.40 -1.94
CA SER B 588 49.04 6.89 -3.05
C SER B 588 48.59 5.50 -3.50
N PRO B 589 48.21 4.63 -2.54
CA PRO B 589 47.75 3.30 -2.93
C PRO B 589 46.62 3.23 -3.90
N TRP B 590 46.01 4.33 -4.21
CA TRP B 590 44.91 4.31 -5.17
C TRP B 590 45.44 4.64 -6.53
N ALA B 591 46.72 5.00 -6.58
CA ALA B 591 47.40 5.33 -7.84
C ALA B 591 47.34 4.14 -8.81
N SER B 592 46.56 4.27 -9.86
CA SER B 592 46.23 3.14 -10.74
C SER B 592 47.33 2.74 -11.71
N ARG B 593 48.02 3.73 -12.26
CA ARG B 593 49.02 3.50 -13.28
C ARG B 593 48.45 2.87 -14.57
N GLU B 594 49.12 1.85 -15.10
CA GLU B 594 48.86 1.43 -16.49
C GLU B 594 49.55 0.09 -16.81
N ASN B 595 49.04 -0.61 -17.83
CA ASN B 595 49.71 -1.80 -18.36
C ASN B 595 49.18 -2.20 -19.74
C1 NAG C . 29.79 20.34 -11.36
C2 NAG C . 29.29 21.51 -10.51
C3 NAG C . 29.85 22.83 -11.02
C4 NAG C . 31.39 22.85 -11.11
C5 NAG C . 31.88 21.65 -11.90
C6 NAG C . 33.39 21.53 -11.62
C7 NAG C . 27.04 21.00 -9.48
C8 NAG C . 25.55 21.06 -9.61
N2 NAG C . 27.83 21.50 -10.48
O3 NAG C . 29.45 23.90 -10.20
O4 NAG C . 31.87 24.00 -11.80
O5 NAG C . 31.20 20.42 -11.58
O6 NAG C . 33.98 20.35 -12.09
O7 NAG C . 27.46 20.49 -8.45
C1 NAG C . 32.87 24.76 -11.10
C2 NAG C . 33.43 25.81 -12.08
C3 NAG C . 34.28 26.89 -11.44
C4 NAG C . 33.65 27.39 -10.14
C5 NAG C . 33.31 26.16 -9.28
C6 NAG C . 32.78 26.48 -7.86
C7 NAG C . 33.79 24.60 -14.14
C8 NAG C . 34.67 23.66 -14.92
N2 NAG C . 34.22 24.97 -12.95
O3 NAG C . 34.40 28.02 -12.30
O4 NAG C . 34.55 28.31 -9.53
O5 NAG C . 32.35 25.36 -9.96
O6 NAG C . 31.83 27.51 -7.89
O7 NAG C . 32.73 24.98 -14.62
N1 MMZ D . -22.12 -10.26 -7.98
C1A MMZ D . -22.16 -9.80 -9.24
C2 MMZ D . -21.77 -11.54 -7.99
S2 MMZ D . -21.57 -12.54 -6.68
N3 MMZ D . -21.61 -11.83 -9.27
C3A MMZ D . -21.86 -10.83 -10.06
C4 MMZ D . -21.18 -13.10 -9.76
N1 MMZ E . -22.23 -10.17 -8.17
C1A MMZ E . -21.74 -10.98 -7.20
C2 MMZ E . -22.14 -10.74 -9.37
S2 MMZ E . -22.59 -10.21 -10.88
N3 MMZ E . -21.58 -11.88 -9.12
C3A MMZ E . -21.30 -12.10 -7.83
C4 MMZ E . -21.31 -12.75 -10.24
C1 NAG F . -20.62 -34.43 -6.57
C2 NAG F . -21.58 -35.10 -7.57
C3 NAG F . -21.17 -36.50 -8.09
C4 NAG F . -19.67 -36.50 -8.45
C5 NAG F . -19.01 -35.94 -7.19
C6 NAG F . -17.50 -36.08 -7.06
C7 NAG F . -23.66 -34.05 -7.00
C8 NAG F . -24.98 -34.29 -6.34
N2 NAG F . -22.88 -35.11 -6.97
O3 NAG F . -22.01 -36.83 -9.18
O4 NAG F . -19.15 -37.78 -8.77
O5 NAG F . -19.39 -34.57 -7.14
O6 NAG F . -16.89 -35.13 -7.88
O7 NAG F . -23.38 -32.96 -7.54
C1 NAG G . -25.88 -8.99 -36.01
C2 NAG G . -26.19 -8.70 -37.48
C3 NAG G . -24.81 -8.54 -38.16
C4 NAG G . -24.22 -7.24 -37.60
C5 NAG G . -24.06 -7.49 -36.10
C6 NAG G . -23.44 -6.31 -35.35
C7 NAG G . -28.44 -9.62 -37.98
C8 NAG G . -29.32 -10.56 -38.77
N2 NAG G . -27.11 -9.61 -38.18
O3 NAG G . -24.80 -8.50 -39.57
O4 NAG G . -23.00 -6.94 -38.24
O5 NAG G . -25.29 -7.82 -35.47
O6 NAG G . -22.28 -6.90 -34.83
O7 NAG G . -28.99 -8.94 -37.13
C1 NAG H . -12.47 18.38 -19.86
C2 NAG H . -12.59 19.31 -21.06
C3 NAG H . -13.52 20.50 -20.85
C4 NAG H . -14.87 20.18 -20.19
C5 NAG H . -14.68 19.25 -18.98
C6 NAG H . -16.03 18.70 -18.49
C7 NAG H . -10.75 19.48 -22.68
C8 NAG H . -9.35 19.94 -22.95
N2 NAG H . -11.23 19.72 -21.46
O3 NAG H . -13.85 20.93 -22.14
O4 NAG H . -15.58 21.41 -19.94
O5 NAG H . -13.73 18.19 -19.18
O6 NAG H . -16.63 17.70 -19.32
O7 NAG H . -11.42 18.93 -23.56
C1 NAG I . 6.09 -20.32 -9.66
C2 NAG I . 5.09 -21.47 -9.62
C3 NAG I . 5.76 -22.83 -9.72
C4 NAG I . 6.67 -22.98 -10.95
C5 NAG I . 7.60 -21.77 -10.95
C6 NAG I . 8.43 -21.64 -12.23
C7 NAG I . 2.94 -21.04 -8.50
C8 NAG I . 2.19 -20.93 -7.22
N2 NAG I . 4.25 -21.36 -8.41
O3 NAG I . 4.80 -23.83 -9.68
O4 NAG I . 7.43 -24.20 -10.90
O5 NAG I . 6.94 -20.52 -10.75
O6 NAG I . 9.29 -20.53 -12.02
O7 NAG I . 2.34 -20.77 -9.56
CHA HEM J . -24.63 -7.84 -9.01
CHB HEM J . -25.27 -12.47 -9.85
CHC HEM J . -24.65 -11.66 -14.57
CHD HEM J . -23.76 -7.06 -13.67
C1A HEM J . -24.95 -9.15 -8.85
C2A HEM J . -25.14 -9.73 -7.59
C3A HEM J . -25.28 -11.07 -7.79
C4A HEM J . -25.24 -11.27 -9.19
CMA HEM J . -25.62 -12.07 -6.67
CAA HEM J . -25.22 -9.03 -6.22
CBA HEM J . -26.63 -8.52 -6.05
CGA HEM J . -26.84 -7.67 -4.80
O1A HEM J . -26.64 -8.13 -3.63
O2A HEM J . -27.19 -6.45 -4.91
C1B HEM J . -25.05 -12.65 -11.20
C2B HEM J . -25.08 -13.93 -11.84
C3B HEM J . -24.95 -13.74 -13.19
C4B HEM J . -24.85 -12.28 -13.35
CMB HEM J . -25.30 -15.21 -11.16
CAB HEM J . -24.91 -14.70 -14.29
CBB HEM J . -25.24 -15.97 -14.19
C1C HEM J . -24.39 -10.35 -14.78
C2C HEM J . -24.17 -9.72 -16.00
C3C HEM J . -23.92 -8.39 -15.73
C4C HEM J . -23.95 -8.24 -14.33
CMC HEM J . -24.19 -10.41 -17.34
CAC HEM J . -23.62 -7.35 -16.69
CBC HEM J . -23.60 -7.48 -18.03
C1D HEM J . -23.87 -6.94 -12.28
C2D HEM J . -23.49 -5.70 -11.60
C3D HEM J . -23.74 -5.90 -10.33
C4D HEM J . -24.23 -7.28 -10.23
CMD HEM J . -23.04 -4.36 -12.14
CAD HEM J . -23.51 -4.85 -9.27
CBD HEM J . -22.09 -5.02 -8.77
CGD HEM J . -21.66 -4.05 -7.66
O1D HEM J . -21.24 -2.86 -7.95
O2D HEM J . -21.66 -4.43 -6.47
NA HEM J . -25.06 -10.10 -9.86
NB HEM J . -25.01 -11.75 -12.16
NC HEM J . -24.37 -9.44 -13.79
ND HEM J . -24.40 -7.84 -11.41
FE HEM J . -24.78 -9.73 -11.78
CA CA K . -10.97 -1.81 -12.34
N NO3 L . -26.20 8.26 -8.36
O1 NO3 L . -25.25 8.15 -9.05
O2 NO3 L . -26.70 9.46 -8.03
O3 NO3 L . -26.92 7.16 -7.92
N NO3 M . -23.28 -32.77 -1.48
O1 NO3 M . -22.76 -32.01 -0.70
O2 NO3 M . -24.46 -32.32 -2.07
O3 NO3 M . -22.74 -34.06 -1.82
N NO3 N . -28.70 -21.97 -27.45
O1 NO3 N . -28.13 -20.98 -27.89
O2 NO3 N . -29.17 -22.91 -28.38
O3 NO3 N . -28.94 -22.22 -26.07
N NO3 O . -10.82 0.69 -28.60
O1 NO3 O . -11.56 1.11 -29.50
O2 NO3 O . -10.48 1.41 -27.48
O3 NO3 O . -10.29 -0.58 -28.74
N NO3 P . -42.61 -13.09 -26.17
O1 NO3 P . -42.98 -14.06 -26.83
O2 NO3 P . -43.37 -11.90 -26.08
O3 NO3 P . -41.39 -13.18 -25.48
C1 GOL Q . -41.45 4.43 2.21
O1 GOL Q . -40.32 4.46 3.07
C2 GOL Q . -42.50 3.36 2.60
O2 GOL Q . -42.04 2.22 3.40
C3 GOL Q . -42.93 2.88 1.25
O3 GOL Q . -43.91 1.87 1.44
C1 GOL R . -40.88 10.16 3.23
O1 GOL R . -40.73 9.93 4.63
C2 GOL R . -42.21 10.90 3.13
O2 GOL R . -41.87 12.29 3.00
C3 GOL R . -43.16 10.82 4.31
O3 GOL R . -43.84 9.60 4.54
C1 GOL S . -30.66 1.18 10.60
O1 GOL S . -29.55 1.93 10.20
C2 GOL S . -31.29 0.79 9.29
O2 GOL S . -30.33 0.28 8.37
C3 GOL S . -32.01 1.95 8.69
O3 GOL S . -31.07 2.95 8.18
C1 GOL T . -29.34 -12.18 0.16
O1 GOL T . -30.16 -11.41 -0.69
C2 GOL T . -28.04 -11.43 0.46
O2 GOL T . -28.15 -9.98 0.82
C3 GOL T . -27.48 -12.31 1.60
O3 GOL T . -26.07 -12.17 1.81
N1 MMZ U . 14.69 10.42 12.73
C1A MMZ U . 14.00 11.21 11.87
C2 MMZ U . 15.79 11.04 13.14
S2 MMZ U . 17.01 10.64 14.21
N3 MMZ U . 15.76 12.18 12.55
C3A MMZ U . 14.72 12.36 11.77
C4 MMZ U . 16.87 13.04 12.84
C1 NAG V . 36.97 8.63 29.29
C2 NAG V . 38.14 8.36 30.28
C3 NAG V . 39.14 7.28 29.79
C4 NAG V . 38.87 6.59 28.44
C5 NAG V . 37.84 7.33 27.62
C6 NAG V . 37.35 6.51 26.45
C7 NAG V . 38.32 10.45 31.66
C8 NAG V . 38.85 11.86 31.72
N2 NAG V . 38.63 9.73 30.54
O3 NAG V . 39.00 6.18 30.66
O4 NAG V . 40.05 6.33 27.67
O5 NAG V . 36.73 7.53 28.47
O6 NAG V . 37.34 7.39 25.37
O7 NAG V . 37.67 10.03 32.63
C1 NAG W . 14.35 34.63 10.16
C2 NAG W . 14.69 35.26 11.50
C3 NAG W . 15.40 36.62 11.37
C4 NAG W . 16.48 36.66 10.28
C5 NAG W . 15.92 36.00 9.02
C6 NAG W . 16.92 35.97 7.84
C7 NAG W . 13.19 34.31 13.12
C8 NAG W . 11.99 34.54 14.04
N2 NAG W . 13.53 35.34 12.35
O3 NAG W . 16.05 37.01 12.56
O4 NAG W . 16.70 38.04 10.04
O5 NAG W . 15.54 34.69 9.40
O6 NAG W . 18.18 35.47 8.34
O7 NAG W . 13.84 33.26 13.17
C1 NAG X . 28.77 -18.53 9.82
C2 NAG X . 29.73 -19.35 10.68
C3 NAG X . 29.04 -20.60 11.22
C4 NAG X . 27.79 -20.23 12.03
C5 NAG X . 26.90 -19.20 11.31
C6 NAG X . 25.82 -18.54 12.21
C7 NAG X . 32.12 -19.27 10.11
C8 NAG X . 33.18 -19.71 9.13
N2 NAG X . 30.88 -19.69 9.85
O3 NAG X . 29.93 -21.33 12.03
O4 NAG X . 27.10 -21.44 12.31
O5 NAG X . 27.62 -18.18 10.60
O6 NAG X . 26.32 -17.61 13.16
O7 NAG X . 32.42 -18.57 11.08
CHA HEM Y . 13.98 7.88 15.18
CHB HEM Y . 14.46 12.60 16.14
CHC HEM Y . 18.90 11.81 17.77
CHD HEM Y . 18.48 7.20 16.67
C1A HEM Y . 13.70 9.23 15.36
C2A HEM Y . 12.49 9.86 14.98
C3A HEM Y . 12.63 11.20 15.24
C4A HEM Y . 13.91 11.37 15.79
CMA HEM Y . 11.57 12.29 15.00
CAA HEM Y . 11.23 9.23 14.40
CBA HEM Y . 10.41 8.77 15.57
CGA HEM Y . 9.17 7.99 15.18
O1A HEM Y . 8.27 8.51 14.44
O2A HEM Y . 9.07 6.80 15.56
C1B HEM Y . 15.76 12.78 16.59
C2B HEM Y . 16.35 14.06 16.89
C3B HEM Y . 17.61 13.85 17.37
C4B HEM Y . 17.76 12.40 17.37
CMB HEM Y . 15.70 15.40 16.72
CAB HEM Y . 18.65 14.80 17.83
CBB HEM Y . 18.38 16.07 18.17
C1C HEM Y . 19.22 10.48 17.63
C2C HEM Y . 20.40 9.84 18.09
C3C HEM Y . 20.29 8.49 17.77
C4C HEM Y . 19.00 8.35 17.17
CMC HEM Y . 21.53 10.54 18.79
CAC HEM Y . 21.27 7.36 17.99
CBC HEM Y . 22.38 7.40 18.71
C1D HEM Y . 17.24 7.07 16.12
C2D HEM Y . 16.85 5.80 15.52
C3D HEM Y . 15.57 5.98 15.09
C4D HEM Y . 15.24 7.37 15.44
CMD HEM Y . 17.62 4.47 15.42
CAD HEM Y . 14.70 4.97 14.38
CBD HEM Y . 14.94 5.10 12.88
CGD HEM Y . 14.11 4.10 12.03
O1D HEM Y . 14.57 2.95 11.77
O2D HEM Y . 12.98 4.42 11.56
NA HEM Y . 14.52 10.18 15.97
NB HEM Y . 16.57 11.87 17.04
NC HEM Y . 18.34 9.57 17.24
ND HEM Y . 16.18 7.94 16.14
FE HEM Y . 16.36 9.81 16.65
CA CA Z . 23.27 1.81 4.86
N NO3 AA . 12.42 -7.99 16.39
O1 NO3 AA . 11.81 -6.95 16.55
O2 NO3 AA . 11.91 -9.27 16.69
O3 NO3 AA . 13.68 -7.90 15.88
N NO3 BA . 4.66 20.22 29.53
O1 NO3 BA . 4.98 21.38 29.36
O2 NO3 BA . 5.21 19.48 30.57
O3 NO3 BA . 3.79 19.63 28.65
N NO3 CA . 37.82 9.43 18.87
O1 NO3 CA . 37.32 10.15 18.02
O2 NO3 CA . 38.48 8.28 18.41
O3 NO3 CA . 37.75 9.73 20.25
N NO3 DA . 28.38 22.03 27.67
O1 NO3 DA . 27.34 22.27 27.07
O2 NO3 DA . 29.25 20.99 27.27
O3 NO3 DA . 28.75 22.90 28.69
N1 MMZ EA . 14.42 10.48 12.22
C1A MMZ EA . 15.47 9.93 12.87
C2 MMZ EA . 14.65 11.77 12.00
S2 MMZ EA . 13.64 12.82 11.19
N3 MMZ EA . 15.84 12.00 12.53
C3A MMZ EA . 16.35 10.94 13.08
C4 MMZ EA . 16.56 13.23 12.56
C1 GOL FA . -5.73 -1.10 10.93
O1 GOL FA . -5.50 -0.22 9.85
C2 GOL FA . -5.33 -0.41 12.26
O2 GOL FA . -4.05 0.24 12.22
C3 GOL FA . -5.28 -1.42 13.36
O3 GOL FA . -4.28 -2.42 13.07
C1 GOL GA . -4.60 -3.87 24.76
O1 GOL GA . -4.03 -3.86 23.44
C2 GOL GA . -4.44 -2.44 25.31
O2 GOL GA . -5.45 -1.52 24.80
C3 GOL GA . -4.27 -2.43 26.80
O3 GOL GA . -4.12 -1.12 27.32
C1 GOL HA . -7.55 -10.00 24.89
O1 GOL HA . -7.77 -8.90 25.69
C2 GOL HA . -6.07 -10.21 24.72
O2 GOL HA . -5.69 -11.57 24.57
C3 GOL HA . -5.62 -9.41 23.53
O3 GOL HA . -4.24 -9.34 23.71
C1 GOL IA . 34.40 -10.39 -2.55
O1 GOL IA . 34.64 -11.71 -2.01
C2 GOL IA . 35.38 -9.37 -1.98
O2 GOL IA . 36.46 -10.04 -1.25
C3 GOL IA . 35.86 -8.50 -3.16
O3 GOL IA . 34.77 -8.02 -3.99
#